data_8SAP
#
_entry.id   8SAP
#
_cell.length_a   55.296
_cell.length_b   230.230
_cell.length_c   84.383
_cell.angle_alpha   90.000
_cell.angle_beta   100.617
_cell.angle_gamma   90.000
#
_symmetry.space_group_name_H-M   'P 1 21 1'
#
loop_
_entity.id
_entity.type
_entity.pdbx_description
1 polymer 'Class III lanthionine synthetase LanKC'
2 water water
#
_entity_poly.entity_id   1
_entity_poly.type   'polypeptide(L)'
_entity_poly.pdbx_seq_one_letter_code
;SNAMEGNMLYHRYLKPNSEYYKKIEVRGKDNIYELNDIPDTYAVFLDNESVWKHYHVKGSTLPEQGWKIHVTSSLEDSKD
VLDKVARLCIDKKIEFKHLKDKDSFMKMNSKNANRASSGKFITIYPTNNEVFVELLEMISLAIQDFKKGPYILNDKRWKN
SNVFYRYGGFKGIFNEHGEHCIRDKEGNLIKDQRNPFYQVPDFVKDFDDYLNTINNSGELENKGESRLGKYKIETALSFS
NAGGVYLATRKKDNLKVIIKEARPSAGLDGAAQDALARQKIEYDALKKLKDVSGVVNLIEYFQEWEHYFLVEEFIEGRDL
RQWIAQEFPFFEDNNGMSNHIKDVKMILLQLLDLIDSMHNQGVAMGDLQPANIMVTEDLTVRIIDFETAMPVNSDDRPAM
LTTGFVSHEMKVSGARDWFGFKRLVRYLALPVLTSEDLEGYLQYNHLNWIKENYGYEFYSFIVDLQEKCDKRIKDYQTFI
PKEINLNDQTSDFNLTSIINKLIIGVESSLTNDERFINGDIRQFEMNGGKFNFLTGGSGAAFTLTKNKSSIAEVDKWIQS
VLLDNLPLIEEDGLFTGKTGILALLYDKGYKEVVLNELKILKDNINQTDISIRSGLSGIGLFVISLYLETENKEYLKLAK
DLERMIKLNRAKDKQLKVKDWMAVDIGVIDGLSGVSLFYSALYSVTQNQKYLEEAEVLIKEDLESTKKDDVTGVLQTVDN
KNRLLPYLSGGSIGVAISIWFLNHVSGQDLYREEMNSILKLSKTRCTISGGLFDGAGSFLLIPSMVKNDKNREVILNEVL
NLLNIFLIEKNSYYVYPGQFSYRLADDVYTGSSGIILALMGVIKGNPLYWLPLVNSDEFLARTKVKDLSVTSGKI
;
_entity_poly.pdbx_strand_id   A,B
#
# COMPACT_ATOMS: atom_id res chain seq x y z
N ASN A 7 21.34 -12.06 -24.85
CA ASN A 7 19.95 -11.69 -25.27
C ASN A 7 19.25 -12.87 -25.92
N MET A 8 19.99 -13.65 -26.73
CA MET A 8 19.42 -14.85 -27.33
C MET A 8 19.33 -15.95 -26.28
N LEU A 9 19.95 -15.72 -25.13
CA LEU A 9 19.93 -16.64 -24.01
C LEU A 9 18.52 -16.80 -23.44
N TYR A 10 17.66 -15.79 -23.68
CA TYR A 10 16.36 -15.78 -23.03
C TYR A 10 15.53 -17.01 -23.41
N HIS A 11 15.68 -17.45 -24.67
CA HIS A 11 14.87 -18.54 -25.21
C HIS A 11 15.06 -19.81 -24.40
N ARG A 12 16.23 -19.95 -23.76
CA ARG A 12 16.56 -21.14 -23.01
C ARG A 12 15.78 -21.17 -21.69
N TYR A 13 15.05 -20.08 -21.40
CA TYR A 13 14.41 -19.92 -20.10
C TYR A 13 12.91 -19.72 -20.24
N LEU A 14 12.34 -20.16 -21.37
CA LEU A 14 10.90 -20.03 -21.57
C LEU A 14 10.21 -21.36 -21.31
N LYS A 15 10.46 -21.96 -20.14
CA LYS A 15 9.81 -23.20 -19.78
C LYS A 15 8.29 -23.02 -19.91
N PRO A 16 7.59 -23.95 -20.58
CA PRO A 16 6.13 -23.84 -20.73
C PRO A 16 5.36 -23.83 -19.40
N ASN A 17 4.30 -23.01 -19.38
CA ASN A 17 3.34 -22.93 -18.28
C ASN A 17 4.01 -22.38 -17.04
N SER A 18 4.67 -21.25 -17.23
CA SER A 18 5.26 -20.47 -16.16
C SER A 18 5.25 -19.00 -16.59
N GLU A 19 5.07 -18.11 -15.61
CA GLU A 19 5.11 -16.68 -15.86
C GLU A 19 6.51 -16.15 -15.58
N TYR A 20 7.42 -17.06 -15.18
CA TYR A 20 8.75 -16.70 -14.71
C TYR A 20 9.81 -17.29 -15.63
N TYR A 21 11.03 -16.73 -15.58
CA TYR A 21 12.16 -17.30 -16.30
C TYR A 21 12.67 -18.53 -15.56
N LYS A 22 12.53 -19.69 -16.22
CA LYS A 22 12.95 -20.97 -15.68
C LYS A 22 13.54 -21.80 -16.80
N LYS A 23 14.62 -22.52 -16.49
CA LYS A 23 15.35 -23.34 -17.44
C LYS A 23 14.44 -24.47 -17.92
N ILE A 24 14.40 -24.65 -19.24
CA ILE A 24 13.68 -25.73 -19.91
C ILE A 24 14.25 -27.10 -19.48
N ILE A 32 25.76 -38.85 -25.93
CA ILE A 32 27.21 -38.55 -25.69
C ILE A 32 28.06 -39.46 -26.58
N TYR A 33 29.24 -38.96 -26.99
CA TYR A 33 30.13 -39.67 -27.88
C TYR A 33 31.27 -40.34 -27.11
N GLU A 34 30.91 -41.26 -26.21
CA GLU A 34 31.88 -42.09 -25.52
C GLU A 34 32.26 -43.26 -26.43
N LEU A 35 33.47 -43.78 -26.23
CA LEU A 35 34.01 -44.86 -27.04
C LEU A 35 33.72 -46.21 -26.36
N ASN A 36 34.01 -47.30 -27.09
CA ASN A 36 33.84 -48.65 -26.58
C ASN A 36 35.22 -49.21 -26.20
N ASP A 37 35.39 -49.54 -24.91
CA ASP A 37 36.56 -50.21 -24.36
C ASP A 37 37.83 -49.37 -24.56
N ILE A 38 38.22 -48.61 -23.52
CA ILE A 38 39.36 -47.72 -23.57
C ILE A 38 40.56 -48.41 -22.94
N PRO A 39 41.75 -48.40 -23.60
CA PRO A 39 42.99 -48.85 -22.97
C PRO A 39 43.49 -47.85 -21.92
N ASP A 40 44.08 -48.39 -20.83
CA ASP A 40 44.42 -47.62 -19.65
C ASP A 40 45.61 -46.68 -19.92
N THR A 41 46.12 -46.72 -21.15
CA THR A 41 47.26 -45.90 -21.55
C THR A 41 46.80 -44.48 -21.88
N TYR A 42 45.50 -44.21 -21.70
CA TYR A 42 44.90 -42.93 -22.07
C TYR A 42 44.27 -42.24 -20.87
N ALA A 43 44.46 -40.92 -20.80
CA ALA A 43 43.78 -40.08 -19.82
C ALA A 43 42.68 -39.28 -20.52
N VAL A 44 41.45 -39.43 -20.00
CA VAL A 44 40.24 -38.88 -20.60
C VAL A 44 39.82 -37.63 -19.81
N PHE A 45 39.68 -36.51 -20.52
CA PHE A 45 39.17 -35.27 -19.96
C PHE A 45 37.91 -34.83 -20.71
N LEU A 46 36.83 -34.66 -19.94
CA LEU A 46 35.53 -34.25 -20.43
C LEU A 46 35.43 -32.72 -20.34
N ASP A 47 34.20 -32.22 -20.15
CA ASP A 47 33.91 -30.81 -20.32
C ASP A 47 32.49 -30.50 -19.87
N ASN A 48 32.38 -29.70 -18.80
CA ASN A 48 31.18 -28.98 -18.43
C ASN A 48 31.39 -27.51 -18.80
N GLU A 49 32.33 -27.29 -19.73
CA GLU A 49 32.89 -25.99 -20.06
C GLU A 49 33.19 -25.94 -21.56
N SER A 50 34.05 -26.86 -22.00
CA SER A 50 34.56 -26.88 -23.36
C SER A 50 33.63 -27.68 -24.26
N VAL A 51 33.78 -27.52 -25.58
CA VAL A 51 33.11 -28.40 -26.52
C VAL A 51 33.95 -29.65 -26.75
N TRP A 52 35.22 -29.59 -26.34
CA TRP A 52 36.21 -30.64 -26.61
C TRP A 52 36.25 -31.70 -25.51
N LYS A 53 36.40 -32.96 -25.94
CA LYS A 53 36.65 -34.09 -25.06
C LYS A 53 38.08 -34.55 -25.35
N HIS A 54 38.99 -34.25 -24.42
CA HIS A 54 40.42 -34.38 -24.65
C HIS A 54 40.87 -35.83 -24.51
N TYR A 55 41.78 -36.24 -25.39
CA TYR A 55 42.43 -37.54 -25.30
C TYR A 55 43.94 -37.36 -25.25
N HIS A 56 44.50 -37.51 -24.05
CA HIS A 56 45.94 -37.50 -23.86
C HIS A 56 46.47 -38.93 -23.91
N VAL A 57 47.58 -39.10 -24.64
CA VAL A 57 48.09 -40.41 -25.04
C VAL A 57 49.36 -40.70 -24.24
N LYS A 58 49.42 -41.88 -23.62
CA LYS A 58 50.61 -42.34 -22.93
C LYS A 58 50.95 -41.33 -21.84
N GLY A 59 52.21 -40.90 -21.76
CA GLY A 59 52.62 -39.98 -20.71
C GLY A 59 53.24 -38.70 -21.27
N SER A 60 53.88 -38.83 -22.44
CA SER A 60 54.63 -37.74 -23.04
C SER A 60 53.68 -36.74 -23.68
N THR A 61 54.06 -35.46 -23.62
CA THR A 61 53.35 -34.37 -24.29
C THR A 61 53.86 -34.22 -25.73
N LEU A 62 53.24 -33.30 -26.49
CA LEU A 62 53.40 -33.25 -27.94
C LEU A 62 54.06 -31.95 -28.39
N PRO A 63 54.50 -31.82 -29.66
CA PRO A 63 55.06 -30.57 -30.18
C PRO A 63 54.03 -29.44 -30.16
N GLU A 64 54.54 -28.21 -30.00
CA GLU A 64 53.74 -27.01 -29.82
C GLU A 64 52.95 -26.66 -31.09
N GLN A 65 53.43 -27.14 -32.23
CA GLN A 65 52.89 -26.82 -33.55
C GLN A 65 53.36 -27.87 -34.55
N GLY A 66 52.41 -28.46 -35.28
CA GLY A 66 52.71 -29.40 -36.34
C GLY A 66 51.52 -29.58 -37.28
N TRP A 67 51.62 -30.54 -38.21
CA TRP A 67 50.53 -30.85 -39.11
C TRP A 67 49.50 -31.71 -38.37
N LYS A 68 48.24 -31.28 -38.47
CA LYS A 68 47.12 -31.92 -37.81
C LYS A 68 46.09 -32.40 -38.85
N ILE A 69 45.41 -33.49 -38.48
CA ILE A 69 44.38 -34.09 -39.32
C ILE A 69 43.02 -33.76 -38.71
N HIS A 70 42.07 -33.35 -39.56
CA HIS A 70 40.69 -33.17 -39.16
C HIS A 70 39.80 -34.20 -39.86
N VAL A 71 38.86 -34.75 -39.10
CA VAL A 71 37.86 -35.66 -39.64
C VAL A 71 36.49 -35.01 -39.45
N THR A 72 35.77 -34.78 -40.55
CA THR A 72 34.42 -34.25 -40.48
C THR A 72 33.43 -35.40 -40.69
N SER A 73 32.14 -35.13 -40.40
CA SER A 73 31.13 -36.16 -40.50
C SER A 73 29.75 -35.54 -40.66
N SER A 74 28.93 -36.19 -41.49
CA SER A 74 27.53 -35.85 -41.65
C SER A 74 26.75 -36.33 -40.42
N LEU A 75 25.42 -36.14 -40.44
CA LEU A 75 24.60 -36.39 -39.27
C LEU A 75 24.09 -37.83 -39.27
N GLU A 76 23.55 -38.27 -40.42
CA GLU A 76 22.77 -39.51 -40.52
C GLU A 76 23.38 -40.61 -39.66
N ASP A 77 24.66 -40.93 -39.92
CA ASP A 77 25.46 -41.71 -38.99
C ASP A 77 26.77 -40.99 -38.72
N SER A 78 26.83 -40.34 -37.55
CA SER A 78 28.00 -39.66 -37.03
C SER A 78 28.69 -40.54 -35.99
N LYS A 79 27.94 -41.52 -35.46
CA LYS A 79 28.43 -42.42 -34.43
C LYS A 79 29.38 -43.46 -35.03
N ASP A 80 29.18 -43.79 -36.31
CA ASP A 80 29.92 -44.83 -37.01
C ASP A 80 31.27 -44.30 -37.49
N VAL A 81 31.49 -42.97 -37.41
CA VAL A 81 32.73 -42.34 -37.84
C VAL A 81 33.65 -42.12 -36.64
N LEU A 82 33.08 -42.09 -35.42
CA LEU A 82 33.87 -42.00 -34.20
C LEU A 82 34.22 -43.40 -33.69
N ASP A 83 33.37 -44.39 -34.00
CA ASP A 83 33.58 -45.77 -33.62
C ASP A 83 34.77 -46.37 -34.37
N LYS A 84 35.21 -45.71 -35.45
CA LYS A 84 36.21 -46.28 -36.34
C LYS A 84 37.53 -45.49 -36.25
N VAL A 85 37.45 -44.16 -36.32
CA VAL A 85 38.63 -43.32 -36.46
C VAL A 85 39.41 -43.27 -35.15
N ALA A 86 38.68 -43.25 -34.03
CA ALA A 86 39.28 -43.12 -32.72
C ALA A 86 40.08 -44.37 -32.36
N ARG A 87 39.73 -45.51 -32.99
CA ARG A 87 40.31 -46.80 -32.68
C ARG A 87 41.64 -46.99 -33.42
N LEU A 88 41.78 -46.31 -34.58
CA LEU A 88 43.06 -46.29 -35.26
C LEU A 88 43.96 -45.24 -34.63
N CYS A 89 43.35 -44.23 -34.00
CA CYS A 89 44.04 -43.26 -33.18
C CYS A 89 44.58 -43.93 -31.90
N ILE A 90 44.20 -45.19 -31.68
CA ILE A 90 44.63 -45.97 -30.52
C ILE A 90 45.44 -47.18 -30.96
N ASP A 91 45.20 -47.68 -32.19
CA ASP A 91 46.01 -48.72 -32.80
C ASP A 91 47.45 -48.25 -33.02
N LYS A 92 47.59 -46.99 -33.47
CA LYS A 92 48.89 -46.37 -33.69
C LYS A 92 49.29 -45.54 -32.48
N LYS A 93 48.33 -45.28 -31.59
CA LYS A 93 48.52 -44.54 -30.34
C LYS A 93 48.86 -43.08 -30.63
N ILE A 94 47.92 -42.41 -31.30
CA ILE A 94 48.00 -41.01 -31.68
C ILE A 94 47.10 -40.19 -30.73
N GLU A 95 47.44 -38.91 -30.56
CA GLU A 95 46.69 -38.00 -29.69
C GLU A 95 45.59 -37.30 -30.50
N PHE A 96 44.39 -37.22 -29.92
CA PHE A 96 43.23 -36.66 -30.60
C PHE A 96 42.25 -36.03 -29.61
N LYS A 97 41.26 -35.31 -30.16
CA LYS A 97 40.14 -34.76 -29.40
C LYS A 97 38.91 -34.67 -30.29
N HIS A 98 37.72 -34.73 -29.67
CA HIS A 98 36.46 -34.72 -30.40
C HIS A 98 35.40 -33.96 -29.59
N LEU A 99 34.34 -33.54 -30.29
CA LEU A 99 33.20 -32.87 -29.66
C LEU A 99 32.57 -33.81 -28.63
N LYS A 100 32.06 -33.22 -27.55
CA LYS A 100 31.50 -33.96 -26.42
C LYS A 100 30.30 -34.81 -26.83
N ASP A 101 29.23 -34.15 -27.29
CA ASP A 101 27.93 -34.78 -27.46
C ASP A 101 27.32 -34.34 -28.79
N LYS A 102 26.22 -35.00 -29.19
CA LYS A 102 25.47 -34.65 -30.38
C LYS A 102 25.07 -33.18 -30.34
N ASP A 103 24.71 -32.71 -29.14
CA ASP A 103 24.34 -31.33 -28.89
C ASP A 103 25.47 -30.36 -29.26
N SER A 104 26.70 -30.72 -28.90
CA SER A 104 27.84 -29.87 -29.16
C SER A 104 28.18 -29.90 -30.65
N PHE A 105 27.93 -31.06 -31.27
CA PHE A 105 28.05 -31.22 -32.72
C PHE A 105 27.18 -30.17 -33.41
N MET A 106 25.93 -30.02 -32.95
CA MET A 106 24.97 -29.10 -33.56
C MET A 106 25.45 -27.65 -33.47
N LYS A 107 25.98 -27.25 -32.32
CA LYS A 107 26.41 -25.87 -32.11
C LYS A 107 27.53 -25.50 -33.09
N MET A 108 28.34 -26.50 -33.46
CA MET A 108 29.49 -26.25 -34.31
C MET A 108 29.12 -26.39 -35.78
N ASN A 109 27.96 -27.00 -36.06
CA ASN A 109 27.60 -27.40 -37.41
C ASN A 109 26.19 -26.96 -37.78
N SER A 110 25.66 -25.96 -37.07
CA SER A 110 24.34 -25.43 -37.38
C SER A 110 24.50 -24.29 -38.39
N LYS A 111 23.37 -23.77 -38.88
CA LYS A 111 23.38 -22.54 -39.66
C LYS A 111 24.12 -21.47 -38.87
N ASN A 112 23.87 -21.43 -37.56
CA ASN A 112 24.34 -20.36 -36.70
C ASN A 112 25.86 -20.42 -36.54
N ALA A 113 26.46 -21.61 -36.74
CA ALA A 113 27.81 -21.91 -36.29
C ALA A 113 28.86 -21.00 -36.92
N ASN A 114 30.04 -20.96 -36.27
CA ASN A 114 31.15 -20.15 -36.70
C ASN A 114 31.96 -20.90 -37.76
N ARG A 115 32.03 -20.34 -38.96
CA ARG A 115 32.60 -21.03 -40.11
C ARG A 115 34.04 -21.43 -39.83
N ALA A 116 34.73 -20.59 -39.05
CA ALA A 116 36.18 -20.66 -38.86
C ALA A 116 36.62 -22.05 -38.42
N SER A 117 35.80 -22.67 -37.55
CA SER A 117 36.09 -23.98 -37.00
C SER A 117 34.87 -24.90 -37.11
N SER A 118 33.99 -24.58 -38.06
CA SER A 118 32.84 -25.42 -38.36
C SER A 118 33.30 -26.64 -39.16
N GLY A 119 32.59 -27.76 -38.98
CA GLY A 119 32.90 -29.02 -39.64
C GLY A 119 33.80 -29.92 -38.80
N LYS A 120 34.64 -29.29 -37.98
CA LYS A 120 35.70 -29.94 -37.21
C LYS A 120 35.06 -30.79 -36.12
N PHE A 121 35.09 -32.11 -36.33
CA PHE A 121 34.50 -33.08 -35.41
C PHE A 121 35.59 -33.75 -34.57
N ILE A 122 36.61 -34.28 -35.25
CA ILE A 122 37.76 -34.91 -34.62
C ILE A 122 39.01 -34.17 -35.09
N THR A 123 39.88 -33.82 -34.13
CA THR A 123 41.19 -33.24 -34.41
C THR A 123 42.24 -34.25 -33.97
N ILE A 124 43.09 -34.69 -34.90
CA ILE A 124 44.15 -35.66 -34.64
C ILE A 124 45.48 -34.91 -34.62
N TYR A 125 46.40 -35.37 -33.75
CA TYR A 125 47.68 -34.72 -33.58
C TYR A 125 48.81 -35.72 -33.85
N PRO A 126 49.23 -35.94 -35.12
CA PRO A 126 50.48 -36.64 -35.40
C PRO A 126 51.65 -35.70 -35.12
N THR A 127 52.76 -36.25 -34.61
CA THR A 127 53.84 -35.41 -34.07
C THR A 127 54.31 -34.40 -35.12
N ASN A 128 54.93 -34.89 -36.19
CA ASN A 128 55.33 -34.02 -37.30
C ASN A 128 55.54 -34.84 -38.58
N ASN A 129 55.23 -34.19 -39.71
CA ASN A 129 55.60 -34.57 -41.07
C ASN A 129 55.31 -36.03 -41.40
N GLU A 130 56.07 -36.95 -40.80
CA GLU A 130 56.20 -38.31 -41.29
C GLU A 130 54.98 -39.14 -40.93
N VAL A 131 54.64 -39.16 -39.63
CA VAL A 131 53.54 -39.95 -39.11
C VAL A 131 52.22 -39.34 -39.57
N PHE A 132 52.27 -38.06 -39.98
CA PHE A 132 51.11 -37.33 -40.47
C PHE A 132 50.62 -37.92 -41.78
N VAL A 133 51.50 -37.95 -42.79
CA VAL A 133 51.18 -38.50 -44.10
C VAL A 133 50.86 -39.98 -43.94
N GLU A 134 51.57 -40.62 -43.01
CA GLU A 134 51.42 -42.03 -42.69
C GLU A 134 49.97 -42.30 -42.26
N LEU A 135 49.46 -41.45 -41.37
CA LEU A 135 48.14 -41.62 -40.78
C LEU A 135 47.06 -41.25 -41.81
N LEU A 136 47.28 -40.14 -42.53
CA LEU A 136 46.24 -39.49 -43.31
C LEU A 136 45.72 -40.44 -44.39
N GLU A 137 46.58 -41.38 -44.83
CA GLU A 137 46.25 -42.31 -45.90
C GLU A 137 45.39 -43.46 -45.35
N MET A 138 45.82 -44.07 -44.24
CA MET A 138 45.20 -45.28 -43.74
C MET A 138 43.90 -44.98 -42.98
N ILE A 139 43.61 -43.69 -42.73
CA ILE A 139 42.33 -43.28 -42.20
C ILE A 139 41.25 -43.44 -43.28
N SER A 140 41.56 -42.99 -44.49
CA SER A 140 40.60 -42.89 -45.59
C SER A 140 40.17 -44.27 -46.09
N LEU A 141 40.87 -45.32 -45.63
CA LEU A 141 40.51 -46.69 -45.96
C LEU A 141 39.33 -47.18 -45.11
N ALA A 142 39.10 -46.53 -43.95
CA ALA A 142 38.07 -46.99 -43.03
C ALA A 142 36.78 -46.19 -43.18
N ILE A 143 36.89 -44.95 -43.69
CA ILE A 143 35.75 -44.04 -43.81
C ILE A 143 35.63 -43.55 -45.25
N GLN A 144 35.19 -44.47 -46.13
CA GLN A 144 35.21 -44.26 -47.57
C GLN A 144 33.84 -44.59 -48.17
N ASP A 145 33.02 -45.31 -47.38
CA ASP A 145 31.75 -45.85 -47.83
C ASP A 145 30.61 -45.08 -47.16
N PHE A 146 30.84 -43.80 -46.85
CA PHE A 146 29.96 -43.01 -46.01
C PHE A 146 29.41 -41.80 -46.77
N LYS A 147 28.31 -41.25 -46.26
CA LYS A 147 27.81 -39.94 -46.68
C LYS A 147 28.85 -38.87 -46.35
N LYS A 148 29.00 -37.90 -47.25
CA LYS A 148 29.93 -36.79 -47.01
C LYS A 148 29.37 -35.85 -45.95
N GLY A 149 30.28 -35.25 -45.18
CA GLY A 149 29.93 -34.22 -44.22
C GLY A 149 30.22 -32.83 -44.74
N PRO A 150 30.09 -31.78 -43.90
CA PRO A 150 30.41 -30.41 -44.32
C PRO A 150 31.88 -30.24 -44.66
N TYR A 151 32.16 -29.65 -45.83
CA TYR A 151 33.52 -29.27 -46.18
C TYR A 151 33.99 -28.21 -45.17
N ILE A 152 35.25 -28.34 -44.73
CA ILE A 152 35.87 -27.39 -43.81
C ILE A 152 36.65 -26.39 -44.64
N LEU A 153 36.13 -25.15 -44.71
CA LEU A 153 36.74 -24.08 -45.50
C LEU A 153 38.01 -23.53 -44.85
N ASN A 154 38.52 -24.24 -43.83
CA ASN A 154 39.74 -23.87 -43.13
C ASN A 154 40.89 -24.76 -43.57
N ASP A 155 40.55 -25.96 -44.09
CA ASP A 155 41.52 -27.01 -44.34
C ASP A 155 41.58 -27.32 -45.83
N LYS A 156 42.51 -28.22 -46.21
CA LYS A 156 42.54 -28.84 -47.53
C LYS A 156 41.93 -30.23 -47.44
N ARG A 157 41.33 -30.69 -48.55
CA ARG A 157 40.66 -31.99 -48.64
C ARG A 157 41.52 -32.99 -49.43
N TRP A 158 41.21 -34.28 -49.31
CA TRP A 158 41.84 -35.34 -50.10
C TRP A 158 41.06 -35.53 -51.40
N LYS A 159 40.49 -36.73 -51.64
CA LYS A 159 39.59 -36.99 -52.75
C LYS A 159 38.17 -36.53 -52.38
N ASN A 160 37.23 -37.48 -52.40
CA ASN A 160 35.89 -37.29 -51.84
C ASN A 160 35.95 -37.61 -50.35
N SER A 161 37.03 -37.15 -49.71
CA SER A 161 37.36 -37.60 -48.36
C SER A 161 36.87 -36.61 -47.33
N ASN A 162 36.42 -37.14 -46.19
CA ASN A 162 36.05 -36.33 -45.06
C ASN A 162 37.29 -36.07 -44.21
N VAL A 163 38.45 -36.46 -44.75
CA VAL A 163 39.73 -36.23 -44.11
C VAL A 163 40.32 -34.91 -44.62
N PHE A 164 40.60 -34.01 -43.67
CA PHE A 164 41.17 -32.71 -43.93
C PHE A 164 42.51 -32.59 -43.21
N TYR A 165 43.23 -31.50 -43.46
CA TYR A 165 44.53 -31.28 -42.84
C TYR A 165 44.94 -29.81 -42.92
N ARG A 166 45.91 -29.43 -42.08
CA ARG A 166 46.69 -28.21 -42.21
C ARG A 166 47.58 -28.03 -40.98
N TYR A 167 48.43 -27.00 -41.03
CA TYR A 167 49.43 -26.71 -40.01
C TYR A 167 48.87 -25.70 -39.00
N GLY A 168 49.12 -25.99 -37.71
CA GLY A 168 48.71 -25.10 -36.63
C GLY A 168 49.20 -25.61 -35.27
N GLY A 169 49.01 -24.79 -34.23
CA GLY A 169 49.42 -25.12 -32.88
C GLY A 169 48.63 -26.28 -32.29
N PHE A 170 49.20 -26.92 -31.25
CA PHE A 170 48.59 -28.10 -30.65
C PHE A 170 48.01 -27.76 -29.29
N LYS A 171 48.87 -27.31 -28.37
CA LYS A 171 48.45 -26.82 -27.07
C LYS A 171 48.76 -25.33 -27.03
N GLY A 172 47.74 -24.51 -27.33
CA GLY A 172 47.91 -23.07 -27.47
C GLY A 172 48.16 -22.37 -26.14
N ILE A 173 49.32 -21.70 -26.04
CA ILE A 173 49.68 -20.91 -24.88
C ILE A 173 48.74 -19.70 -24.82
N PHE A 174 48.67 -19.07 -23.65
CA PHE A 174 47.93 -17.82 -23.49
C PHE A 174 48.94 -16.68 -23.25
N ASN A 175 49.07 -15.77 -24.22
CA ASN A 175 50.11 -14.75 -24.17
C ASN A 175 49.52 -13.36 -23.90
N GLU A 176 50.31 -12.34 -24.21
CA GLU A 176 49.99 -10.96 -23.91
C GLU A 176 48.94 -10.41 -24.87
N HIS A 177 49.02 -10.85 -26.14
CA HIS A 177 48.11 -10.39 -27.19
C HIS A 177 47.02 -11.44 -27.47
N GLY A 178 47.10 -12.59 -26.79
CA GLY A 178 46.06 -13.61 -26.83
C GLY A 178 46.32 -14.65 -27.91
N GLU A 179 47.32 -15.51 -27.68
CA GLU A 179 47.89 -16.38 -28.68
C GLU A 179 46.87 -17.39 -29.21
N HIS A 180 46.94 -18.63 -28.69
CA HIS A 180 46.27 -19.78 -29.26
C HIS A 180 47.17 -20.44 -30.30
N CYS A 181 48.48 -20.49 -30.01
CA CYS A 181 49.45 -21.25 -30.80
C CYS A 181 50.44 -21.94 -29.86
N GLN A 193 46.78 -20.32 -38.40
CA GLN A 193 45.64 -19.69 -37.70
C GLN A 193 44.34 -20.11 -38.40
N ARG A 194 43.24 -20.21 -37.63
CA ARG A 194 41.98 -20.65 -38.18
C ARG A 194 41.17 -19.45 -38.67
N ASN A 195 41.09 -19.34 -40.01
CA ASN A 195 40.42 -18.25 -40.70
C ASN A 195 39.42 -18.82 -41.71
N PRO A 196 38.41 -18.03 -42.16
CA PRO A 196 37.38 -18.54 -43.08
C PRO A 196 37.86 -19.15 -44.40
N PHE A 197 39.15 -18.98 -44.72
CA PHE A 197 39.71 -19.46 -45.97
C PHE A 197 40.92 -20.36 -45.70
N TYR A 198 41.71 -20.62 -46.75
CA TYR A 198 42.89 -21.47 -46.65
C TYR A 198 44.16 -20.61 -46.58
N GLN A 199 45.12 -21.05 -45.74
CA GLN A 199 46.32 -20.28 -45.45
C GLN A 199 47.57 -21.16 -45.58
N VAL A 200 48.75 -20.51 -45.54
CA VAL A 200 50.04 -21.18 -45.63
C VAL A 200 51.01 -20.50 -44.68
N PRO A 201 51.83 -21.25 -43.90
CA PRO A 201 52.86 -20.63 -43.08
C PRO A 201 54.05 -20.20 -43.94
N ASP A 202 54.63 -19.05 -43.59
CA ASP A 202 55.85 -18.57 -44.22
C ASP A 202 57.03 -19.45 -43.78
N PHE A 203 56.88 -20.17 -42.67
CA PHE A 203 57.86 -21.13 -42.19
C PHE A 203 57.80 -22.41 -43.05
N VAL A 204 57.11 -23.45 -42.57
CA VAL A 204 57.12 -24.76 -43.22
C VAL A 204 56.27 -24.70 -44.48
N LYS A 205 56.78 -23.96 -45.48
CA LYS A 205 56.11 -23.77 -46.75
C LYS A 205 56.54 -24.89 -47.70
N ASP A 206 57.68 -25.51 -47.38
CA ASP A 206 58.30 -26.48 -48.26
C ASP A 206 57.53 -27.78 -48.25
N PHE A 207 57.21 -28.28 -47.05
CA PHE A 207 56.45 -29.52 -46.87
C PHE A 207 55.03 -29.35 -47.40
N ASP A 208 54.56 -28.10 -47.45
CA ASP A 208 53.23 -27.79 -47.98
C ASP A 208 53.18 -28.13 -49.47
N ASP A 209 54.31 -27.89 -50.17
CA ASP A 209 54.44 -28.15 -51.58
C ASP A 209 54.59 -29.66 -51.84
N TYR A 210 54.87 -30.42 -50.78
CA TYR A 210 55.06 -31.86 -50.88
C TYR A 210 53.69 -32.55 -51.05
N LEU A 211 52.79 -32.28 -50.10
CA LEU A 211 51.48 -32.91 -50.08
C LEU A 211 50.64 -32.42 -51.27
N ASN A 212 50.92 -31.18 -51.70
CA ASN A 212 50.42 -30.60 -52.93
C ASN A 212 50.45 -31.63 -54.06
N THR A 213 51.45 -32.52 -54.00
CA THR A 213 51.78 -33.37 -55.14
C THR A 213 51.41 -34.83 -54.85
N ILE A 214 51.16 -35.16 -53.59
CA ILE A 214 50.65 -36.46 -53.21
C ILE A 214 49.13 -36.43 -53.39
N ASN A 215 48.55 -35.23 -53.21
CA ASN A 215 47.12 -35.00 -53.27
C ASN A 215 46.65 -34.98 -54.73
N ASN A 216 45.76 -35.91 -55.08
CA ASN A 216 45.20 -36.01 -56.41
C ASN A 216 43.95 -35.13 -56.51
N SER A 226 31.76 -21.64 -66.24
CA SER A 226 31.27 -21.04 -64.97
C SER A 226 29.90 -20.40 -65.21
N ARG A 227 28.94 -20.73 -64.34
CA ARG A 227 27.61 -20.16 -64.46
C ARG A 227 27.58 -18.81 -63.76
N LEU A 228 28.23 -18.75 -62.60
CA LEU A 228 28.34 -17.48 -61.87
C LEU A 228 29.52 -16.68 -62.43
N GLY A 229 30.17 -17.21 -63.47
CA GLY A 229 31.14 -16.46 -64.25
C GLY A 229 30.47 -15.38 -65.08
N LYS A 230 29.13 -15.47 -65.18
CA LYS A 230 28.30 -14.53 -65.93
C LYS A 230 27.74 -13.49 -64.97
N TYR A 231 28.42 -13.30 -63.83
CA TYR A 231 28.11 -12.27 -62.84
C TYR A 231 29.40 -11.63 -62.34
N LYS A 232 29.37 -10.32 -62.10
CA LYS A 232 30.45 -9.64 -61.39
C LYS A 232 30.03 -9.48 -59.93
N ILE A 233 30.72 -10.21 -59.04
CA ILE A 233 30.45 -10.19 -57.62
C ILE A 233 31.21 -9.00 -57.00
N GLU A 234 30.45 -7.96 -56.66
CA GLU A 234 30.95 -6.79 -55.98
C GLU A 234 31.40 -7.19 -54.58
N THR A 235 30.43 -7.62 -53.75
CA THR A 235 30.65 -7.84 -52.33
C THR A 235 29.67 -8.88 -51.79
N ALA A 236 29.87 -9.28 -50.53
CA ALA A 236 28.98 -10.19 -49.82
C ALA A 236 28.25 -9.45 -48.72
N LEU A 237 26.93 -9.66 -48.59
CA LEU A 237 26.18 -9.04 -47.50
C LEU A 237 26.52 -9.76 -46.19
N SER A 238 26.25 -11.08 -46.18
CA SER A 238 26.50 -11.90 -45.01
C SER A 238 27.03 -13.25 -45.48
N PHE A 239 27.80 -13.91 -44.61
CA PHE A 239 28.07 -15.32 -44.75
C PHE A 239 27.46 -16.05 -43.57
N SER A 240 27.48 -17.38 -43.64
CA SER A 240 27.16 -18.22 -42.50
C SER A 240 27.69 -19.62 -42.79
N ASN A 241 27.50 -20.55 -41.85
CA ASN A 241 27.92 -21.93 -42.04
C ASN A 241 27.19 -22.54 -43.23
N ALA A 242 25.98 -22.02 -43.52
CA ALA A 242 25.12 -22.56 -44.56
C ALA A 242 25.61 -22.11 -45.93
N GLY A 243 26.24 -20.93 -45.99
CA GLY A 243 26.70 -20.32 -47.22
C GLY A 243 26.74 -18.80 -47.16
N GLY A 244 27.12 -18.16 -48.27
CA GLY A 244 27.14 -16.70 -48.32
C GLY A 244 25.88 -16.13 -48.99
N VAL A 245 25.70 -14.82 -48.86
CA VAL A 245 24.75 -14.06 -49.66
C VAL A 245 25.53 -12.91 -50.30
N TYR A 246 25.44 -12.82 -51.64
CA TYR A 246 26.39 -12.04 -52.42
C TYR A 246 25.66 -11.04 -53.33
N LEU A 247 26.13 -9.79 -53.31
CA LEU A 247 25.67 -8.77 -54.23
C LEU A 247 26.47 -8.89 -55.52
N ALA A 248 25.75 -9.15 -56.62
CA ALA A 248 26.35 -9.32 -57.94
C ALA A 248 25.55 -8.55 -58.99
N THR A 249 26.27 -8.04 -60.01
CA THR A 249 25.68 -7.46 -61.20
C THR A 249 25.91 -8.41 -62.38
N ARG A 250 24.81 -8.80 -63.05
CA ARG A 250 24.87 -9.78 -64.13
C ARG A 250 25.75 -9.24 -65.25
N LYS A 251 26.63 -10.11 -65.77
CA LYS A 251 27.61 -9.74 -66.77
C LYS A 251 26.88 -9.25 -68.03
N LYS A 252 27.07 -7.96 -68.32
CA LYS A 252 26.44 -7.26 -69.43
C LYS A 252 24.92 -7.44 -69.37
N ASP A 253 24.31 -6.57 -68.55
CA ASP A 253 22.89 -6.53 -68.28
C ASP A 253 22.67 -5.48 -67.18
N ASN A 254 23.63 -5.46 -66.24
CA ASN A 254 23.76 -4.45 -65.19
C ASN A 254 22.75 -4.66 -64.07
N LEU A 255 22.03 -5.78 -64.09
CA LEU A 255 21.01 -6.06 -63.08
C LEU A 255 21.69 -6.58 -61.81
N LYS A 256 21.45 -5.87 -60.70
CA LYS A 256 21.91 -6.30 -59.38
C LYS A 256 21.11 -7.53 -58.96
N VAL A 257 21.80 -8.53 -58.41
CA VAL A 257 21.13 -9.73 -57.96
C VAL A 257 21.68 -10.16 -56.60
N ILE A 258 20.82 -10.82 -55.81
CA ILE A 258 21.19 -11.48 -54.57
C ILE A 258 21.50 -12.93 -54.92
N ILE A 259 22.67 -13.41 -54.51
CA ILE A 259 23.08 -14.79 -54.77
C ILE A 259 23.22 -15.51 -53.43
N LYS A 260 22.36 -16.52 -53.25
CA LYS A 260 22.24 -17.25 -52.00
C LYS A 260 22.85 -18.65 -52.13
N GLU A 261 24.02 -18.82 -51.52
CA GLU A 261 24.78 -20.07 -51.54
C GLU A 261 24.18 -21.02 -50.51
N ALA A 262 24.14 -22.32 -50.83
CA ALA A 262 23.84 -23.35 -49.83
C ALA A 262 24.72 -24.57 -50.09
N ARG A 263 25.77 -24.73 -49.28
CA ARG A 263 26.68 -25.87 -49.40
C ARG A 263 26.09 -27.09 -48.69
N PRO A 264 26.09 -28.28 -49.33
CA PRO A 264 25.35 -29.44 -48.84
C PRO A 264 25.77 -29.95 -47.47
N SER A 265 24.78 -30.47 -46.73
CA SER A 265 24.95 -31.13 -45.44
C SER A 265 25.46 -30.18 -44.34
N ALA A 266 25.78 -28.93 -44.71
CA ALA A 266 26.33 -27.94 -43.80
C ALA A 266 25.23 -26.99 -43.35
N GLY A 267 25.30 -26.55 -42.08
CA GLY A 267 24.35 -25.60 -41.53
C GLY A 267 23.02 -26.26 -41.14
N LEU A 268 23.04 -27.04 -40.07
CA LEU A 268 21.89 -27.86 -39.70
C LEU A 268 20.87 -27.05 -38.90
N ASP A 269 19.63 -27.58 -38.84
CA ASP A 269 18.49 -26.97 -38.18
C ASP A 269 18.11 -27.80 -36.97
N GLY A 270 17.34 -27.19 -36.04
CA GLY A 270 16.64 -27.93 -35.01
C GLY A 270 15.87 -29.12 -35.59
N ALA A 271 15.45 -28.99 -36.86
CA ALA A 271 14.69 -30.01 -37.56
C ALA A 271 15.64 -31.02 -38.20
N ALA A 272 16.94 -30.73 -38.13
CA ALA A 272 17.98 -31.56 -38.73
C ALA A 272 17.86 -31.51 -40.26
N GLN A 273 17.65 -30.30 -40.78
CA GLN A 273 17.60 -30.06 -42.21
C GLN A 273 18.81 -29.22 -42.60
N ASP A 274 19.48 -29.61 -43.72
CA ASP A 274 20.70 -28.93 -44.14
C ASP A 274 20.36 -27.66 -44.92
N ALA A 275 21.42 -26.93 -45.32
CA ALA A 275 21.31 -25.66 -46.03
C ALA A 275 20.61 -25.85 -47.38
N LEU A 276 20.81 -27.02 -47.99
CA LEU A 276 20.26 -27.35 -49.29
C LEU A 276 18.75 -27.50 -49.21
N ALA A 277 18.29 -28.43 -48.35
CA ALA A 277 16.88 -28.72 -48.16
C ALA A 277 16.07 -27.44 -47.95
N ARG A 278 16.68 -26.47 -47.25
CA ARG A 278 16.06 -25.19 -46.95
C ARG A 278 16.03 -24.32 -48.20
N GLN A 279 17.10 -24.41 -49.00
CA GLN A 279 17.25 -23.62 -50.21
C GLN A 279 16.24 -24.09 -51.27
N LYS A 280 16.03 -25.41 -51.34
CA LYS A 280 15.10 -25.99 -52.30
C LYS A 280 13.67 -25.98 -51.74
N ILE A 281 13.47 -25.23 -50.65
CA ILE A 281 12.15 -24.89 -50.16
C ILE A 281 11.90 -23.41 -50.47
N GLU A 282 12.96 -22.61 -50.37
CA GLU A 282 12.95 -21.22 -50.81
C GLU A 282 12.68 -21.17 -52.32
N TYR A 283 13.27 -22.12 -53.07
CA TYR A 283 13.12 -22.24 -54.51
C TYR A 283 11.65 -22.50 -54.88
N ASP A 284 11.10 -23.62 -54.39
CA ASP A 284 9.72 -24.02 -54.66
C ASP A 284 8.77 -22.84 -54.46
N ALA A 285 8.98 -22.09 -53.38
CA ALA A 285 8.08 -21.04 -52.98
C ALA A 285 8.20 -19.83 -53.90
N LEU A 286 9.43 -19.43 -54.25
CA LEU A 286 9.68 -18.21 -55.02
C LEU A 286 9.07 -18.31 -56.42
N LYS A 287 9.06 -19.52 -56.97
CA LYS A 287 8.37 -19.81 -58.23
C LYS A 287 6.86 -19.75 -57.99
N LYS A 288 6.39 -20.56 -57.03
CA LYS A 288 4.98 -20.75 -56.80
C LYS A 288 4.29 -19.42 -56.53
N LEU A 289 5.08 -18.39 -56.18
CA LEU A 289 4.53 -17.05 -55.97
C LEU A 289 5.31 -16.01 -56.78
N LYS A 290 5.81 -16.44 -57.94
CA LYS A 290 6.45 -15.56 -58.93
C LYS A 290 5.42 -14.54 -59.42
N ASP A 291 4.13 -14.91 -59.31
CA ASP A 291 3.03 -14.10 -59.81
C ASP A 291 2.75 -12.95 -58.84
N VAL A 292 3.09 -13.13 -57.57
CA VAL A 292 2.92 -12.09 -56.57
C VAL A 292 4.11 -11.14 -56.66
N SER A 293 3.81 -9.87 -56.95
CA SER A 293 4.85 -8.89 -57.29
C SER A 293 5.51 -8.36 -56.02
N GLY A 294 4.84 -8.53 -54.88
CA GLY A 294 5.37 -8.19 -53.57
C GLY A 294 6.56 -9.06 -53.17
N VAL A 295 6.44 -10.37 -53.45
CA VAL A 295 7.48 -11.35 -53.19
C VAL A 295 8.69 -11.05 -54.07
N VAL A 296 9.89 -11.31 -53.55
CA VAL A 296 11.12 -11.21 -54.33
C VAL A 296 11.00 -12.18 -55.51
N ASN A 297 11.61 -11.83 -56.64
CA ASN A 297 11.46 -12.63 -57.84
C ASN A 297 12.73 -13.45 -58.07
N LEU A 298 12.52 -14.74 -58.36
CA LEU A 298 13.57 -15.67 -58.74
C LEU A 298 14.13 -15.32 -60.12
N ILE A 299 15.45 -15.29 -60.25
CA ILE A 299 16.12 -15.09 -61.54
C ILE A 299 16.53 -16.46 -62.08
N GLU A 300 17.44 -17.16 -61.36
CA GLU A 300 17.86 -18.50 -61.75
C GLU A 300 18.34 -19.27 -60.52
N TYR A 301 18.59 -20.58 -60.71
CA TYR A 301 19.04 -21.47 -59.66
C TYR A 301 19.85 -22.60 -60.29
N PHE A 302 21.15 -22.68 -59.94
CA PHE A 302 22.06 -23.63 -60.55
C PHE A 302 22.97 -24.27 -59.49
N GLN A 303 23.84 -25.18 -59.95
CA GLN A 303 24.91 -25.78 -59.17
C GLN A 303 26.26 -25.36 -59.78
N GLU A 304 27.33 -25.42 -58.98
CA GLU A 304 28.70 -25.27 -59.45
C GLU A 304 29.61 -26.26 -58.74
N TRP A 305 30.86 -25.87 -58.43
CA TRP A 305 31.85 -26.74 -57.83
C TRP A 305 31.18 -27.94 -57.18
N GLU A 306 30.49 -27.70 -56.06
CA GLU A 306 29.69 -28.70 -55.34
C GLU A 306 28.54 -27.99 -54.60
N HIS A 307 28.45 -26.67 -54.81
CA HIS A 307 27.51 -25.77 -54.13
C HIS A 307 26.29 -25.50 -55.01
N TYR A 308 25.26 -24.88 -54.41
CA TYR A 308 24.03 -24.55 -55.10
C TYR A 308 23.68 -23.08 -54.86
N PHE A 309 23.19 -22.41 -55.91
CA PHE A 309 23.08 -20.97 -55.92
C PHE A 309 21.68 -20.54 -56.34
N LEU A 310 21.05 -19.70 -55.49
CA LEU A 310 19.75 -19.14 -55.77
C LEU A 310 19.91 -17.65 -56.05
N VAL A 311 19.63 -17.25 -57.30
CA VAL A 311 19.77 -15.86 -57.71
C VAL A 311 18.38 -15.22 -57.67
N GLU A 312 18.30 -14.05 -57.01
CA GLU A 312 17.05 -13.33 -56.83
C GLU A 312 17.26 -11.83 -57.02
N GLU A 313 16.14 -11.09 -57.10
CA GLU A 313 16.18 -9.66 -57.39
C GLU A 313 16.59 -8.86 -56.15
N PHE A 314 17.59 -7.99 -56.33
CA PHE A 314 18.20 -7.22 -55.26
C PHE A 314 17.32 -6.03 -54.89
N ILE A 315 16.78 -6.08 -53.67
CA ILE A 315 15.83 -5.10 -53.16
C ILE A 315 16.57 -4.19 -52.17
N GLU A 316 16.14 -2.92 -52.10
CA GLU A 316 16.96 -1.83 -51.59
C GLU A 316 16.74 -1.58 -50.10
N GLY A 317 15.48 -1.38 -49.69
CA GLY A 317 15.13 -0.70 -48.45
C GLY A 317 15.49 -1.47 -47.17
N ARG A 318 14.62 -1.38 -46.16
CA ARG A 318 14.93 -1.82 -44.82
C ARG A 318 13.92 -2.88 -44.36
N ASP A 319 14.31 -3.68 -43.36
CA ASP A 319 13.34 -4.52 -42.67
C ASP A 319 12.59 -3.67 -41.64
N LEU A 320 11.44 -4.21 -41.18
CA LEU A 320 10.53 -3.42 -40.37
C LEU A 320 11.16 -3.08 -39.01
N ARG A 321 12.01 -3.99 -38.51
CA ARG A 321 12.85 -3.72 -37.35
C ARG A 321 13.64 -2.42 -37.58
N GLN A 322 14.38 -2.35 -38.68
CA GLN A 322 15.24 -1.21 -39.02
C GLN A 322 14.39 0.02 -39.29
N TRP A 323 13.26 -0.19 -39.98
CA TRP A 323 12.39 0.91 -40.30
C TRP A 323 11.87 1.56 -39.02
N ILE A 324 11.37 0.71 -38.10
CA ILE A 324 10.87 1.13 -36.80
C ILE A 324 11.96 1.88 -36.04
N ALA A 325 13.16 1.31 -35.98
CA ALA A 325 14.28 1.93 -35.25
C ALA A 325 14.54 3.35 -35.76
N GLN A 326 14.50 3.53 -37.08
CA GLN A 326 14.94 4.76 -37.73
C GLN A 326 13.80 5.76 -37.91
N GLU A 327 12.57 5.26 -38.10
CA GLU A 327 11.47 6.12 -38.52
C GLU A 327 10.42 6.33 -37.43
N PHE A 328 10.31 5.43 -36.45
CA PHE A 328 9.27 5.53 -35.43
C PHE A 328 9.47 6.82 -34.63
N PRO A 329 8.37 7.55 -34.33
CA PRO A 329 8.44 8.78 -33.52
C PRO A 329 8.60 8.47 -32.03
N PHE A 330 9.84 8.22 -31.61
CA PHE A 330 10.17 7.90 -30.24
C PHE A 330 10.11 9.12 -29.33
N PHE A 331 10.42 10.29 -29.90
CA PHE A 331 10.37 11.53 -29.14
C PHE A 331 8.99 12.18 -29.30
N GLU A 332 8.39 12.56 -28.16
CA GLU A 332 7.07 13.19 -28.09
C GLU A 332 7.18 14.68 -28.38
N ASP A 333 6.93 15.04 -29.65
CA ASP A 333 6.76 16.42 -30.07
C ASP A 333 5.27 16.75 -30.16
N ASN A 334 4.92 17.99 -29.79
CA ASN A 334 3.53 18.42 -29.91
C ASN A 334 3.28 19.01 -31.28
N ASN A 335 3.82 18.34 -32.32
CA ASN A 335 3.45 18.62 -33.71
C ASN A 335 2.78 17.38 -34.29
N GLY A 336 2.25 16.54 -33.39
CA GLY A 336 1.44 15.39 -33.75
C GLY A 336 2.27 14.14 -34.08
N MET A 337 1.54 13.03 -34.24
CA MET A 337 2.08 11.71 -34.55
C MET A 337 1.28 11.10 -35.70
N SER A 338 0.57 11.94 -36.46
CA SER A 338 -0.38 11.52 -37.48
C SER A 338 0.35 11.05 -38.73
N ASN A 339 1.55 11.58 -38.97
CA ASN A 339 2.37 11.16 -40.10
C ASN A 339 2.64 9.65 -40.06
N HIS A 340 2.94 9.14 -38.86
CA HIS A 340 3.26 7.72 -38.68
C HIS A 340 2.01 6.86 -38.90
N ILE A 341 0.84 7.38 -38.52
CA ILE A 341 -0.44 6.70 -38.72
C ILE A 341 -0.65 6.42 -40.22
N LYS A 342 -0.28 7.41 -41.05
CA LYS A 342 -0.32 7.27 -42.49
C LYS A 342 0.47 6.04 -42.90
N ASP A 343 1.77 6.08 -42.63
CA ASP A 343 2.73 5.11 -43.17
C ASP A 343 2.39 3.70 -42.68
N VAL A 344 1.98 3.59 -41.41
CA VAL A 344 1.66 2.28 -40.85
C VAL A 344 0.50 1.68 -41.64
N LYS A 345 -0.58 2.46 -41.77
CA LYS A 345 -1.80 2.06 -42.47
C LYS A 345 -1.45 1.59 -43.88
N MET A 346 -0.60 2.36 -44.56
CA MET A 346 -0.13 2.03 -45.91
C MET A 346 0.57 0.66 -45.91
N ILE A 347 1.60 0.52 -45.08
CA ILE A 347 2.44 -0.66 -45.05
C ILE A 347 1.59 -1.90 -44.74
N LEU A 348 0.71 -1.78 -43.74
CA LEU A 348 -0.03 -2.92 -43.23
C LEU A 348 -1.00 -3.45 -44.29
N LEU A 349 -1.62 -2.52 -45.04
CA LEU A 349 -2.60 -2.90 -46.05
C LEU A 349 -1.94 -3.69 -47.16
N GLN A 350 -0.80 -3.18 -47.67
CA GLN A 350 0.01 -3.92 -48.62
C GLN A 350 0.26 -5.34 -48.12
N LEU A 351 0.69 -5.44 -46.86
CA LEU A 351 1.06 -6.69 -46.24
C LEU A 351 -0.15 -7.62 -46.16
N LEU A 352 -1.34 -7.06 -45.90
CA LEU A 352 -2.59 -7.80 -45.83
C LEU A 352 -2.90 -8.44 -47.17
N ASP A 353 -2.66 -7.68 -48.26
CA ASP A 353 -2.83 -8.15 -49.62
C ASP A 353 -1.87 -9.31 -49.87
N LEU A 354 -0.59 -9.01 -49.64
CA LEU A 354 0.54 -9.89 -49.91
C LEU A 354 0.31 -11.26 -49.27
N ILE A 355 -0.20 -11.28 -48.03
CA ILE A 355 -0.37 -12.53 -47.30
C ILE A 355 -1.50 -13.34 -47.94
N ASP A 356 -2.56 -12.62 -48.37
CA ASP A 356 -3.71 -13.22 -49.04
C ASP A 356 -3.26 -13.90 -50.34
N SER A 357 -2.47 -13.18 -51.15
CA SER A 357 -1.87 -13.72 -52.37
C SER A 357 -1.13 -15.04 -52.08
N MET A 358 -0.22 -15.00 -51.10
CA MET A 358 0.62 -16.14 -50.76
C MET A 358 -0.26 -17.34 -50.43
N HIS A 359 -1.31 -17.11 -49.65
CA HIS A 359 -2.20 -18.14 -49.16
C HIS A 359 -3.06 -18.71 -50.28
N ASN A 360 -3.22 -17.93 -51.36
CA ASN A 360 -3.90 -18.36 -52.57
C ASN A 360 -3.13 -19.51 -53.23
N GLN A 361 -1.80 -19.38 -53.21
CA GLN A 361 -0.92 -20.31 -53.92
C GLN A 361 -0.60 -21.53 -53.05
N GLY A 362 -1.16 -21.58 -51.83
CA GLY A 362 -1.02 -22.73 -50.94
C GLY A 362 0.27 -22.71 -50.11
N VAL A 363 0.99 -21.58 -50.16
CA VAL A 363 2.24 -21.42 -49.45
C VAL A 363 2.07 -20.43 -48.28
N ALA A 364 2.53 -20.87 -47.10
CA ALA A 364 2.68 -19.98 -45.94
C ALA A 364 4.16 -19.61 -45.80
N MET A 365 4.46 -18.31 -45.79
CA MET A 365 5.77 -17.82 -45.37
C MET A 365 5.81 -18.01 -43.86
N GLY A 366 6.53 -19.04 -43.39
CA GLY A 366 6.28 -19.60 -42.07
C GLY A 366 7.02 -18.90 -40.93
N ASP A 367 7.41 -17.63 -41.11
CA ASP A 367 8.02 -16.81 -40.08
C ASP A 367 7.62 -15.35 -40.24
N LEU A 368 6.34 -15.08 -40.02
CA LEU A 368 5.83 -13.74 -40.25
C LEU A 368 6.11 -12.88 -39.02
N GLN A 369 7.08 -11.97 -39.18
CA GLN A 369 7.57 -11.10 -38.12
C GLN A 369 8.53 -10.06 -38.69
N PRO A 370 8.78 -8.95 -37.97
CA PRO A 370 9.40 -7.75 -38.55
C PRO A 370 10.70 -7.92 -39.33
N ALA A 371 11.43 -9.01 -39.07
CA ALA A 371 12.74 -9.20 -39.67
C ALA A 371 12.60 -9.58 -41.14
N ASN A 372 11.52 -10.28 -41.47
CA ASN A 372 11.34 -10.86 -42.80
C ASN A 372 10.54 -9.97 -43.74
N ILE A 373 9.97 -8.89 -43.20
CA ILE A 373 9.23 -7.93 -44.01
C ILE A 373 10.15 -6.75 -44.33
N MET A 374 10.44 -6.57 -45.62
CA MET A 374 11.22 -5.42 -46.06
C MET A 374 10.28 -4.34 -46.60
N VAL A 375 10.84 -3.14 -46.73
CA VAL A 375 10.07 -1.96 -47.09
C VAL A 375 11.06 -0.96 -47.69
N THR A 376 10.80 -0.55 -48.93
CA THR A 376 11.72 0.29 -49.69
C THR A 376 11.50 1.75 -49.31
N GLU A 377 12.29 2.64 -49.93
CA GLU A 377 12.27 4.08 -49.64
C GLU A 377 10.89 4.66 -49.94
N ASP A 378 10.16 4.05 -50.89
CA ASP A 378 8.82 4.46 -51.24
C ASP A 378 7.80 3.64 -50.44
N LEU A 379 8.29 2.84 -49.48
CA LEU A 379 7.49 2.03 -48.57
C LEU A 379 6.74 0.92 -49.32
N THR A 380 7.44 0.19 -50.19
CA THR A 380 6.86 -0.97 -50.83
C THR A 380 7.23 -2.21 -50.01
N VAL A 381 6.20 -2.96 -49.63
CA VAL A 381 6.31 -4.12 -48.75
C VAL A 381 6.76 -5.32 -49.58
N ARG A 382 7.88 -5.92 -49.18
CA ARG A 382 8.46 -7.08 -49.83
C ARG A 382 8.78 -8.14 -48.76
N ILE A 383 8.73 -9.40 -49.16
CA ILE A 383 9.20 -10.52 -48.35
C ILE A 383 10.33 -11.22 -49.11
N ILE A 384 11.38 -11.58 -48.37
CA ILE A 384 12.69 -11.78 -48.98
C ILE A 384 13.20 -13.20 -48.73
N ASP A 385 12.90 -13.77 -47.56
CA ASP A 385 13.40 -15.08 -47.17
C ASP A 385 12.21 -16.02 -46.98
N PHE A 386 12.30 -17.23 -47.56
CA PHE A 386 11.21 -18.19 -47.50
C PHE A 386 11.70 -19.58 -47.12
N GLU A 387 12.87 -19.64 -46.47
CA GLU A 387 13.48 -20.88 -46.01
C GLU A 387 12.54 -21.60 -45.04
N THR A 388 11.54 -20.87 -44.54
CA THR A 388 10.61 -21.34 -43.53
C THR A 388 9.23 -21.59 -44.13
N ALA A 389 9.10 -21.35 -45.45
CA ALA A 389 7.86 -21.57 -46.19
C ALA A 389 7.36 -23.00 -46.00
N MET A 390 6.04 -23.15 -45.88
CA MET A 390 5.41 -24.43 -45.63
C MET A 390 4.02 -24.41 -46.28
N PRO A 391 3.50 -25.57 -46.72
CA PRO A 391 2.15 -25.61 -47.29
C PRO A 391 1.13 -25.22 -46.22
N VAL A 392 0.30 -24.20 -46.52
CA VAL A 392 -0.86 -23.88 -45.70
C VAL A 392 -1.68 -25.16 -45.52
N ASN A 393 -2.19 -25.39 -44.31
CA ASN A 393 -3.03 -26.55 -44.02
C ASN A 393 -2.21 -27.67 -43.39
N SER A 394 -0.87 -27.53 -43.42
CA SER A 394 0.00 -28.49 -42.74
C SER A 394 0.11 -28.18 -41.24
N ASP A 395 0.03 -29.23 -40.42
CA ASP A 395 0.01 -29.09 -38.96
C ASP A 395 1.33 -29.59 -38.37
N ASP A 396 2.43 -29.29 -39.07
CA ASP A 396 3.76 -29.71 -38.65
C ASP A 396 4.43 -28.58 -37.88
N ARG A 397 5.01 -28.92 -36.72
CA ARG A 397 5.78 -27.96 -35.93
C ARG A 397 6.89 -27.41 -36.81
N PRO A 398 6.98 -26.07 -36.98
CA PRO A 398 8.10 -25.46 -37.71
C PRO A 398 9.40 -25.60 -36.94
N ALA A 399 10.52 -25.42 -37.66
CA ALA A 399 11.85 -25.52 -37.09
C ALA A 399 12.13 -24.33 -36.17
N MET A 400 11.52 -23.18 -36.50
CA MET A 400 11.86 -21.91 -35.89
C MET A 400 10.58 -21.15 -35.54
N LEU A 401 10.52 -20.67 -34.29
CA LEU A 401 9.45 -19.82 -33.82
C LEU A 401 10.06 -18.53 -33.28
N THR A 402 9.56 -17.38 -33.76
CA THR A 402 10.01 -16.09 -33.26
C THR A 402 9.12 -15.68 -32.08
N THR A 403 9.62 -15.93 -30.86
CA THR A 403 8.84 -15.60 -29.69
C THR A 403 8.46 -14.14 -29.86
N GLY A 404 7.21 -13.82 -29.52
CA GLY A 404 6.75 -12.46 -29.70
C GLY A 404 5.73 -12.35 -30.83
N PHE A 405 5.82 -13.25 -31.82
CA PHE A 405 4.91 -13.26 -32.96
C PHE A 405 4.38 -14.67 -33.19
N VAL A 406 4.30 -15.44 -32.10
CA VAL A 406 3.84 -16.82 -32.19
C VAL A 406 2.95 -17.10 -30.99
N SER A 407 2.18 -18.18 -31.10
CA SER A 407 1.39 -18.70 -29.99
C SER A 407 1.22 -20.20 -30.17
N HIS A 408 1.20 -20.91 -29.03
CA HIS A 408 1.09 -22.36 -28.99
C HIS A 408 -0.34 -22.77 -29.34
N GLU A 409 -1.22 -21.76 -29.43
CA GLU A 409 -2.62 -21.94 -29.74
C GLU A 409 -2.77 -22.30 -31.21
N MET A 410 -1.90 -21.72 -32.04
CA MET A 410 -1.88 -21.93 -33.48
C MET A 410 -1.24 -23.28 -33.80
N LYS A 411 -1.98 -24.15 -34.49
CA LYS A 411 -1.55 -25.50 -34.76
C LYS A 411 -1.40 -25.73 -36.27
N VAL A 412 -1.68 -24.69 -37.08
CA VAL A 412 -1.71 -24.87 -38.52
C VAL A 412 -0.96 -23.72 -39.20
N SER A 413 -0.17 -24.09 -40.21
CA SER A 413 0.82 -23.26 -40.88
C SER A 413 0.26 -21.91 -41.31
N GLY A 414 -0.90 -21.92 -41.98
CA GLY A 414 -1.49 -20.69 -42.49
C GLY A 414 -1.90 -19.76 -41.35
N ALA A 415 -2.45 -20.36 -40.28
CA ALA A 415 -2.90 -19.63 -39.11
C ALA A 415 -1.73 -19.00 -38.36
N ARG A 416 -0.55 -19.64 -38.46
CA ARG A 416 0.67 -19.11 -37.88
C ARG A 416 1.05 -17.82 -38.60
N ASP A 417 0.83 -17.77 -39.92
CA ASP A 417 1.11 -16.55 -40.67
C ASP A 417 0.22 -15.41 -40.16
N TRP A 418 -1.07 -15.72 -39.94
CA TRP A 418 -2.04 -14.68 -39.64
C TRP A 418 -1.78 -14.12 -38.24
N PHE A 419 -1.54 -15.04 -37.28
CA PHE A 419 -1.18 -14.65 -35.93
C PHE A 419 0.04 -13.73 -35.94
N GLY A 420 1.05 -14.12 -36.73
CA GLY A 420 2.21 -13.26 -36.93
C GLY A 420 1.77 -11.85 -37.30
N PHE A 421 0.98 -11.76 -38.37
CA PHE A 421 0.50 -10.49 -38.91
C PHE A 421 -0.32 -9.78 -37.83
N LYS A 422 -1.19 -10.52 -37.13
CA LYS A 422 -2.06 -9.93 -36.12
C LYS A 422 -1.22 -9.20 -35.07
N ARG A 423 -0.10 -9.81 -34.68
CA ARG A 423 0.74 -9.22 -33.64
C ARG A 423 1.57 -8.09 -34.22
N LEU A 424 2.01 -8.26 -35.46
CA LEU A 424 2.79 -7.26 -36.18
C LEU A 424 1.98 -5.99 -36.36
N VAL A 425 0.66 -6.15 -36.44
CA VAL A 425 -0.24 -5.03 -36.63
C VAL A 425 -0.09 -4.06 -35.45
N ARG A 426 -0.20 -4.61 -34.23
CA ARG A 426 -0.11 -3.81 -33.03
C ARG A 426 1.31 -3.30 -32.84
N TYR A 427 2.29 -4.07 -33.35
CA TYR A 427 3.70 -3.81 -33.14
C TYR A 427 4.13 -2.52 -33.82
N LEU A 428 3.62 -2.25 -35.04
CA LEU A 428 4.02 -1.04 -35.75
C LEU A 428 3.47 0.20 -35.05
N ALA A 429 2.41 -0.01 -34.25
CA ALA A 429 1.81 1.09 -33.50
C ALA A 429 2.58 1.31 -32.20
N LEU A 430 2.86 0.21 -31.49
CA LEU A 430 3.63 0.23 -30.26
C LEU A 430 4.69 -0.87 -30.35
N PRO A 431 5.94 -0.49 -30.76
CA PRO A 431 6.99 -1.48 -31.02
C PRO A 431 7.59 -1.93 -29.68
N VAL A 432 6.86 -2.83 -28.99
CA VAL A 432 7.25 -3.34 -27.70
C VAL A 432 6.90 -4.83 -27.69
N LEU A 433 7.94 -5.66 -27.68
CA LEU A 433 7.81 -7.11 -27.74
C LEU A 433 7.00 -7.60 -26.55
N THR A 434 6.52 -8.83 -26.67
CA THR A 434 5.76 -9.50 -25.64
C THR A 434 5.77 -10.99 -25.97
N SER A 435 5.61 -11.85 -24.97
CA SER A 435 5.51 -13.27 -25.25
C SER A 435 4.07 -13.70 -25.06
N GLU A 436 3.76 -14.93 -25.50
CA GLU A 436 2.42 -15.48 -25.32
C GLU A 436 2.08 -15.54 -23.84
N ASP A 437 3.10 -15.72 -22.99
CA ASP A 437 2.88 -15.91 -21.56
C ASP A 437 2.39 -14.64 -20.87
N LEU A 438 2.64 -13.46 -21.46
CA LEU A 438 2.29 -12.20 -20.83
C LEU A 438 1.31 -11.41 -21.69
N GLU A 439 1.06 -11.90 -22.91
CA GLU A 439 0.21 -11.24 -23.88
C GLU A 439 -1.21 -11.10 -23.33
N GLY A 440 -1.61 -12.08 -22.50
CA GLY A 440 -2.92 -12.05 -21.87
C GLY A 440 -3.12 -10.81 -21.00
N TYR A 441 -2.02 -10.25 -20.49
CA TYR A 441 -2.09 -9.04 -19.68
C TYR A 441 -1.83 -7.81 -20.55
N LEU A 442 -0.76 -7.87 -21.36
CA LEU A 442 -0.18 -6.66 -21.92
C LEU A 442 -0.95 -6.16 -23.14
N GLN A 443 -1.83 -7.00 -23.69
CA GLN A 443 -2.71 -6.55 -24.77
C GLN A 443 -3.56 -5.38 -24.29
N TYR A 444 -4.06 -5.48 -23.04
CA TYR A 444 -4.78 -4.39 -22.41
C TYR A 444 -3.91 -3.14 -22.46
N ASN A 445 -2.72 -3.20 -21.83
CA ASN A 445 -1.83 -2.05 -21.67
C ASN A 445 -1.50 -1.43 -23.03
N HIS A 446 -1.20 -2.30 -24.00
CA HIS A 446 -0.80 -1.87 -25.33
C HIS A 446 -1.95 -1.17 -26.06
N LEU A 447 -3.11 -1.84 -26.14
CA LEU A 447 -4.22 -1.28 -26.89
C LEU A 447 -4.65 0.05 -26.27
N ASN A 448 -4.75 0.08 -24.93
CA ASN A 448 -5.09 1.31 -24.23
C ASN A 448 -4.10 2.41 -24.59
N TRP A 449 -2.82 2.05 -24.72
CA TRP A 449 -1.78 3.02 -25.00
C TRP A 449 -2.02 3.63 -26.38
N ILE A 450 -2.31 2.75 -27.35
CA ILE A 450 -2.55 3.15 -28.74
C ILE A 450 -3.69 4.17 -28.78
N LYS A 451 -4.79 3.90 -28.09
CA LYS A 451 -5.91 4.84 -28.07
C LYS A 451 -5.46 6.19 -27.51
N GLU A 452 -4.89 6.16 -26.30
CA GLU A 452 -4.60 7.37 -25.54
C GLU A 452 -3.68 8.31 -26.33
N ASN A 453 -2.96 7.78 -27.32
CA ASN A 453 -1.83 8.49 -27.89
C ASN A 453 -2.09 8.79 -29.36
N TYR A 454 -2.86 7.89 -29.99
CA TYR A 454 -3.30 8.04 -31.37
C TYR A 454 -4.78 8.40 -31.33
N GLY A 455 -5.44 8.54 -32.48
CA GLY A 455 -6.87 8.80 -32.50
C GLY A 455 -7.65 7.55 -32.09
N TYR A 456 -8.93 7.71 -31.73
CA TYR A 456 -9.79 6.55 -31.58
C TYR A 456 -9.95 5.86 -32.93
N GLU A 457 -9.82 6.65 -34.00
CA GLU A 457 -9.92 6.15 -35.37
C GLU A 457 -8.82 5.12 -35.60
N PHE A 458 -7.59 5.46 -35.23
CA PHE A 458 -6.47 4.55 -35.44
C PHE A 458 -6.57 3.36 -34.49
N TYR A 459 -6.99 3.60 -33.25
CA TYR A 459 -7.23 2.49 -32.34
C TYR A 459 -8.19 1.50 -33.00
N SER A 460 -9.30 2.01 -33.55
CA SER A 460 -10.35 1.15 -34.09
C SER A 460 -9.91 0.52 -35.41
N PHE A 461 -9.09 1.22 -36.19
CA PHE A 461 -8.47 0.64 -37.36
C PHE A 461 -7.74 -0.64 -36.96
N ILE A 462 -6.82 -0.51 -35.98
CA ILE A 462 -5.95 -1.56 -35.52
C ILE A 462 -6.79 -2.74 -35.02
N VAL A 463 -7.76 -2.45 -34.16
CA VAL A 463 -8.57 -3.48 -33.52
C VAL A 463 -9.44 -4.18 -34.55
N ASP A 464 -9.78 -3.49 -35.65
CA ASP A 464 -10.55 -4.10 -36.72
C ASP A 464 -9.66 -5.05 -37.52
N LEU A 465 -8.52 -4.51 -37.98
CA LEU A 465 -7.55 -5.29 -38.73
C LEU A 465 -7.08 -6.48 -37.87
N GLN A 466 -7.13 -6.32 -36.55
CA GLN A 466 -6.81 -7.41 -35.64
C GLN A 466 -7.83 -8.52 -35.85
N GLU A 467 -9.11 -8.19 -35.69
CA GLU A 467 -10.22 -9.13 -35.79
C GLU A 467 -10.37 -9.63 -37.23
N LYS A 468 -9.90 -8.83 -38.19
CA LYS A 468 -9.79 -9.23 -39.59
C LYS A 468 -8.85 -10.42 -39.70
N CYS A 469 -7.78 -10.43 -38.88
CA CYS A 469 -6.87 -11.56 -38.81
C CYS A 469 -7.51 -12.68 -38.00
N ASP A 470 -8.22 -12.30 -36.92
CA ASP A 470 -8.70 -13.25 -35.93
C ASP A 470 -9.35 -14.46 -36.61
N LYS A 471 -10.14 -14.22 -37.66
CA LYS A 471 -10.90 -15.29 -38.26
C LYS A 471 -10.44 -15.65 -39.67
N ARG A 472 -9.48 -14.91 -40.26
CA ARG A 472 -8.69 -15.54 -41.31
C ARG A 472 -8.03 -16.80 -40.74
N ILE A 473 -7.85 -16.81 -39.42
CA ILE A 473 -7.33 -17.97 -38.71
C ILE A 473 -8.42 -19.03 -38.62
N LYS A 474 -9.66 -18.59 -38.33
CA LYS A 474 -10.80 -19.48 -38.16
C LYS A 474 -11.02 -20.31 -39.43
N ASP A 475 -10.43 -19.84 -40.53
CA ASP A 475 -10.46 -20.53 -41.81
C ASP A 475 -9.67 -21.83 -41.73
N TYR A 476 -8.56 -21.84 -40.97
CA TYR A 476 -7.63 -22.94 -41.02
C TYR A 476 -7.83 -23.87 -39.83
N GLN A 477 -8.40 -23.33 -38.75
CA GLN A 477 -8.47 -24.10 -37.52
C GLN A 477 -9.57 -23.54 -36.62
N THR A 478 -10.06 -24.41 -35.75
CA THR A 478 -10.98 -24.04 -34.70
C THR A 478 -10.21 -23.14 -33.73
N PHE A 479 -10.61 -21.86 -33.65
CA PHE A 479 -9.94 -20.85 -32.85
C PHE A 479 -10.98 -19.94 -32.22
N ILE A 480 -11.12 -20.02 -30.89
CA ILE A 480 -12.17 -19.34 -30.16
C ILE A 480 -11.57 -18.18 -29.37
N PRO A 481 -11.43 -16.98 -30.00
CA PRO A 481 -10.57 -15.92 -29.48
C PRO A 481 -11.07 -15.30 -28.18
N LYS A 482 -10.16 -14.57 -27.53
CA LYS A 482 -10.42 -13.91 -26.25
C LYS A 482 -11.24 -12.63 -26.49
N GLU A 483 -12.15 -12.35 -25.55
CA GLU A 483 -12.99 -11.17 -25.62
C GLU A 483 -12.41 -10.09 -24.71
N ILE A 484 -12.02 -8.96 -25.30
CA ILE A 484 -11.25 -7.93 -24.60
C ILE A 484 -12.11 -6.69 -24.34
N ASN A 485 -12.15 -6.27 -23.06
CA ASN A 485 -12.85 -5.06 -22.64
C ASN A 485 -11.85 -4.12 -21.96
N LEU A 486 -11.55 -3.01 -22.64
CA LEU A 486 -10.44 -2.12 -22.28
C LEU A 486 -10.63 -1.48 -20.91
N ASN A 487 -11.86 -1.44 -20.40
CA ASN A 487 -12.13 -0.73 -19.16
C ASN A 487 -11.85 -1.64 -17.96
N ASP A 488 -11.39 -2.87 -18.23
CA ASP A 488 -11.07 -3.82 -17.18
C ASP A 488 -9.70 -3.51 -16.57
N GLN A 489 -8.90 -2.72 -17.29
CA GLN A 489 -7.56 -2.35 -16.89
C GLN A 489 -7.44 -0.83 -17.08
N THR A 490 -6.97 -0.14 -16.02
CA THR A 490 -6.70 1.29 -16.11
C THR A 490 -5.26 1.58 -15.71
N SER A 491 -4.65 2.57 -16.38
CA SER A 491 -3.28 2.94 -16.12
C SER A 491 -3.17 3.78 -14.84
N ASP A 492 -2.08 3.64 -14.09
CA ASP A 492 -2.02 4.19 -12.75
C ASP A 492 -0.92 5.25 -12.68
N PHE A 493 -1.21 6.39 -12.04
CA PHE A 493 -0.34 7.56 -11.98
C PHE A 493 -0.18 7.98 -10.53
N ASN A 494 -0.60 7.11 -9.62
CA ASN A 494 -0.43 7.44 -8.22
C ASN A 494 0.73 6.61 -7.65
N LEU A 495 1.80 7.29 -7.24
CA LEU A 495 3.05 6.67 -6.83
C LEU A 495 2.83 5.72 -5.65
N THR A 496 2.12 6.21 -4.63
CA THR A 496 1.80 5.40 -3.47
C THR A 496 1.00 4.15 -3.85
N SER A 497 0.07 4.31 -4.80
CA SER A 497 -0.72 3.17 -5.25
C SER A 497 0.17 2.16 -5.99
N ILE A 498 1.07 2.65 -6.84
CA ILE A 498 1.91 1.74 -7.61
C ILE A 498 2.85 0.99 -6.68
N ILE A 499 3.46 1.71 -5.74
CA ILE A 499 4.45 1.11 -4.84
C ILE A 499 3.74 0.03 -4.01
N ASN A 500 2.61 0.42 -3.39
CA ASN A 500 1.81 -0.50 -2.58
C ASN A 500 1.48 -1.77 -3.35
N LYS A 501 1.07 -1.63 -4.61
CA LYS A 501 0.55 -2.77 -5.33
C LYS A 501 1.67 -3.66 -5.86
N LEU A 502 2.82 -3.06 -6.16
CA LEU A 502 3.97 -3.86 -6.57
C LEU A 502 4.52 -4.63 -5.37
N ILE A 503 4.56 -3.99 -4.20
CA ILE A 503 4.94 -4.68 -2.98
C ILE A 503 4.04 -5.88 -2.73
N ILE A 504 2.72 -5.70 -2.89
CA ILE A 504 1.75 -6.76 -2.58
C ILE A 504 1.99 -7.90 -3.57
N GLY A 505 2.41 -7.52 -4.79
CA GLY A 505 2.77 -8.49 -5.82
C GLY A 505 3.96 -9.34 -5.41
N VAL A 506 5.00 -8.67 -4.90
CA VAL A 506 6.24 -9.34 -4.55
C VAL A 506 5.95 -10.32 -3.43
N GLU A 507 5.19 -9.86 -2.41
CA GLU A 507 4.78 -10.67 -1.27
C GLU A 507 4.02 -11.91 -1.76
N SER A 508 3.28 -11.76 -2.85
CA SER A 508 2.41 -12.83 -3.33
C SER A 508 3.21 -13.76 -4.24
N SER A 509 4.47 -13.43 -4.50
CA SER A 509 5.20 -14.09 -5.56
C SER A 509 6.52 -14.67 -5.06
N LEU A 510 6.66 -14.71 -3.73
CA LEU A 510 7.85 -15.28 -3.13
C LEU A 510 7.96 -16.74 -3.56
N THR A 511 9.13 -17.12 -4.10
CA THR A 511 9.44 -18.53 -4.30
C THR A 511 9.65 -19.13 -2.93
N ASN A 512 9.44 -20.43 -2.76
CA ASN A 512 9.77 -20.90 -1.43
C ASN A 512 11.18 -21.49 -1.36
N ASP A 513 12.00 -21.17 -2.38
CA ASP A 513 13.34 -21.69 -2.55
C ASP A 513 14.38 -20.62 -2.21
N GLU A 514 15.59 -20.80 -2.72
CA GLU A 514 16.78 -20.14 -2.19
C GLU A 514 16.95 -18.77 -2.84
N ARG A 515 16.29 -18.55 -4.00
CA ARG A 515 16.39 -17.31 -4.76
C ARG A 515 15.57 -16.21 -4.12
N PHE A 516 14.55 -16.60 -3.33
CA PHE A 516 13.61 -15.73 -2.65
C PHE A 516 12.57 -15.20 -3.64
N ILE A 517 13.01 -14.75 -4.82
CA ILE A 517 12.11 -14.20 -5.82
C ILE A 517 12.53 -14.75 -7.18
N ASN A 518 11.61 -14.68 -8.14
CA ASN A 518 11.94 -14.92 -9.54
C ASN A 518 12.54 -13.65 -10.11
N GLY A 519 13.48 -13.83 -11.03
CA GLY A 519 14.16 -12.68 -11.59
C GLY A 519 14.68 -12.99 -12.96
N ASP A 520 15.70 -12.23 -13.36
CA ASP A 520 16.29 -12.35 -14.68
C ASP A 520 17.00 -13.70 -14.80
N ILE A 521 17.25 -14.11 -16.05
CA ILE A 521 17.99 -15.34 -16.35
C ILE A 521 19.36 -15.34 -15.67
N ARG A 522 19.92 -14.14 -15.41
CA ARG A 522 21.22 -14.03 -14.78
C ARG A 522 21.27 -14.65 -13.39
N GLN A 523 20.12 -14.98 -12.79
CA GLN A 523 20.09 -15.66 -11.50
C GLN A 523 20.75 -17.02 -11.64
N PHE A 524 20.68 -17.57 -12.85
CA PHE A 524 21.17 -18.91 -13.11
C PHE A 524 22.46 -18.84 -13.91
N GLU A 525 22.62 -17.79 -14.74
CA GLU A 525 23.75 -17.66 -15.65
C GLU A 525 24.97 -17.06 -14.96
N MET A 526 24.79 -16.35 -13.83
CA MET A 526 25.92 -15.63 -13.27
C MET A 526 26.18 -16.04 -11.82
N ASN A 527 27.43 -15.88 -11.40
CA ASN A 527 27.88 -16.22 -10.06
C ASN A 527 27.18 -15.30 -9.07
N GLY A 528 26.57 -15.90 -8.02
CA GLY A 528 25.93 -15.13 -6.96
C GLY A 528 24.59 -14.51 -7.38
N GLY A 529 24.13 -14.90 -8.58
CA GLY A 529 22.95 -14.32 -9.21
C GLY A 529 21.67 -14.64 -8.45
N LYS A 530 21.72 -15.60 -7.54
CA LYS A 530 20.54 -16.02 -6.82
C LYS A 530 20.41 -15.20 -5.53
N PHE A 531 21.53 -14.60 -5.11
CA PHE A 531 21.59 -14.05 -3.78
C PHE A 531 21.88 -12.55 -3.81
N ASN A 532 22.49 -12.05 -4.91
CA ASN A 532 23.03 -10.69 -4.92
C ASN A 532 21.91 -9.67 -5.08
N PHE A 533 22.28 -8.40 -5.01
CA PHE A 533 21.33 -7.31 -5.05
C PHE A 533 20.74 -7.17 -6.46
N LEU A 534 21.55 -7.46 -7.48
CA LEU A 534 21.14 -7.18 -8.84
C LEU A 534 20.00 -8.09 -9.28
N THR A 535 20.17 -9.41 -9.16
CA THR A 535 19.15 -10.31 -9.66
C THR A 535 18.65 -11.26 -8.57
N GLY A 536 19.31 -11.25 -7.41
CA GLY A 536 18.98 -12.28 -6.43
C GLY A 536 18.05 -11.82 -5.30
N GLY A 537 17.99 -12.62 -4.24
CA GLY A 537 17.02 -12.44 -3.17
C GLY A 537 17.22 -11.15 -2.40
N SER A 538 18.48 -10.73 -2.26
CA SER A 538 18.78 -9.56 -1.43
C SER A 538 18.10 -8.31 -1.99
N GLY A 539 17.95 -8.24 -3.32
CA GLY A 539 17.33 -7.09 -3.94
C GLY A 539 15.92 -6.90 -3.42
N ALA A 540 15.15 -8.00 -3.47
CA ALA A 540 13.78 -8.02 -3.00
C ALA A 540 13.74 -7.83 -1.48
N ALA A 541 14.65 -8.48 -0.77
CA ALA A 541 14.59 -8.44 0.69
C ALA A 541 14.85 -7.00 1.15
N PHE A 542 15.85 -6.36 0.54
CA PHE A 542 16.15 -4.95 0.76
C PHE A 542 14.93 -4.07 0.49
N THR A 543 14.31 -4.22 -0.69
CA THR A 543 13.15 -3.45 -1.08
C THR A 543 11.98 -3.64 -0.11
N LEU A 544 11.67 -4.91 0.21
CA LEU A 544 10.59 -5.21 1.14
C LEU A 544 10.85 -4.58 2.49
N THR A 545 12.13 -4.53 2.89
CA THR A 545 12.52 -3.95 4.17
C THR A 545 12.25 -2.45 4.17
N LYS A 546 12.54 -1.79 3.06
CA LYS A 546 12.33 -0.35 2.96
C LYS A 546 10.84 -0.02 3.07
N ASN A 547 9.98 -1.01 2.77
CA ASN A 547 8.54 -0.79 2.77
C ASN A 547 7.93 -1.48 3.98
N LYS A 548 8.79 -1.98 4.89
CA LYS A 548 8.35 -2.65 6.12
C LYS A 548 7.33 -3.76 5.82
N SER A 549 7.61 -4.52 4.76
CA SER A 549 6.79 -5.65 4.41
C SER A 549 7.54 -6.96 4.64
N SER A 550 6.77 -8.06 4.83
CA SER A 550 7.25 -9.42 4.83
C SER A 550 8.45 -9.63 5.76
N ILE A 551 8.46 -8.99 6.93
CA ILE A 551 9.63 -9.11 7.82
C ILE A 551 9.96 -10.58 8.11
N ALA A 552 8.94 -11.43 8.34
CA ALA A 552 9.21 -12.79 8.78
C ALA A 552 9.78 -13.59 7.62
N GLU A 553 9.20 -13.42 6.44
CA GLU A 553 9.72 -14.09 5.25
C GLU A 553 11.19 -13.72 5.02
N VAL A 554 11.55 -12.44 5.23
CA VAL A 554 12.89 -11.95 5.00
C VAL A 554 13.83 -12.58 6.03
N ASP A 555 13.44 -12.51 7.31
CA ASP A 555 14.26 -13.09 8.38
C ASP A 555 14.50 -14.59 8.10
N LYS A 556 13.44 -15.33 7.77
CA LYS A 556 13.60 -16.72 7.42
C LYS A 556 14.64 -16.86 6.32
N TRP A 557 14.48 -16.14 5.19
CA TRP A 557 15.39 -16.32 4.06
C TRP A 557 16.82 -15.95 4.44
N ILE A 558 17.00 -14.90 5.26
CA ILE A 558 18.35 -14.50 5.62
C ILE A 558 18.98 -15.60 6.47
N GLN A 559 18.18 -16.24 7.34
CA GLN A 559 18.74 -17.20 8.28
C GLN A 559 18.91 -18.57 7.63
N SER A 560 17.89 -19.07 6.93
CA SER A 560 17.94 -20.41 6.38
C SER A 560 18.82 -20.49 5.14
N VAL A 561 18.92 -19.38 4.41
CA VAL A 561 19.66 -19.28 3.15
C VAL A 561 20.49 -18.02 3.29
N LEU A 562 21.49 -17.85 2.42
CA LEU A 562 22.16 -16.55 2.35
C LEU A 562 23.36 -16.54 3.28
N LEU A 563 23.11 -16.51 4.59
CA LEU A 563 24.25 -16.60 5.50
C LEU A 563 25.13 -17.81 5.15
N ASP A 564 24.48 -18.94 4.82
CA ASP A 564 25.18 -20.17 4.41
C ASP A 564 25.73 -20.06 2.99
N ASN A 565 25.19 -19.17 2.17
CA ASN A 565 25.69 -19.02 0.82
C ASN A 565 26.77 -17.95 0.74
N LEU A 566 26.92 -17.12 1.79
CA LEU A 566 27.93 -16.07 1.80
C LEU A 566 29.32 -16.63 1.48
N PRO A 567 29.78 -17.72 2.16
CA PRO A 567 31.11 -18.28 1.93
C PRO A 567 31.37 -18.73 0.50
N LEU A 568 30.31 -18.91 -0.30
CA LEU A 568 30.49 -19.38 -1.66
C LEU A 568 30.47 -18.24 -2.70
N ILE A 569 30.17 -17.00 -2.27
CA ILE A 569 30.20 -15.88 -3.22
C ILE A 569 31.58 -15.22 -3.17
N GLU A 570 32.39 -15.45 -4.21
CA GLU A 570 33.74 -14.90 -4.28
C GLU A 570 33.75 -13.40 -4.55
N GLU A 571 32.86 -12.96 -5.45
CA GLU A 571 32.76 -11.56 -5.86
C GLU A 571 32.32 -10.63 -4.73
N ASP A 572 32.99 -9.46 -4.64
CA ASP A 572 32.70 -8.44 -3.64
C ASP A 572 31.83 -7.30 -4.17
N GLY A 573 31.54 -7.32 -5.48
CA GLY A 573 30.78 -6.29 -6.16
C GLY A 573 29.52 -5.82 -5.43
N LEU A 574 29.26 -4.51 -5.55
CA LEU A 574 28.09 -3.90 -4.93
C LEU A 574 26.77 -4.53 -5.43
N PHE A 575 26.64 -4.72 -6.75
CA PHE A 575 25.43 -5.28 -7.32
C PHE A 575 25.58 -6.79 -7.53
N THR A 576 26.80 -7.24 -7.84
CA THR A 576 26.96 -8.62 -8.28
C THR A 576 27.44 -9.54 -7.15
N GLY A 577 27.86 -8.98 -6.01
CA GLY A 577 28.62 -9.73 -5.02
C GLY A 577 28.26 -9.35 -3.58
N LYS A 578 29.23 -9.45 -2.66
CA LYS A 578 28.94 -9.44 -1.24
C LYS A 578 28.54 -8.07 -0.71
N THR A 579 29.03 -6.96 -1.27
CA THR A 579 28.87 -5.69 -0.55
C THR A 579 27.41 -5.24 -0.48
N GLY A 580 26.69 -5.39 -1.59
CA GLY A 580 25.26 -5.08 -1.62
C GLY A 580 24.51 -5.92 -0.59
N ILE A 581 24.88 -7.21 -0.47
CA ILE A 581 24.29 -8.09 0.51
C ILE A 581 24.61 -7.58 1.92
N LEU A 582 25.84 -7.08 2.13
CA LEU A 582 26.23 -6.62 3.46
C LEU A 582 25.40 -5.40 3.85
N ALA A 583 25.01 -4.58 2.87
CA ALA A 583 24.14 -3.46 3.16
C ALA A 583 22.82 -3.95 3.76
N LEU A 584 22.18 -4.93 3.08
CA LEU A 584 20.97 -5.55 3.55
C LEU A 584 21.19 -6.08 4.97
N LEU A 585 22.30 -6.82 5.16
CA LEU A 585 22.55 -7.54 6.39
C LEU A 585 22.71 -6.58 7.55
N TYR A 586 23.43 -5.48 7.29
CA TYR A 586 23.73 -4.50 8.33
C TYR A 586 22.41 -3.85 8.75
N ASP A 587 21.60 -3.43 7.76
CA ASP A 587 20.34 -2.78 8.04
C ASP A 587 19.47 -3.70 8.89
N LYS A 588 19.60 -5.03 8.69
CA LYS A 588 18.72 -5.99 9.32
C LYS A 588 19.25 -6.39 10.70
N GLY A 589 20.41 -5.86 11.10
CA GLY A 589 20.88 -6.08 12.45
C GLY A 589 22.10 -7.00 12.57
N TYR A 590 22.65 -7.47 11.45
CA TYR A 590 23.77 -8.41 11.52
C TYR A 590 25.13 -7.73 11.52
N LYS A 591 25.40 -6.98 12.58
CA LYS A 591 26.63 -6.22 12.71
C LYS A 591 27.83 -7.16 12.69
N GLU A 592 27.80 -8.21 13.50
CA GLU A 592 28.94 -9.10 13.70
C GLU A 592 29.39 -9.67 12.35
N VAL A 593 28.45 -10.23 11.57
CA VAL A 593 28.76 -10.76 10.27
C VAL A 593 29.43 -9.69 9.40
N VAL A 594 28.84 -8.49 9.36
CA VAL A 594 29.29 -7.48 8.42
C VAL A 594 30.69 -7.04 8.82
N LEU A 595 30.89 -6.85 10.12
CA LEU A 595 32.16 -6.34 10.62
C LEU A 595 33.29 -7.34 10.36
N ASN A 596 32.99 -8.64 10.40
CA ASN A 596 34.01 -9.64 10.14
C ASN A 596 34.33 -9.63 8.64
N GLU A 597 33.29 -9.50 7.81
CA GLU A 597 33.52 -9.41 6.38
C GLU A 597 34.40 -8.22 6.03
N LEU A 598 34.28 -7.13 6.79
CA LEU A 598 35.01 -5.92 6.46
C LEU A 598 36.50 -6.11 6.74
N LYS A 599 36.81 -6.98 7.72
CA LYS A 599 38.19 -7.25 8.09
C LYS A 599 38.90 -7.94 6.93
N ILE A 600 38.18 -8.81 6.21
CA ILE A 600 38.68 -9.66 5.14
C ILE A 600 38.66 -8.87 3.82
N LEU A 601 38.02 -7.70 3.80
CA LEU A 601 37.66 -7.07 2.53
C LEU A 601 38.88 -6.58 1.74
N LYS A 602 39.77 -5.80 2.36
CA LYS A 602 40.96 -5.36 1.63
C LYS A 602 41.76 -6.58 1.14
N ASP A 603 42.19 -7.42 2.09
CA ASP A 603 43.22 -8.44 1.86
C ASP A 603 43.11 -8.98 0.44
N ASN A 604 41.98 -9.64 0.13
CA ASN A 604 41.77 -10.10 -1.22
C ASN A 604 40.65 -9.28 -1.87
N ILE A 605 41.07 -8.38 -2.76
CA ILE A 605 40.20 -7.46 -3.45
C ILE A 605 40.60 -7.43 -4.93
N ASN A 606 39.66 -7.73 -5.84
CA ASN A 606 39.89 -7.63 -7.28
C ASN A 606 40.22 -6.17 -7.61
N GLN A 607 41.27 -5.97 -8.41
CA GLN A 607 41.73 -4.61 -8.63
C GLN A 607 41.74 -4.20 -10.10
N THR A 608 41.27 -5.09 -10.97
CA THR A 608 41.20 -4.89 -12.40
C THR A 608 39.90 -4.14 -12.76
N ASP A 609 39.01 -4.00 -11.76
CA ASP A 609 37.62 -3.60 -11.99
C ASP A 609 37.29 -2.42 -11.08
N ILE A 610 36.84 -1.32 -11.68
CA ILE A 610 36.60 -0.11 -10.89
C ILE A 610 35.12 0.31 -10.97
N SER A 611 34.28 -0.51 -11.59
CA SER A 611 32.91 -0.13 -11.90
C SER A 611 32.05 -0.04 -10.63
N ILE A 612 30.83 0.51 -10.78
CA ILE A 612 29.84 0.53 -9.72
C ILE A 612 29.22 -0.86 -9.65
N ARG A 613 28.94 -1.43 -10.83
CA ARG A 613 28.33 -2.74 -10.90
C ARG A 613 29.02 -3.74 -9.97
N SER A 614 30.36 -3.84 -10.09
CA SER A 614 31.08 -4.99 -9.55
C SER A 614 32.53 -4.69 -9.15
N GLY A 615 32.98 -3.45 -9.24
CA GLY A 615 34.38 -3.11 -8.98
C GLY A 615 34.52 -2.14 -7.80
N LEU A 616 35.66 -1.42 -7.78
CA LEU A 616 36.13 -0.74 -6.59
C LEU A 616 35.24 0.45 -6.25
N SER A 617 34.69 1.16 -7.24
CA SER A 617 33.80 2.30 -6.98
C SER A 617 32.58 1.90 -6.16
N GLY A 618 31.93 0.82 -6.58
CA GLY A 618 30.74 0.31 -5.92
C GLY A 618 31.05 -0.10 -4.48
N ILE A 619 32.18 -0.83 -4.32
CA ILE A 619 32.63 -1.29 -3.02
C ILE A 619 32.95 -0.08 -2.14
N GLY A 620 33.69 0.88 -2.72
CA GLY A 620 34.05 2.11 -2.01
C GLY A 620 32.84 2.90 -1.53
N LEU A 621 31.84 3.01 -2.41
CA LEU A 621 30.59 3.67 -2.09
C LEU A 621 29.95 2.96 -0.89
N PHE A 622 29.87 1.63 -0.95
CA PHE A 622 29.34 0.88 0.17
C PHE A 622 30.15 1.19 1.45
N VAL A 623 31.47 1.12 1.33
CA VAL A 623 32.35 1.33 2.46
C VAL A 623 32.14 2.73 3.06
N ILE A 624 32.00 3.77 2.22
CA ILE A 624 31.76 5.11 2.76
C ILE A 624 30.42 5.15 3.52
N SER A 625 29.39 4.50 2.97
CA SER A 625 28.08 4.48 3.60
C SER A 625 28.18 3.83 4.98
N LEU A 626 28.99 2.77 5.08
CA LEU A 626 29.20 2.10 6.34
C LEU A 626 29.95 3.00 7.31
N TYR A 627 30.92 3.76 6.78
CA TYR A 627 31.60 4.77 7.56
C TYR A 627 30.59 5.76 8.15
N LEU A 628 29.72 6.31 7.28
CA LEU A 628 28.80 7.34 7.75
C LEU A 628 27.91 6.78 8.85
N GLU A 629 27.55 5.49 8.74
CA GLU A 629 26.58 4.92 9.67
C GLU A 629 27.25 4.61 11.01
N THR A 630 28.48 4.07 10.95
CA THR A 630 29.13 3.58 12.16
C THR A 630 30.12 4.58 12.74
N GLU A 631 30.61 5.52 11.94
CA GLU A 631 31.57 6.51 12.43
C GLU A 631 32.85 5.82 12.89
N ASN A 632 33.14 4.65 12.33
CA ASN A 632 34.38 3.92 12.57
C ASN A 632 35.42 4.36 11.54
N LYS A 633 36.45 5.07 12.01
CA LYS A 633 37.44 5.70 11.15
C LYS A 633 38.27 4.68 10.38
N GLU A 634 38.22 3.40 10.80
CA GLU A 634 38.86 2.34 10.03
C GLU A 634 38.24 2.20 8.65
N TYR A 635 36.94 2.54 8.52
CA TYR A 635 36.23 2.46 7.25
C TYR A 635 36.62 3.62 6.34
N LEU A 636 36.89 4.80 6.93
CA LEU A 636 37.39 5.91 6.13
C LEU A 636 38.77 5.57 5.56
N LYS A 637 39.58 4.92 6.39
CA LYS A 637 40.91 4.53 5.94
C LYS A 637 40.79 3.55 4.78
N LEU A 638 39.86 2.59 4.90
CA LEU A 638 39.67 1.60 3.84
C LEU A 638 39.19 2.32 2.58
N ALA A 639 38.26 3.27 2.71
CA ALA A 639 37.78 4.01 1.56
C ALA A 639 38.92 4.72 0.82
N LYS A 640 39.88 5.27 1.58
CA LYS A 640 41.04 5.93 0.97
C LYS A 640 41.99 4.93 0.33
N ASP A 641 42.12 3.72 0.91
CA ASP A 641 42.92 2.66 0.31
C ASP A 641 42.33 2.22 -1.04
N LEU A 642 41.00 2.05 -1.08
CA LEU A 642 40.29 1.69 -2.31
C LEU A 642 40.49 2.77 -3.37
N GLU A 643 40.46 4.05 -2.97
CA GLU A 643 40.69 5.15 -3.90
C GLU A 643 42.07 5.03 -4.54
N ARG A 644 43.09 4.72 -3.73
CA ARG A 644 44.45 4.54 -4.20
C ARG A 644 44.54 3.42 -5.23
N MET A 645 43.82 2.33 -4.99
CA MET A 645 43.71 1.21 -5.92
C MET A 645 43.04 1.67 -7.21
N ILE A 646 42.06 2.57 -7.10
CA ILE A 646 41.36 3.07 -8.28
C ILE A 646 42.33 3.96 -9.07
N LYS A 647 43.07 4.85 -8.38
CA LYS A 647 44.07 5.73 -8.98
C LYS A 647 45.09 4.88 -9.74
N LEU A 648 45.57 3.82 -9.09
CA LEU A 648 46.55 2.93 -9.71
C LEU A 648 45.96 2.31 -10.98
N ASN A 649 44.75 1.75 -10.90
CA ASN A 649 44.12 1.07 -12.02
C ASN A 649 43.98 2.04 -13.19
N ARG A 650 43.59 3.28 -12.89
CA ARG A 650 43.40 4.28 -13.92
C ARG A 650 44.73 4.59 -14.61
N ALA A 651 45.82 4.64 -13.83
CA ALA A 651 47.15 4.93 -14.36
C ALA A 651 47.66 3.79 -15.24
N LYS A 652 47.35 2.54 -14.83
CA LYS A 652 47.81 1.31 -15.46
C LYS A 652 47.37 1.26 -16.92
N ASP A 653 46.06 1.43 -17.18
CA ASP A 653 45.54 1.62 -18.52
C ASP A 653 44.11 2.16 -18.44
N LYS A 654 43.69 2.86 -19.50
CA LYS A 654 42.47 3.68 -19.45
C LYS A 654 41.30 2.95 -20.10
N GLN A 655 41.49 1.68 -20.46
CA GLN A 655 40.45 0.81 -21.01
C GLN A 655 39.70 0.12 -19.88
N LEU A 656 38.37 0.35 -19.81
CA LEU A 656 37.47 -0.28 -18.85
C LEU A 656 37.14 -1.71 -19.29
N LYS A 657 36.98 -2.61 -18.31
CA LYS A 657 36.72 -4.03 -18.57
C LYS A 657 35.27 -4.37 -18.25
N VAL A 658 34.61 -5.04 -19.21
CA VAL A 658 33.18 -5.27 -19.20
C VAL A 658 32.94 -6.79 -19.20
N LYS A 659 32.18 -7.28 -18.21
CA LYS A 659 32.00 -8.72 -18.02
C LYS A 659 30.60 -9.20 -18.43
N ASP A 660 29.56 -8.42 -18.10
CA ASP A 660 28.19 -8.72 -18.53
C ASP A 660 28.04 -8.40 -20.01
N TRP A 661 27.31 -9.26 -20.73
CA TRP A 661 27.03 -9.03 -22.15
C TRP A 661 26.16 -7.79 -22.40
N MET A 662 25.47 -7.28 -21.38
CA MET A 662 24.68 -6.07 -21.57
C MET A 662 25.41 -4.85 -21.01
N ALA A 663 26.65 -5.05 -20.53
CA ALA A 663 27.46 -3.97 -20.00
C ALA A 663 28.07 -3.16 -21.14
N VAL A 664 28.22 -1.84 -20.91
CA VAL A 664 28.74 -0.88 -21.87
C VAL A 664 29.61 0.10 -21.11
N ASP A 665 30.80 0.40 -21.64
CA ASP A 665 31.85 1.03 -20.85
C ASP A 665 31.67 2.54 -20.73
N ILE A 666 30.42 3.04 -20.77
CA ILE A 666 30.15 4.44 -20.49
C ILE A 666 29.10 4.51 -19.39
N GLY A 667 29.10 5.61 -18.64
CA GLY A 667 27.99 5.89 -17.73
C GLY A 667 28.20 5.35 -16.31
N VAL A 668 27.08 5.33 -15.58
CA VAL A 668 27.12 5.21 -14.13
C VAL A 668 27.33 3.75 -13.70
N ILE A 669 26.87 2.78 -14.48
CA ILE A 669 26.90 1.42 -14.00
C ILE A 669 28.26 0.79 -14.22
N ASP A 670 28.83 0.94 -15.43
CA ASP A 670 30.05 0.22 -15.78
C ASP A 670 31.16 1.16 -16.22
N GLY A 671 30.94 2.49 -16.14
CA GLY A 671 31.97 3.41 -16.62
C GLY A 671 32.34 4.51 -15.63
N LEU A 672 32.85 5.62 -16.17
CA LEU A 672 33.61 6.57 -15.38
C LEU A 672 32.70 7.45 -14.54
N SER A 673 31.47 7.69 -15.04
CA SER A 673 30.43 8.40 -14.30
C SER A 673 30.20 7.75 -12.95
N GLY A 674 30.18 6.39 -12.96
CA GLY A 674 30.07 5.58 -11.76
C GLY A 674 31.22 5.85 -10.78
N VAL A 675 32.45 5.85 -11.29
CA VAL A 675 33.64 6.09 -10.49
C VAL A 675 33.56 7.50 -9.87
N SER A 676 32.90 8.41 -10.58
CA SER A 676 32.77 9.76 -10.05
C SER A 676 31.82 9.78 -8.87
N LEU A 677 30.84 8.86 -8.85
CA LEU A 677 30.00 8.74 -7.65
C LEU A 677 30.88 8.55 -6.42
N PHE A 678 31.91 7.68 -6.55
CA PHE A 678 32.81 7.38 -5.44
C PHE A 678 33.59 8.61 -5.02
N TYR A 679 34.20 9.30 -5.98
CA TYR A 679 34.99 10.49 -5.67
C TYR A 679 34.12 11.52 -4.96
N SER A 680 32.88 11.72 -5.44
CA SER A 680 32.00 12.70 -4.81
C SER A 680 31.71 12.32 -3.36
N ALA A 681 31.40 11.03 -3.13
CA ALA A 681 31.10 10.56 -1.78
C ALA A 681 32.33 10.71 -0.92
N LEU A 682 33.51 10.39 -1.47
CA LEU A 682 34.74 10.47 -0.72
C LEU A 682 35.01 11.92 -0.36
N TYR A 683 34.72 12.83 -1.32
CA TYR A 683 34.84 14.26 -1.05
C TYR A 683 33.99 14.65 0.15
N SER A 684 32.75 14.15 0.20
CA SER A 684 31.83 14.56 1.25
C SER A 684 32.35 14.22 2.64
N VAL A 685 33.08 13.10 2.77
CA VAL A 685 33.53 12.67 4.09
C VAL A 685 34.95 13.16 4.36
N THR A 686 35.49 13.99 3.47
CA THR A 686 36.90 14.31 3.46
C THR A 686 37.16 15.82 3.39
N GLN A 687 36.30 16.54 2.65
CA GLN A 687 36.44 17.98 2.43
C GLN A 687 37.72 18.28 1.66
N ASN A 688 38.23 17.30 0.93
CA ASN A 688 39.49 17.38 0.20
C ASN A 688 39.19 17.57 -1.28
N GLN A 689 39.49 18.79 -1.77
CA GLN A 689 39.20 19.23 -3.12
C GLN A 689 39.71 18.27 -4.19
N LYS A 690 40.81 17.55 -3.93
CA LYS A 690 41.39 16.65 -4.91
C LYS A 690 40.29 15.71 -5.43
N TYR A 691 39.52 15.12 -4.50
CA TYR A 691 38.52 14.12 -4.84
C TYR A 691 37.41 14.75 -5.65
N LEU A 692 37.06 15.99 -5.29
CA LEU A 692 36.06 16.73 -6.03
C LEU A 692 36.55 17.00 -7.44
N GLU A 693 37.83 17.37 -7.57
CA GLU A 693 38.29 17.68 -8.91
C GLU A 693 38.33 16.42 -9.76
N GLU A 694 38.63 15.29 -9.12
CA GLU A 694 38.59 14.00 -9.82
C GLU A 694 37.16 13.65 -10.25
N ALA A 695 36.21 13.83 -9.33
CA ALA A 695 34.81 13.56 -9.63
C ALA A 695 34.42 14.27 -10.93
N GLU A 696 34.77 15.56 -11.00
CA GLU A 696 34.49 16.40 -12.16
C GLU A 696 35.15 15.89 -13.43
N VAL A 697 36.42 15.46 -13.35
CA VAL A 697 37.17 15.05 -14.53
C VAL A 697 36.53 13.80 -15.14
N LEU A 698 36.05 12.89 -14.27
CA LEU A 698 35.52 11.60 -14.71
C LEU A 698 34.19 11.80 -15.44
N ILE A 699 33.40 12.79 -14.98
CA ILE A 699 32.19 13.14 -15.69
C ILE A 699 32.53 13.76 -17.05
N LYS A 700 33.47 14.71 -17.07
CA LYS A 700 33.90 15.34 -18.32
C LYS A 700 34.25 14.27 -19.35
N GLU A 701 35.01 13.25 -18.92
CA GLU A 701 35.47 12.21 -19.82
C GLU A 701 34.30 11.45 -20.45
N ASP A 702 33.28 11.13 -19.62
CA ASP A 702 32.11 10.40 -20.09
C ASP A 702 31.27 11.29 -21.00
N LEU A 703 31.29 12.60 -20.73
CA LEU A 703 30.53 13.53 -21.53
C LEU A 703 31.06 13.66 -22.95
N GLU A 704 32.32 13.26 -23.17
CA GLU A 704 32.91 13.32 -24.49
C GLU A 704 32.29 12.27 -25.40
N SER A 705 31.74 11.21 -24.80
CA SER A 705 31.08 10.15 -25.55
C SER A 705 29.57 10.35 -25.54
N THR A 706 29.13 11.62 -25.53
CA THR A 706 27.72 11.93 -25.67
C THR A 706 27.46 12.67 -26.99
N LYS A 707 26.21 12.61 -27.45
CA LYS A 707 25.81 13.25 -28.70
C LYS A 707 24.44 13.89 -28.52
N LYS A 708 24.39 15.22 -28.76
CA LYS A 708 23.15 15.99 -28.70
C LYS A 708 22.44 15.90 -30.06
N ASP A 709 21.17 15.49 -30.04
CA ASP A 709 20.33 15.39 -31.23
C ASP A 709 19.93 16.79 -31.69
N ASP A 710 19.87 16.99 -33.00
CA ASP A 710 19.74 18.31 -33.60
C ASP A 710 18.29 18.79 -33.55
N VAL A 711 17.35 17.92 -33.97
CA VAL A 711 15.92 18.18 -33.92
C VAL A 711 15.51 18.43 -32.47
N THR A 712 15.24 17.32 -31.77
CA THR A 712 15.00 17.26 -30.35
C THR A 712 16.34 17.49 -29.65
N GLY A 713 16.37 18.35 -28.63
CA GLY A 713 17.65 18.66 -28.02
C GLY A 713 18.09 17.67 -26.94
N VAL A 714 17.95 16.35 -27.20
CA VAL A 714 18.19 15.35 -26.18
C VAL A 714 19.63 14.83 -26.25
N LEU A 715 20.27 14.74 -25.08
CA LEU A 715 21.63 14.24 -24.96
C LEU A 715 21.58 12.75 -24.62
N GLN A 716 22.36 11.96 -25.35
CA GLN A 716 22.50 10.55 -25.05
C GLN A 716 23.98 10.18 -25.15
N THR A 717 24.30 8.95 -24.73
CA THR A 717 25.66 8.49 -24.80
C THR A 717 25.83 7.79 -26.14
N VAL A 718 27.09 7.70 -26.60
CA VAL A 718 27.39 6.96 -27.80
C VAL A 718 28.23 5.74 -27.43
N ASP A 719 27.64 4.58 -27.71
CA ASP A 719 28.20 3.25 -27.58
C ASP A 719 29.46 3.13 -28.43
N ASN A 720 30.16 2.00 -28.26
CA ASN A 720 31.28 1.64 -29.13
C ASN A 720 30.74 1.12 -30.46
N LYS A 721 29.52 0.57 -30.42
CA LYS A 721 28.82 0.06 -31.60
C LYS A 721 28.06 1.20 -32.26
N ASN A 722 28.32 2.44 -31.77
CA ASN A 722 27.71 3.67 -32.25
C ASN A 722 26.21 3.71 -31.97
N ARG A 723 25.76 2.90 -31.00
CA ARG A 723 24.39 2.94 -30.49
C ARG A 723 24.23 4.15 -29.58
N LEU A 724 23.05 4.77 -29.62
CA LEU A 724 22.73 5.88 -28.74
C LEU A 724 21.93 5.34 -27.54
N LEU A 725 22.30 5.76 -26.32
CA LEU A 725 21.73 5.15 -25.12
C LEU A 725 21.18 6.19 -24.14
N PRO A 726 19.90 6.05 -23.74
CA PRO A 726 19.32 6.87 -22.66
C PRO A 726 19.43 6.27 -21.25
N TYR A 727 19.51 4.93 -21.18
CA TYR A 727 19.23 4.13 -19.99
C TYR A 727 20.20 4.40 -18.83
N LEU A 728 19.82 3.92 -17.64
CA LEU A 728 20.64 4.07 -16.45
C LEU A 728 21.92 3.26 -16.67
N SER A 729 21.79 2.12 -17.34
CA SER A 729 22.93 1.30 -17.63
C SER A 729 23.49 1.68 -18.99
N GLY A 730 24.50 2.53 -18.99
CA GLY A 730 25.25 2.81 -20.20
C GLY A 730 24.83 4.10 -20.90
N GLY A 731 23.82 4.80 -20.33
CA GLY A 731 23.12 5.90 -20.97
C GLY A 731 23.32 7.24 -20.25
N SER A 732 22.62 8.28 -20.73
CA SER A 732 22.86 9.62 -20.23
C SER A 732 22.15 9.83 -18.89
N ILE A 733 21.08 9.06 -18.64
CA ILE A 733 20.38 9.21 -17.37
C ILE A 733 21.38 8.92 -16.24
N GLY A 734 22.24 7.91 -16.47
CA GLY A 734 23.35 7.59 -15.57
C GLY A 734 24.28 8.77 -15.35
N VAL A 735 24.64 9.46 -16.43
CA VAL A 735 25.58 10.56 -16.35
C VAL A 735 24.94 11.68 -15.53
N ALA A 736 23.65 11.95 -15.79
CA ALA A 736 22.92 12.97 -15.05
C ALA A 736 22.97 12.69 -13.55
N ILE A 737 22.72 11.43 -13.17
CA ILE A 737 22.78 11.03 -11.77
C ILE A 737 24.12 11.42 -11.17
N SER A 738 25.22 11.14 -11.89
CA SER A 738 26.54 11.48 -11.37
C SER A 738 26.72 12.99 -11.25
N ILE A 739 26.20 13.76 -12.22
CA ILE A 739 26.25 15.23 -12.17
C ILE A 739 25.48 15.72 -10.96
N TRP A 740 24.29 15.14 -10.78
CA TRP A 740 23.43 15.49 -9.67
C TRP A 740 24.15 15.28 -8.35
N PHE A 741 24.86 14.14 -8.24
CA PHE A 741 25.48 13.81 -6.97
C PHE A 741 26.71 14.71 -6.75
N LEU A 742 27.48 14.94 -7.82
CA LEU A 742 28.56 15.92 -7.78
C LEU A 742 28.02 17.23 -7.22
N ASN A 743 26.89 17.70 -7.76
CA ASN A 743 26.35 18.97 -7.33
C ASN A 743 25.82 18.90 -5.90
N HIS A 744 25.24 17.75 -5.55
CA HIS A 744 24.69 17.55 -4.22
C HIS A 744 25.78 17.70 -3.16
N VAL A 745 26.96 17.12 -3.39
CA VAL A 745 27.97 17.09 -2.33
C VAL A 745 28.71 18.41 -2.25
N SER A 746 28.68 19.20 -3.34
CA SER A 746 29.56 20.35 -3.44
C SER A 746 28.76 21.66 -3.39
N GLY A 747 27.44 21.57 -3.56
CA GLY A 747 26.61 22.77 -3.57
C GLY A 747 26.72 23.57 -4.87
N GLN A 748 27.22 22.95 -5.93
CA GLN A 748 27.38 23.63 -7.21
C GLN A 748 26.15 23.39 -8.08
N ASP A 749 26.22 23.83 -9.34
CA ASP A 749 25.23 23.51 -10.36
C ASP A 749 25.92 23.35 -11.71
N LEU A 750 27.02 22.58 -11.70
CA LEU A 750 27.79 22.33 -12.89
C LEU A 750 26.96 21.48 -13.85
N TYR A 751 27.30 21.58 -15.13
CA TYR A 751 26.78 20.73 -16.20
C TYR A 751 25.28 20.89 -16.39
N ARG A 752 24.75 22.07 -16.04
CA ARG A 752 23.33 22.36 -16.16
C ARG A 752 22.85 22.24 -17.60
N GLU A 753 23.63 22.76 -18.54
CA GLU A 753 23.27 22.65 -19.94
C GLU A 753 23.04 21.17 -20.28
N GLU A 754 24.02 20.33 -19.95
CA GLU A 754 23.98 18.90 -20.25
C GLU A 754 22.80 18.24 -19.53
N MET A 755 22.68 18.56 -18.25
CA MET A 755 21.60 18.09 -17.41
C MET A 755 20.26 18.33 -18.10
N ASN A 756 20.01 19.60 -18.49
CA ASN A 756 18.72 19.99 -19.04
C ASN A 756 18.44 19.21 -20.32
N SER A 757 19.51 18.87 -21.04
CA SER A 757 19.37 18.20 -22.32
C SER A 757 19.06 16.73 -22.09
N ILE A 758 19.36 16.24 -20.87
CA ILE A 758 19.18 14.84 -20.53
C ILE A 758 17.76 14.65 -20.00
N LEU A 759 17.29 15.60 -19.18
CA LEU A 759 15.94 15.55 -18.64
C LEU A 759 14.91 15.55 -19.78
N LYS A 760 15.34 15.97 -20.97
CA LYS A 760 14.43 16.06 -22.09
C LYS A 760 14.05 14.67 -22.59
N LEU A 761 14.70 13.63 -22.05
CA LEU A 761 14.44 12.25 -22.45
C LEU A 761 13.09 11.80 -21.91
N SER A 762 12.58 12.57 -20.94
CA SER A 762 11.29 12.30 -20.32
C SER A 762 10.17 12.27 -21.36
N LYS A 763 10.44 12.82 -22.55
CA LYS A 763 9.48 12.85 -23.64
C LYS A 763 9.53 11.53 -24.42
N THR A 764 10.28 10.54 -23.94
CA THR A 764 10.31 9.27 -24.66
C THR A 764 8.99 8.55 -24.45
N ARG A 765 8.38 8.13 -25.55
CA ARG A 765 7.27 7.20 -25.50
C ARG A 765 7.81 5.85 -25.94
N CYS A 766 7.40 4.82 -25.23
CA CYS A 766 7.84 3.46 -25.48
C CYS A 766 9.37 3.27 -25.46
N THR A 767 9.77 2.12 -24.90
CA THR A 767 11.12 1.58 -24.91
C THR A 767 10.99 0.09 -25.17
N ILE A 768 12.08 -0.56 -25.55
CA ILE A 768 12.09 -1.98 -25.91
C ILE A 768 11.61 -2.82 -24.73
N SER A 769 12.12 -2.47 -23.54
CA SER A 769 11.86 -3.21 -22.31
C SER A 769 11.53 -2.25 -21.17
N GLY A 770 11.06 -2.80 -20.03
CA GLY A 770 10.54 -1.96 -18.96
C GLY A 770 11.47 -1.75 -17.74
N GLY A 771 12.64 -2.40 -17.71
CA GLY A 771 13.37 -2.55 -16.46
C GLY A 771 14.13 -1.30 -16.05
N LEU A 772 14.55 -1.24 -14.78
CA LEU A 772 15.26 -0.07 -14.26
C LEU A 772 16.57 0.18 -15.01
N PHE A 773 17.32 -0.88 -15.33
CA PHE A 773 18.68 -0.71 -15.80
C PHE A 773 18.71 -0.42 -17.30
N ASP A 774 17.85 -1.13 -18.06
CA ASP A 774 17.94 -1.27 -19.50
C ASP A 774 16.64 -0.84 -20.20
N GLY A 775 15.65 -0.35 -19.44
CA GLY A 775 14.30 -0.14 -19.95
C GLY A 775 13.61 1.10 -19.35
N ALA A 776 12.26 1.06 -19.36
CA ALA A 776 11.44 2.22 -19.01
C ALA A 776 11.81 2.74 -17.63
N GLY A 777 12.04 1.80 -16.70
CA GLY A 777 12.30 2.13 -15.31
C GLY A 777 13.43 3.15 -15.17
N SER A 778 14.34 3.20 -16.15
CA SER A 778 15.42 4.18 -16.15
C SER A 778 14.88 5.60 -16.04
N PHE A 779 13.77 5.84 -16.75
CA PHE A 779 13.20 7.17 -16.95
C PHE A 779 12.55 7.70 -15.68
N LEU A 780 12.12 6.77 -14.82
CA LEU A 780 11.62 7.13 -13.51
C LEU A 780 12.67 7.91 -12.73
N LEU A 781 13.94 7.81 -13.14
CA LEU A 781 14.97 8.48 -12.36
C LEU A 781 15.03 9.99 -12.71
N ILE A 782 14.47 10.36 -13.87
CA ILE A 782 14.53 11.73 -14.37
C ILE A 782 13.83 12.70 -13.40
N PRO A 783 12.55 12.49 -13.07
CA PRO A 783 11.83 13.38 -12.14
C PRO A 783 12.51 13.55 -10.78
N SER A 784 13.27 12.54 -10.36
CA SER A 784 13.82 12.62 -9.02
C SER A 784 14.99 13.60 -9.01
N MET A 785 15.32 14.16 -10.18
CA MET A 785 16.45 15.07 -10.29
C MET A 785 15.96 16.52 -10.48
N VAL A 786 14.65 16.76 -10.45
CA VAL A 786 14.07 18.04 -10.85
C VAL A 786 13.54 18.76 -9.60
N LYS A 787 13.97 20.02 -9.42
CA LYS A 787 13.76 20.77 -8.20
C LYS A 787 12.33 21.35 -8.15
N ASN A 788 11.93 22.08 -9.19
CA ASN A 788 10.64 22.77 -9.14
C ASN A 788 9.50 21.87 -9.62
N ASP A 789 8.36 22.02 -8.95
CA ASP A 789 7.31 21.03 -8.92
C ASP A 789 6.47 21.07 -10.18
N LYS A 790 6.16 22.27 -10.67
CA LYS A 790 5.37 22.38 -11.89
C LYS A 790 6.08 21.67 -13.02
N ASN A 791 7.41 21.83 -13.09
CA ASN A 791 8.19 21.19 -14.15
C ASN A 791 8.26 19.68 -13.90
N ARG A 792 8.42 19.31 -12.63
CA ARG A 792 8.53 17.91 -12.25
C ARG A 792 7.24 17.16 -12.62
N GLU A 793 6.07 17.76 -12.30
CA GLU A 793 4.81 17.06 -12.40
C GLU A 793 4.54 16.66 -13.84
N VAL A 794 5.03 17.46 -14.78
CA VAL A 794 4.83 17.18 -16.18
C VAL A 794 5.69 15.97 -16.56
N ILE A 795 6.95 16.02 -16.11
CA ILE A 795 7.97 15.05 -16.44
C ILE A 795 7.56 13.71 -15.84
N LEU A 796 7.09 13.78 -14.58
CA LEU A 796 6.63 12.61 -13.87
C LEU A 796 5.50 11.95 -14.64
N ASN A 797 4.56 12.77 -15.11
CA ASN A 797 3.41 12.26 -15.86
C ASN A 797 3.87 11.65 -17.18
N GLU A 798 4.85 12.28 -17.83
CA GLU A 798 5.37 11.72 -19.06
C GLU A 798 5.95 10.32 -18.79
N VAL A 799 6.75 10.19 -17.73
CA VAL A 799 7.47 8.95 -17.51
C VAL A 799 6.52 7.87 -16.98
N LEU A 800 5.44 8.27 -16.29
CA LEU A 800 4.46 7.32 -15.81
C LEU A 800 3.63 6.77 -16.97
N ASN A 801 3.54 7.55 -18.05
CA ASN A 801 2.90 7.08 -19.28
C ASN A 801 3.71 5.92 -19.83
N LEU A 802 5.03 6.02 -19.65
CA LEU A 802 5.93 5.01 -20.17
C LEU A 802 5.86 3.77 -19.27
N LEU A 803 5.82 4.00 -17.94
CA LEU A 803 5.81 2.88 -17.02
C LEU A 803 4.60 2.03 -17.32
N ASN A 804 3.48 2.71 -17.59
CA ASN A 804 2.16 2.09 -17.68
C ASN A 804 2.03 1.16 -18.89
N ILE A 805 2.97 1.26 -19.83
CA ILE A 805 3.03 0.26 -20.89
C ILE A 805 3.35 -1.11 -20.27
N PHE A 806 4.05 -1.10 -19.12
CA PHE A 806 4.68 -2.30 -18.61
C PHE A 806 3.97 -2.80 -17.36
N LEU A 807 3.43 -1.87 -16.57
CA LEU A 807 2.90 -2.21 -15.26
C LEU A 807 1.69 -3.13 -15.44
N ILE A 808 1.77 -4.38 -14.97
CA ILE A 808 0.74 -5.39 -15.17
C ILE A 808 -0.19 -5.48 -13.95
N GLU A 809 -1.50 -5.44 -14.22
CA GLU A 809 -2.53 -5.68 -13.22
C GLU A 809 -2.82 -7.18 -13.15
N LYS A 810 -2.65 -7.75 -11.96
CA LYS A 810 -2.86 -9.18 -11.77
C LYS A 810 -3.45 -9.40 -10.39
N ASN A 811 -4.61 -10.07 -10.36
CA ASN A 811 -5.42 -10.17 -9.16
C ASN A 811 -5.58 -8.76 -8.60
N SER A 812 -5.37 -8.58 -7.31
CA SER A 812 -5.63 -7.23 -6.80
C SER A 812 -4.40 -6.32 -6.87
N TYR A 813 -3.25 -6.86 -7.34
CA TYR A 813 -1.96 -6.21 -7.16
C TYR A 813 -1.27 -6.02 -8.50
N TYR A 814 -0.04 -5.48 -8.46
CA TYR A 814 0.74 -5.30 -9.67
C TYR A 814 1.95 -6.24 -9.66
N VAL A 815 2.32 -6.72 -10.85
CA VAL A 815 3.57 -7.43 -11.09
C VAL A 815 4.25 -6.70 -12.25
N TYR A 816 5.44 -7.15 -12.66
CA TYR A 816 6.21 -6.38 -13.64
C TYR A 816 6.93 -7.34 -14.58
N PRO A 817 6.93 -7.08 -15.91
CA PRO A 817 7.62 -7.95 -16.86
C PRO A 817 9.13 -7.70 -16.78
N GLY A 818 9.90 -8.80 -16.87
CA GLY A 818 11.34 -8.74 -17.04
C GLY A 818 11.72 -8.37 -18.47
N GLN A 819 12.98 -8.67 -18.84
CA GLN A 819 13.56 -8.31 -20.12
C GLN A 819 12.67 -8.82 -21.25
N PHE A 820 12.36 -7.92 -22.20
CA PHE A 820 11.62 -8.21 -23.41
C PHE A 820 10.18 -8.65 -23.12
N SER A 821 9.75 -8.49 -21.86
CA SER A 821 8.39 -8.81 -21.43
C SER A 821 8.01 -10.25 -21.81
N TYR A 822 8.99 -11.16 -21.80
CA TYR A 822 8.72 -12.55 -22.10
C TYR A 822 8.24 -13.26 -20.84
N ARG A 823 8.72 -12.83 -19.67
CA ARG A 823 8.31 -13.39 -18.37
C ARG A 823 8.37 -12.30 -17.30
N LEU A 824 7.75 -12.58 -16.15
CA LEU A 824 7.74 -11.65 -15.02
C LEU A 824 9.06 -11.77 -14.28
N ALA A 825 9.46 -10.68 -13.62
CA ALA A 825 10.65 -10.65 -12.78
C ALA A 825 10.39 -9.76 -11.57
N ASP A 826 10.98 -10.12 -10.43
CA ASP A 826 10.81 -9.35 -9.21
C ASP A 826 12.14 -8.73 -8.76
N ASP A 827 13.20 -8.91 -9.56
CA ASP A 827 14.52 -8.50 -9.14
C ASP A 827 14.71 -7.00 -9.35
N VAL A 828 15.89 -6.49 -8.97
CA VAL A 828 16.20 -5.08 -9.05
C VAL A 828 16.53 -4.71 -10.50
N TYR A 829 17.27 -5.59 -11.17
CA TYR A 829 17.84 -5.35 -12.49
C TYR A 829 16.74 -5.11 -13.52
N THR A 830 15.72 -5.98 -13.49
CA THR A 830 14.70 -5.92 -14.53
C THR A 830 13.28 -5.86 -13.97
N GLY A 831 13.09 -6.21 -12.70
CA GLY A 831 11.75 -6.51 -12.22
C GLY A 831 11.18 -5.45 -11.29
N SER A 832 10.16 -5.87 -10.56
CA SER A 832 9.34 -4.97 -9.79
C SER A 832 10.14 -4.26 -8.69
N SER A 833 11.17 -4.92 -8.15
CA SER A 833 11.95 -4.37 -7.04
C SER A 833 12.68 -3.12 -7.51
N GLY A 834 13.17 -3.14 -8.75
CA GLY A 834 13.87 -2.01 -9.32
C GLY A 834 12.90 -0.83 -9.48
N ILE A 835 11.70 -1.13 -9.99
CA ILE A 835 10.63 -0.14 -10.15
C ILE A 835 10.30 0.48 -8.80
N ILE A 836 10.02 -0.38 -7.81
CA ILE A 836 9.68 0.14 -6.50
C ILE A 836 10.74 1.14 -6.04
N LEU A 837 12.02 0.75 -6.14
CA LEU A 837 13.07 1.61 -5.62
C LEU A 837 13.10 2.94 -6.39
N ALA A 838 12.99 2.88 -7.72
CA ALA A 838 12.92 4.11 -8.52
C ALA A 838 11.76 5.00 -8.04
N LEU A 839 10.57 4.41 -7.87
CA LEU A 839 9.39 5.18 -7.48
C LEU A 839 9.58 5.80 -6.10
N MET A 840 10.19 5.07 -5.16
CA MET A 840 10.45 5.63 -3.84
C MET A 840 11.47 6.76 -3.98
N GLY A 841 12.34 6.64 -4.99
CA GLY A 841 13.31 7.67 -5.30
C GLY A 841 12.62 8.98 -5.68
N VAL A 842 11.59 8.86 -6.52
CA VAL A 842 10.86 10.05 -6.93
C VAL A 842 10.25 10.72 -5.70
N ILE A 843 9.60 9.93 -4.85
CA ILE A 843 8.97 10.48 -3.67
C ILE A 843 10.01 11.23 -2.83
N LYS A 844 11.23 10.68 -2.71
CA LYS A 844 12.24 11.18 -1.78
C LYS A 844 13.13 12.24 -2.43
N GLY A 845 12.97 12.46 -3.75
CA GLY A 845 13.90 13.30 -4.47
C GLY A 845 15.32 12.75 -4.36
N ASN A 846 15.43 11.42 -4.52
CA ASN A 846 16.68 10.71 -4.33
C ASN A 846 16.95 9.86 -5.56
N PRO A 847 17.78 10.34 -6.51
CA PRO A 847 18.11 9.56 -7.71
C PRO A 847 19.13 8.45 -7.46
N LEU A 848 19.55 8.27 -6.21
CA LEU A 848 20.56 7.27 -5.90
C LEU A 848 19.95 6.09 -5.13
N TYR A 849 18.61 6.02 -5.06
CA TYR A 849 17.92 5.17 -4.10
C TYR A 849 17.94 3.70 -4.51
N TRP A 850 18.36 3.41 -5.74
CA TRP A 850 18.46 2.06 -6.28
C TRP A 850 19.79 1.41 -5.89
N LEU A 851 20.68 2.17 -5.24
CA LEU A 851 21.99 1.68 -4.79
C LEU A 851 21.85 1.02 -3.42
N PRO A 852 22.38 -0.20 -3.20
CA PRO A 852 22.22 -0.89 -1.91
C PRO A 852 23.27 -0.41 -0.92
N LEU A 853 23.07 0.79 -0.36
CA LEU A 853 24.01 1.38 0.57
C LEU A 853 23.51 1.19 2.00
N VAL A 854 24.40 1.25 2.98
CA VAL A 854 24.01 1.12 4.38
C VAL A 854 23.18 2.33 4.78
N ASN A 855 22.17 2.10 5.61
CA ASN A 855 21.13 3.07 5.86
C ASN A 855 20.61 3.44 4.48
N SER A 856 20.87 4.68 4.06
CA SER A 856 20.53 5.10 2.69
C SER A 856 19.34 6.03 2.67
N ASP A 857 18.41 5.80 3.61
CA ASP A 857 17.39 6.79 3.91
C ASP A 857 18.05 8.06 4.46
N GLU A 858 19.29 7.98 4.95
CA GLU A 858 20.00 9.10 5.54
C GLU A 858 21.19 9.53 4.68
N PHE A 859 21.43 8.83 3.56
CA PHE A 859 22.70 8.95 2.85
C PHE A 859 22.87 10.32 2.22
N LEU A 860 21.79 10.80 1.59
CA LEU A 860 21.77 12.11 0.97
C LEU A 860 22.02 13.18 2.03
N ALA A 861 21.28 13.12 3.13
CA ALA A 861 21.44 14.14 4.18
C ALA A 861 22.88 14.14 4.67
N ARG A 862 23.49 12.95 4.78
CA ARG A 862 24.82 12.85 5.36
C ARG A 862 25.94 13.26 4.39
N THR A 863 25.63 13.35 3.09
CA THR A 863 26.67 13.60 2.10
C THR A 863 26.49 15.00 1.49
N LYS A 864 25.41 15.71 1.87
CA LYS A 864 25.11 17.04 1.37
C LYS A 864 26.21 18.03 1.79
N VAL A 865 26.33 19.12 1.00
CA VAL A 865 27.36 20.12 1.14
C VAL A 865 27.36 20.71 2.55
N LYS A 866 28.56 21.08 3.04
CA LYS A 866 28.83 21.71 4.34
C LYS A 866 29.14 20.67 5.43
N MET B 4 -19.94 13.43 30.76
CA MET B 4 -21.19 13.43 29.95
C MET B 4 -21.99 12.16 30.23
N GLU B 5 -23.29 12.35 30.44
CA GLU B 5 -24.27 11.29 30.66
C GLU B 5 -24.77 10.80 29.30
N GLY B 6 -24.17 11.32 28.24
CA GLY B 6 -24.36 10.83 26.89
C GLY B 6 -23.42 9.65 26.63
N ASN B 7 -22.17 9.78 27.07
CA ASN B 7 -21.16 8.75 26.86
C ASN B 7 -21.36 7.61 27.85
N MET B 8 -22.17 7.84 28.87
CA MET B 8 -22.56 6.79 29.82
C MET B 8 -23.55 5.85 29.13
N LEU B 9 -24.05 6.27 27.97
CA LEU B 9 -25.00 5.48 27.19
C LEU B 9 -24.31 4.21 26.67
N TYR B 10 -22.98 4.22 26.58
CA TYR B 10 -22.28 3.11 25.98
C TYR B 10 -22.54 1.81 26.74
N HIS B 11 -22.61 1.92 28.08
CA HIS B 11 -22.73 0.75 28.94
C HIS B 11 -24.02 -0.01 28.62
N ARG B 12 -25.03 0.71 28.12
CA ARG B 12 -26.33 0.12 27.84
C ARG B 12 -26.25 -0.76 26.59
N TYR B 13 -25.08 -0.78 25.95
CA TYR B 13 -24.95 -1.42 24.65
C TYR B 13 -23.85 -2.48 24.68
N LEU B 14 -23.51 -2.96 25.88
CA LEU B 14 -22.52 -4.00 26.00
C LEU B 14 -23.21 -5.34 26.19
N LYS B 15 -24.10 -5.69 25.25
CA LYS B 15 -24.78 -6.97 25.24
C LYS B 15 -23.74 -8.07 25.40
N PRO B 16 -23.94 -8.99 26.37
CA PRO B 16 -22.91 -9.95 26.76
C PRO B 16 -22.47 -10.79 25.56
N ASN B 17 -23.42 -10.99 24.64
CA ASN B 17 -23.21 -11.63 23.35
C ASN B 17 -21.87 -11.19 22.75
N SER B 18 -21.85 -10.04 22.05
CA SER B 18 -21.05 -9.96 20.86
C SER B 18 -19.88 -9.00 20.97
N GLU B 19 -19.26 -8.81 19.80
CA GLU B 19 -18.15 -7.89 19.63
C GLU B 19 -18.67 -6.54 19.14
N TYR B 20 -20.00 -6.38 19.06
CA TYR B 20 -20.64 -5.21 18.52
C TYR B 20 -21.47 -4.48 19.57
N TYR B 21 -21.83 -3.21 19.30
CA TYR B 21 -22.76 -2.47 20.13
C TYR B 21 -24.18 -2.97 19.87
N LYS B 22 -24.79 -3.54 20.91
CA LYS B 22 -26.14 -4.07 20.84
C LYS B 22 -26.79 -3.80 22.19
N LYS B 23 -28.07 -3.38 22.17
CA LYS B 23 -28.81 -3.02 23.36
C LYS B 23 -28.96 -4.24 24.29
N ILE B 24 -28.61 -4.03 25.57
CA ILE B 24 -28.95 -4.99 26.61
C ILE B 24 -30.39 -4.70 27.01
N GLU B 25 -31.29 -5.64 26.68
CA GLU B 25 -32.70 -5.53 26.99
C GLU B 25 -32.92 -6.16 28.36
N VAL B 26 -32.83 -5.32 29.41
CA VAL B 26 -32.77 -5.70 30.81
C VAL B 26 -33.96 -6.58 31.18
N ARG B 27 -33.81 -7.35 32.27
CA ARG B 27 -34.77 -8.34 32.69
C ARG B 27 -36.09 -7.67 33.06
N GLY B 28 -36.01 -6.67 33.95
CA GLY B 28 -37.15 -5.90 34.47
C GLY B 28 -38.48 -6.17 33.78
N LYS B 29 -39.00 -7.40 33.97
CA LYS B 29 -40.31 -7.83 33.47
C LYS B 29 -41.40 -7.15 34.30
N ASP B 30 -40.98 -6.59 35.44
CA ASP B 30 -41.82 -5.84 36.36
C ASP B 30 -42.34 -4.58 35.68
N ASN B 31 -43.49 -4.72 35.02
CA ASN B 31 -44.39 -3.61 34.76
C ASN B 31 -45.13 -3.31 36.06
N ILE B 32 -45.31 -4.36 36.88
CA ILE B 32 -45.55 -4.38 38.32
C ILE B 32 -46.57 -3.33 38.77
N TYR B 33 -46.71 -2.27 37.97
CA TYR B 33 -47.68 -1.22 38.21
C TYR B 33 -48.89 -1.44 37.30
N GLU B 34 -49.28 -2.71 37.13
CA GLU B 34 -50.48 -3.07 36.42
C GLU B 34 -51.65 -2.93 37.39
N LEU B 35 -52.51 -1.94 37.14
CA LEU B 35 -53.70 -1.71 37.95
C LEU B 35 -54.88 -2.46 37.33
N ASN B 36 -55.59 -3.22 38.17
CA ASN B 36 -56.77 -3.97 37.74
C ASN B 36 -58.04 -3.23 38.16
N ASP B 37 -59.15 -3.59 37.49
CA ASP B 37 -60.47 -3.02 37.72
C ASP B 37 -60.43 -1.50 37.55
N ILE B 38 -60.14 -1.08 36.32
CA ILE B 38 -60.20 0.33 35.96
C ILE B 38 -61.56 0.56 35.30
N PRO B 39 -62.36 1.54 35.78
CA PRO B 39 -63.70 1.77 35.22
C PRO B 39 -63.63 2.39 33.82
N ASP B 40 -64.68 2.17 33.03
CA ASP B 40 -64.75 2.52 31.63
C ASP B 40 -64.74 4.04 31.43
N THR B 41 -64.76 4.80 32.53
CA THR B 41 -64.73 6.26 32.48
C THR B 41 -63.31 6.75 32.19
N TYR B 42 -62.35 5.80 32.14
CA TYR B 42 -60.93 6.09 32.10
C TYR B 42 -60.29 5.46 30.88
N ALA B 43 -59.37 6.22 30.24
CA ALA B 43 -58.48 5.68 29.23
C ALA B 43 -57.06 5.59 29.83
N VAL B 44 -56.47 4.39 29.71
CA VAL B 44 -55.13 4.10 30.21
C VAL B 44 -54.21 3.86 29.01
N PHE B 45 -53.06 4.55 28.99
CA PHE B 45 -52.15 4.46 27.85
C PHE B 45 -50.73 4.92 28.22
N LEU B 46 -49.72 4.28 27.63
CA LEU B 46 -48.36 4.80 27.54
C LEU B 46 -48.31 6.01 26.61
N ASP B 47 -47.09 6.43 26.28
CA ASP B 47 -46.89 7.27 25.10
C ASP B 47 -45.54 6.99 24.44
N ASN B 48 -45.35 5.70 24.11
CA ASN B 48 -44.43 5.23 23.08
C ASN B 48 -43.00 5.72 23.34
N GLU B 49 -42.26 4.93 24.13
CA GLU B 49 -41.03 5.32 24.80
C GLU B 49 -41.28 6.54 25.69
N SER B 50 -42.39 6.50 26.44
CA SER B 50 -42.57 7.40 27.57
C SER B 50 -42.11 6.66 28.84
N VAL B 51 -41.81 7.43 29.88
CA VAL B 51 -41.61 6.84 31.20
C VAL B 51 -42.97 6.63 31.87
N TRP B 52 -43.98 7.36 31.39
CA TRP B 52 -45.26 7.55 32.08
C TRP B 52 -46.33 6.59 31.54
N LYS B 53 -47.24 6.19 32.43
CA LYS B 53 -48.52 5.63 32.06
C LYS B 53 -49.60 6.66 32.45
N HIS B 54 -50.49 6.99 31.51
CA HIS B 54 -51.49 8.02 31.74
C HIS B 54 -52.82 7.44 32.17
N TYR B 55 -53.47 8.13 33.10
CA TYR B 55 -54.81 7.80 33.54
C TYR B 55 -55.70 9.01 33.31
N HIS B 56 -56.30 9.06 32.11
CA HIS B 56 -57.09 10.19 31.64
C HIS B 56 -58.56 9.85 31.88
N VAL B 57 -59.33 10.86 32.28
CA VAL B 57 -60.77 10.72 32.43
C VAL B 57 -61.43 11.13 31.11
N LYS B 58 -62.20 10.21 30.53
CA LYS B 58 -62.84 10.46 29.25
C LYS B 58 -63.75 11.67 29.41
N GLY B 59 -63.65 12.59 28.45
CA GLY B 59 -64.57 13.70 28.38
C GLY B 59 -64.08 14.91 29.17
N SER B 60 -63.10 14.69 30.05
CA SER B 60 -62.53 15.75 30.87
C SER B 60 -61.62 16.63 30.01
N THR B 61 -61.67 17.94 30.27
CA THR B 61 -60.65 18.87 29.80
C THR B 61 -59.98 19.48 31.02
N LEU B 62 -58.66 19.69 30.93
CA LEU B 62 -57.87 20.17 32.04
C LEU B 62 -57.30 21.55 31.70
N PRO B 63 -56.95 22.37 32.72
CA PRO B 63 -56.17 23.59 32.48
C PRO B 63 -54.81 23.25 31.88
N GLU B 64 -54.28 24.13 31.04
CA GLU B 64 -52.99 23.92 30.38
C GLU B 64 -51.83 24.05 31.38
N GLN B 65 -52.10 24.72 32.52
CA GLN B 65 -51.13 24.85 33.60
C GLN B 65 -51.85 25.13 34.91
N GLY B 66 -51.28 24.65 36.02
CA GLY B 66 -51.88 24.86 37.33
C GLY B 66 -51.05 24.26 38.45
N TRP B 67 -51.61 24.26 39.66
CA TRP B 67 -50.99 23.61 40.81
C TRP B 67 -51.20 22.10 40.71
N LYS B 68 -50.08 21.36 40.77
CA LYS B 68 -50.03 19.93 40.51
C LYS B 68 -49.36 19.21 41.68
N ILE B 69 -49.74 17.94 41.91
CA ILE B 69 -49.25 17.16 43.03
C ILE B 69 -48.28 16.10 42.53
N HIS B 70 -47.16 15.91 43.25
CA HIS B 70 -46.26 14.79 43.06
C HIS B 70 -46.23 13.94 44.32
N VAL B 71 -46.20 12.62 44.12
CA VAL B 71 -46.06 11.65 45.20
C VAL B 71 -44.79 10.86 44.96
N THR B 72 -43.91 10.81 45.97
CA THR B 72 -42.76 9.92 45.94
C THR B 72 -43.05 8.67 46.75
N SER B 73 -42.12 7.72 46.64
CA SER B 73 -42.14 6.44 47.31
C SER B 73 -40.78 5.78 47.09
N SER B 74 -40.27 5.06 48.10
CA SER B 74 -39.11 4.22 47.87
C SER B 74 -39.51 3.12 46.87
N LEU B 75 -38.50 2.45 46.32
CA LEU B 75 -38.76 1.31 45.46
C LEU B 75 -39.62 0.30 46.23
N GLU B 76 -39.25 0.04 47.49
CA GLU B 76 -39.94 -0.91 48.34
C GLU B 76 -41.46 -0.72 48.24
N ASP B 77 -41.94 0.50 48.51
CA ASP B 77 -43.34 0.73 48.81
C ASP B 77 -44.15 1.15 47.57
N SER B 78 -43.47 1.23 46.42
CA SER B 78 -43.97 1.77 45.17
C SER B 78 -45.33 1.18 44.73
N LYS B 79 -45.39 -0.14 44.56
CA LYS B 79 -46.63 -0.77 44.12
C LYS B 79 -47.75 -0.39 45.09
N ASP B 80 -47.48 -0.51 46.40
CA ASP B 80 -48.49 -0.39 47.45
C ASP B 80 -48.91 1.07 47.63
N VAL B 81 -48.00 2.00 47.36
CA VAL B 81 -48.30 3.42 47.48
C VAL B 81 -49.07 3.89 46.23
N LEU B 82 -48.94 3.15 45.12
CA LEU B 82 -49.70 3.48 43.92
C LEU B 82 -51.10 2.89 44.06
N ASP B 83 -51.16 1.63 44.49
CA ASP B 83 -52.41 0.91 44.73
C ASP B 83 -53.38 1.78 45.52
N LYS B 84 -52.85 2.77 46.25
CA LYS B 84 -53.62 3.53 47.21
C LYS B 84 -53.95 4.93 46.68
N VAL B 85 -52.96 5.60 46.08
CA VAL B 85 -53.16 6.94 45.53
C VAL B 85 -54.04 6.86 44.27
N ALA B 86 -53.83 5.80 43.48
CA ALA B 86 -54.54 5.63 42.23
C ALA B 86 -56.04 5.48 42.48
N ARG B 87 -56.40 4.60 43.42
CA ARG B 87 -57.80 4.26 43.65
C ARG B 87 -58.58 5.47 44.15
N LEU B 88 -57.84 6.42 44.77
CA LEU B 88 -58.44 7.61 45.33
C LEU B 88 -58.65 8.62 44.21
N CYS B 89 -57.75 8.59 43.21
CA CYS B 89 -57.81 9.51 42.10
C CYS B 89 -58.95 9.11 41.16
N ILE B 90 -59.15 7.78 41.05
CA ILE B 90 -60.22 7.20 40.25
C ILE B 90 -61.56 7.63 40.83
N ASP B 91 -61.65 7.61 42.16
CA ASP B 91 -62.88 7.83 42.90
C ASP B 91 -63.31 9.28 42.73
N LYS B 92 -62.34 10.20 42.77
CA LYS B 92 -62.58 11.63 42.69
C LYS B 92 -62.61 12.09 41.23
N LYS B 93 -62.29 11.17 40.31
CA LYS B 93 -62.26 11.41 38.87
C LYS B 93 -61.21 12.45 38.51
N ILE B 94 -59.98 12.26 39.01
CA ILE B 94 -58.87 13.18 38.80
C ILE B 94 -57.89 12.56 37.81
N GLU B 95 -57.16 13.41 37.07
CA GLU B 95 -56.19 12.95 36.08
C GLU B 95 -54.81 12.81 36.71
N PHE B 96 -54.16 11.67 36.42
CA PHE B 96 -52.83 11.39 36.96
C PHE B 96 -52.04 10.50 36.01
N LYS B 97 -50.74 10.37 36.32
CA LYS B 97 -49.80 9.54 35.59
C LYS B 97 -48.70 9.04 36.53
N HIS B 98 -48.09 7.90 36.18
CA HIS B 98 -47.09 7.28 37.02
C HIS B 98 -46.05 6.58 36.16
N LEU B 99 -44.82 6.44 36.70
CA LEU B 99 -43.77 5.67 36.05
C LEU B 99 -44.29 4.26 35.79
N LYS B 100 -43.95 3.71 34.60
CA LYS B 100 -44.71 2.62 34.02
C LYS B 100 -44.22 1.31 34.60
N ASP B 101 -42.90 1.19 34.73
CA ASP B 101 -42.28 -0.07 35.12
C ASP B 101 -41.11 0.24 36.07
N LYS B 102 -40.60 -0.84 36.67
CA LYS B 102 -39.51 -0.81 37.62
C LYS B 102 -38.33 -0.06 36.99
N ASP B 103 -38.07 -0.36 35.70
CA ASP B 103 -36.94 0.20 34.98
C ASP B 103 -37.05 1.71 34.88
N SER B 104 -38.27 2.23 34.67
CA SER B 104 -38.46 3.65 34.54
C SER B 104 -38.31 4.34 35.89
N PHE B 105 -38.73 3.63 36.94
CA PHE B 105 -38.51 4.06 38.31
C PHE B 105 -37.02 4.26 38.57
N MET B 106 -36.22 3.25 38.17
CA MET B 106 -34.78 3.24 38.38
C MET B 106 -34.10 4.38 37.63
N LYS B 107 -34.52 4.60 36.38
CA LYS B 107 -33.90 5.58 35.51
C LYS B 107 -34.08 6.97 36.11
N MET B 108 -35.20 7.16 36.82
CA MET B 108 -35.58 8.46 37.34
C MET B 108 -34.98 8.67 38.72
N ASN B 109 -34.53 7.58 39.37
CA ASN B 109 -34.14 7.62 40.76
C ASN B 109 -32.76 7.01 40.99
N SER B 110 -31.95 6.89 39.93
CA SER B 110 -30.62 6.29 40.08
C SER B 110 -29.61 7.37 40.50
N LYS B 111 -28.42 6.94 40.92
CA LYS B 111 -27.35 7.89 41.20
C LYS B 111 -27.15 8.70 39.93
N ASN B 112 -26.88 10.00 40.11
CA ASN B 112 -26.60 10.87 38.97
C ASN B 112 -27.61 10.60 37.84
N ALA B 113 -28.90 10.51 38.20
CA ALA B 113 -29.98 10.71 37.25
C ALA B 113 -30.02 12.20 36.92
N ASN B 114 -31.09 12.87 37.35
CA ASN B 114 -31.20 14.32 37.28
C ASN B 114 -31.95 14.82 38.50
N ARG B 115 -31.25 15.60 39.33
CA ARG B 115 -31.73 16.05 40.63
C ARG B 115 -33.07 16.75 40.44
N ALA B 116 -33.20 17.45 39.30
CA ALA B 116 -34.29 18.36 39.02
C ALA B 116 -35.60 17.65 38.69
N SER B 117 -35.63 16.31 38.68
CA SER B 117 -36.90 15.67 38.38
C SER B 117 -36.98 14.27 38.98
N SER B 118 -35.97 13.88 39.75
CA SER B 118 -35.97 12.61 40.44
C SER B 118 -36.98 12.64 41.60
N GLY B 119 -37.51 11.47 41.94
CA GLY B 119 -38.46 11.33 43.03
C GLY B 119 -39.91 11.37 42.55
N LYS B 120 -40.16 12.04 41.41
CA LYS B 120 -41.51 12.11 40.84
C LYS B 120 -41.94 10.73 40.34
N PHE B 121 -42.82 10.08 41.10
CA PHE B 121 -43.30 8.74 40.80
C PHE B 121 -44.72 8.84 40.26
N ILE B 122 -45.58 9.59 40.95
CA ILE B 122 -46.94 9.87 40.54
C ILE B 122 -47.09 11.39 40.39
N THR B 123 -47.73 11.81 39.29
CA THR B 123 -48.09 13.20 39.05
C THR B 123 -49.62 13.29 38.98
N ILE B 124 -50.22 14.18 39.80
CA ILE B 124 -51.66 14.37 39.85
C ILE B 124 -52.00 15.74 39.24
N TYR B 125 -53.14 15.80 38.55
CA TYR B 125 -53.60 17.03 37.90
C TYR B 125 -54.99 17.39 38.41
N PRO B 126 -55.07 18.22 39.50
CA PRO B 126 -56.34 18.75 39.98
C PRO B 126 -56.80 19.86 39.04
N THR B 127 -58.13 19.94 38.85
CA THR B 127 -58.78 20.83 37.90
C THR B 127 -58.70 22.29 38.33
N ASN B 128 -58.65 22.55 39.65
CA ASN B 128 -58.63 23.90 40.19
C ASN B 128 -58.02 23.91 41.58
N ASN B 129 -57.66 25.13 42.04
CA ASN B 129 -56.96 25.41 43.29
C ASN B 129 -57.73 24.82 44.48
N GLU B 130 -59.05 24.62 44.31
CA GLU B 130 -59.92 24.09 45.36
C GLU B 130 -59.67 22.59 45.54
N VAL B 131 -59.75 21.83 44.45
CA VAL B 131 -59.59 20.39 44.50
C VAL B 131 -58.12 20.05 44.73
N PHE B 132 -57.24 21.03 44.48
CA PHE B 132 -55.81 20.89 44.71
C PHE B 132 -55.51 20.75 46.21
N VAL B 133 -55.95 21.74 47.01
CA VAL B 133 -55.74 21.70 48.45
C VAL B 133 -56.50 20.52 49.02
N GLU B 134 -57.65 20.20 48.40
CA GLU B 134 -58.50 19.09 48.79
C GLU B 134 -57.70 17.79 48.71
N LEU B 135 -57.02 17.62 47.56
CA LEU B 135 -56.28 16.41 47.25
C LEU B 135 -55.02 16.31 48.10
N LEU B 136 -54.38 17.46 48.33
CA LEU B 136 -53.16 17.59 49.13
C LEU B 136 -53.35 16.94 50.50
N GLU B 137 -54.58 17.01 51.03
CA GLU B 137 -54.89 16.52 52.36
C GLU B 137 -55.17 15.02 52.29
N MET B 138 -56.06 14.62 51.36
CA MET B 138 -56.64 13.29 51.34
C MET B 138 -55.58 12.25 50.99
N ILE B 139 -54.63 12.65 50.14
CA ILE B 139 -53.62 11.73 49.65
C ILE B 139 -52.61 11.48 50.77
N SER B 140 -52.15 12.58 51.41
CA SER B 140 -51.25 12.48 52.54
C SER B 140 -51.91 11.70 53.67
N LEU B 141 -53.25 11.71 53.69
CA LEU B 141 -54.04 11.04 54.71
C LEU B 141 -54.11 9.53 54.45
N ALA B 142 -53.95 9.14 53.18
CA ALA B 142 -54.21 7.76 52.78
C ALA B 142 -52.90 6.96 52.71
N ILE B 143 -51.76 7.65 52.72
CA ILE B 143 -50.43 7.04 52.60
C ILE B 143 -49.49 7.52 53.71
N GLN B 144 -50.01 7.87 54.89
CA GLN B 144 -49.17 8.46 55.93
C GLN B 144 -48.40 7.37 56.68
N ASP B 145 -48.88 6.14 56.56
CA ASP B 145 -48.31 4.98 57.23
C ASP B 145 -47.25 4.34 56.34
N PHE B 146 -46.66 5.16 55.45
CA PHE B 146 -45.64 4.69 54.51
C PHE B 146 -44.31 5.39 54.79
N LYS B 147 -43.24 4.59 54.71
CA LYS B 147 -41.86 5.05 54.84
C LYS B 147 -41.64 6.22 53.90
N LYS B 148 -40.79 7.18 54.28
CA LYS B 148 -40.44 8.27 53.38
C LYS B 148 -39.66 7.75 52.18
N GLY B 149 -39.97 8.30 51.00
CA GLY B 149 -39.23 8.05 49.78
C GLY B 149 -38.30 9.24 49.50
N PRO B 150 -37.55 9.22 48.38
CA PRO B 150 -36.59 10.28 48.06
C PRO B 150 -37.28 11.64 47.90
N TYR B 151 -36.71 12.64 48.57
CA TYR B 151 -37.20 14.00 48.49
C TYR B 151 -37.16 14.47 47.03
N ILE B 152 -38.20 15.22 46.61
CA ILE B 152 -38.25 15.83 45.30
C ILE B 152 -37.69 17.24 45.41
N LEU B 153 -36.46 17.43 44.93
CA LEU B 153 -35.75 18.68 45.11
C LEU B 153 -36.47 19.83 44.44
N ASN B 154 -37.34 19.53 43.46
CA ASN B 154 -37.91 20.56 42.58
C ASN B 154 -39.25 21.04 43.12
N ASP B 155 -39.75 20.35 44.14
CA ASP B 155 -41.06 20.63 44.70
C ASP B 155 -40.90 21.21 46.10
N LYS B 156 -42.01 21.78 46.59
CA LYS B 156 -42.21 22.06 48.00
C LYS B 156 -42.95 20.87 48.58
N ARG B 157 -42.52 20.43 49.77
CA ARG B 157 -43.17 19.30 50.43
C ARG B 157 -44.35 19.80 51.26
N TRP B 158 -45.39 18.96 51.34
CA TRP B 158 -46.49 19.19 52.26
C TRP B 158 -46.19 18.44 53.55
N LYS B 159 -46.20 19.17 54.67
CA LYS B 159 -45.76 18.70 55.98
C LYS B 159 -44.59 17.72 55.86
N ASN B 160 -44.78 16.49 56.35
CA ASN B 160 -43.73 15.48 56.37
C ASN B 160 -44.22 14.22 55.67
N SER B 161 -44.98 14.44 54.59
CA SER B 161 -45.56 13.36 53.83
C SER B 161 -44.68 13.03 52.62
N ASN B 162 -45.11 12.02 51.87
CA ASN B 162 -44.48 11.70 50.61
C ASN B 162 -45.04 12.59 49.51
N VAL B 163 -45.97 13.46 49.90
CA VAL B 163 -46.71 14.30 48.97
C VAL B 163 -46.03 15.66 48.85
N PHE B 164 -45.73 16.03 47.60
CA PHE B 164 -45.17 17.33 47.27
C PHE B 164 -46.11 18.03 46.27
N TYR B 165 -45.73 19.26 45.88
CA TYR B 165 -46.53 20.04 44.96
C TYR B 165 -45.65 21.11 44.29
N ARG B 166 -46.19 21.77 43.26
CA ARG B 166 -45.48 22.78 42.49
C ARG B 166 -46.44 23.35 41.46
N TYR B 167 -46.17 24.59 40.98
CA TYR B 167 -46.92 25.17 39.87
C TYR B 167 -46.13 24.92 38.58
N GLY B 168 -46.83 24.42 37.55
CA GLY B 168 -46.23 24.16 36.25
C GLY B 168 -47.27 23.75 35.21
N GLY B 169 -46.81 23.57 33.96
CA GLY B 169 -47.67 23.19 32.85
C GLY B 169 -48.22 21.78 33.01
N PHE B 170 -49.31 21.49 32.30
CA PHE B 170 -50.01 20.23 32.39
C PHE B 170 -49.74 19.39 31.14
N LYS B 171 -49.89 20.00 29.96
CA LYS B 171 -49.30 19.48 28.73
C LYS B 171 -48.70 20.65 27.97
N GLY B 172 -47.43 20.94 28.26
CA GLY B 172 -46.79 22.18 27.84
C GLY B 172 -46.48 22.20 26.35
N ILE B 173 -47.03 23.19 25.64
CA ILE B 173 -46.72 23.43 24.24
C ILE B 173 -45.26 23.88 24.15
N PHE B 174 -44.68 23.72 22.94
CA PHE B 174 -43.30 24.10 22.70
C PHE B 174 -43.29 25.28 21.72
N ASN B 175 -42.76 26.40 22.22
CA ASN B 175 -42.78 27.70 21.58
C ASN B 175 -41.80 27.76 20.41
N GLU B 176 -41.08 28.89 20.26
CA GLU B 176 -40.13 29.13 19.18
C GLU B 176 -38.86 28.29 19.39
N HIS B 177 -38.46 28.09 20.65
CA HIS B 177 -37.24 27.37 20.99
C HIS B 177 -37.53 25.87 21.10
N GLY B 178 -38.75 25.54 21.55
CA GLY B 178 -39.19 24.17 21.66
C GLY B 178 -38.88 23.52 23.00
N GLU B 179 -38.63 24.35 24.03
CA GLU B 179 -38.33 23.88 25.38
C GLU B 179 -39.59 23.96 26.25
N HIS B 180 -39.49 23.42 27.47
CA HIS B 180 -40.60 23.32 28.41
C HIS B 180 -40.72 24.62 29.21
N CYS B 181 -41.60 25.53 28.77
CA CYS B 181 -41.98 26.71 29.55
C CYS B 181 -43.48 26.96 29.41
N ILE B 182 -43.94 28.07 30.01
CA ILE B 182 -45.35 28.38 30.17
C ILE B 182 -45.53 29.90 30.16
N GLN B 193 -36.86 26.07 34.26
CA GLN B 193 -38.03 25.56 35.04
C GLN B 193 -37.63 24.35 35.90
N ARG B 194 -36.83 23.43 35.36
CA ARG B 194 -36.40 22.27 36.14
C ARG B 194 -35.09 22.56 36.86
N ASN B 195 -35.20 22.86 38.16
CA ASN B 195 -34.07 23.23 38.99
C ASN B 195 -34.06 22.40 40.27
N PRO B 196 -32.87 22.06 40.82
CA PRO B 196 -32.77 21.26 42.04
C PRO B 196 -33.27 21.91 43.35
N PHE B 197 -33.99 23.04 43.22
CA PHE B 197 -34.59 23.72 44.35
C PHE B 197 -36.06 24.01 44.03
N TYR B 198 -36.74 24.73 44.93
CA TYR B 198 -38.12 25.12 44.68
C TYR B 198 -38.19 26.55 44.13
N GLN B 199 -38.95 26.70 43.04
CA GLN B 199 -39.22 27.99 42.43
C GLN B 199 -40.71 28.08 42.10
N VAL B 200 -41.18 29.33 41.95
CA VAL B 200 -42.56 29.63 41.60
C VAL B 200 -42.54 30.92 40.76
N PRO B 201 -43.34 31.00 39.68
CA PRO B 201 -43.50 32.28 38.95
C PRO B 201 -44.12 33.35 39.82
N ASP B 202 -43.81 34.62 39.52
CA ASP B 202 -44.16 35.75 40.36
C ASP B 202 -45.66 36.02 40.28
N PHE B 203 -46.28 35.71 39.13
CA PHE B 203 -47.72 35.86 39.00
C PHE B 203 -48.39 34.59 39.51
N VAL B 204 -49.47 34.76 40.29
CA VAL B 204 -50.13 33.71 41.06
C VAL B 204 -49.17 33.13 42.10
N LYS B 205 -48.20 33.96 42.52
CA LYS B 205 -47.32 33.69 43.65
C LYS B 205 -48.12 33.86 44.94
N ASP B 206 -49.26 34.53 44.81
CA ASP B 206 -50.25 34.77 45.85
C ASP B 206 -50.65 33.44 46.51
N PHE B 207 -50.98 32.44 45.68
CA PHE B 207 -51.55 31.19 46.18
C PHE B 207 -50.51 30.42 46.98
N ASP B 208 -49.22 30.68 46.70
CA ASP B 208 -48.13 30.00 47.39
C ASP B 208 -48.11 30.44 48.85
N ASP B 209 -48.43 31.72 49.08
CA ASP B 209 -48.46 32.29 50.42
C ASP B 209 -49.59 31.64 51.22
N TYR B 210 -50.66 31.26 50.50
CA TYR B 210 -51.82 30.62 51.10
C TYR B 210 -51.42 29.26 51.66
N LEU B 211 -50.54 28.56 50.93
CA LEU B 211 -50.33 27.14 51.15
C LEU B 211 -49.36 26.92 52.30
N ASN B 212 -48.25 27.67 52.27
CA ASN B 212 -47.21 27.49 53.26
C ASN B 212 -47.64 28.07 54.60
N THR B 213 -48.96 28.22 54.78
CA THR B 213 -49.53 28.59 56.08
C THR B 213 -50.33 27.43 56.66
N ILE B 214 -50.48 26.33 55.90
CA ILE B 214 -50.93 25.06 56.44
C ILE B 214 -49.74 24.07 56.42
N SER B 226 -25.82 22.33 62.68
CA SER B 226 -25.43 21.94 64.05
C SER B 226 -24.03 21.33 64.05
N ARG B 227 -23.92 20.08 63.61
CA ARG B 227 -22.63 19.43 63.45
C ARG B 227 -22.00 19.88 62.13
N LEU B 228 -22.85 20.18 61.15
CA LEU B 228 -22.40 20.67 59.85
C LEU B 228 -22.10 22.17 59.95
N GLY B 229 -22.70 22.80 60.96
CA GLY B 229 -22.49 24.21 61.24
C GLY B 229 -21.09 24.48 61.77
N LYS B 230 -20.34 23.40 62.03
CA LYS B 230 -18.97 23.47 62.53
C LYS B 230 -17.97 23.41 61.37
N TYR B 231 -18.46 23.69 60.15
CA TYR B 231 -17.67 23.76 58.93
C TYR B 231 -18.16 24.92 58.07
N LYS B 232 -17.25 25.54 57.32
CA LYS B 232 -17.62 26.49 56.28
C LYS B 232 -17.55 25.81 54.92
N ILE B 233 -18.71 25.78 54.22
CA ILE B 233 -18.83 25.20 52.89
C ILE B 233 -18.38 26.23 51.85
N GLU B 234 -17.19 26.02 51.28
CA GLU B 234 -16.65 26.91 50.26
C GLU B 234 -17.47 26.73 48.98
N THR B 235 -17.39 25.52 48.41
CA THR B 235 -18.03 25.20 47.15
C THR B 235 -18.32 23.71 47.05
N ALA B 236 -19.15 23.36 46.05
CA ALA B 236 -19.49 21.98 45.73
C ALA B 236 -18.60 21.50 44.58
N LEU B 237 -17.93 20.37 44.82
CA LEU B 237 -17.07 19.78 43.82
C LEU B 237 -17.94 19.13 42.75
N SER B 238 -18.80 18.20 43.18
CA SER B 238 -19.67 17.48 42.27
C SER B 238 -21.06 17.36 42.88
N PHE B 239 -22.05 17.26 41.99
CA PHE B 239 -23.40 16.92 42.41
C PHE B 239 -23.78 15.57 41.81
N SER B 240 -24.81 14.95 42.40
CA SER B 240 -25.48 13.83 41.79
C SER B 240 -26.83 13.66 42.49
N ASN B 241 -27.62 12.69 42.01
CA ASN B 241 -28.90 12.41 42.60
C ASN B 241 -28.71 11.91 44.03
N ALA B 242 -27.55 11.31 44.30
CA ALA B 242 -27.26 10.66 45.57
C ALA B 242 -26.97 11.71 46.65
N GLY B 243 -26.49 12.88 46.19
CA GLY B 243 -26.19 14.01 47.06
C GLY B 243 -25.08 14.87 46.48
N GLY B 244 -24.70 15.92 47.23
CA GLY B 244 -23.57 16.75 46.87
C GLY B 244 -22.26 16.23 47.45
N VAL B 245 -21.16 16.65 46.82
CA VAL B 245 -19.83 16.48 47.39
C VAL B 245 -19.22 17.87 47.51
N TYR B 246 -18.79 18.21 48.73
CA TYR B 246 -18.49 19.59 49.06
C TYR B 246 -17.06 19.76 49.55
N LEU B 247 -16.38 20.78 49.02
CA LEU B 247 -15.13 21.26 49.58
C LEU B 247 -15.46 22.19 50.75
N ALA B 248 -14.97 21.82 51.94
CA ALA B 248 -15.28 22.56 53.16
C ALA B 248 -14.01 22.74 54.00
N THR B 249 -13.95 23.88 54.69
CA THR B 249 -12.90 24.16 55.67
C THR B 249 -13.54 24.12 57.06
N ARG B 250 -12.97 23.31 57.96
CA ARG B 250 -13.48 23.20 59.32
C ARG B 250 -13.43 24.56 59.99
N LYS B 251 -14.55 24.90 60.66
CA LYS B 251 -14.75 26.21 61.24
C LYS B 251 -13.67 26.46 62.28
N LYS B 252 -12.80 27.43 61.98
CA LYS B 252 -11.71 27.89 62.84
C LYS B 252 -10.84 26.71 63.26
N ASP B 253 -9.87 26.42 62.38
CA ASP B 253 -8.94 25.31 62.42
C ASP B 253 -8.26 25.30 61.04
N ASN B 254 -9.05 25.62 60.01
CA ASN B 254 -8.60 25.83 58.63
C ASN B 254 -8.22 24.51 57.96
N LEU B 255 -8.64 23.39 58.54
CA LEU B 255 -8.44 22.09 57.92
C LEU B 255 -9.49 21.89 56.82
N LYS B 256 -9.01 21.67 55.59
CA LYS B 256 -9.86 21.38 54.45
C LYS B 256 -10.42 19.97 54.64
N VAL B 257 -11.72 19.81 54.35
CA VAL B 257 -12.35 18.49 54.39
C VAL B 257 -13.22 18.28 53.15
N ILE B 258 -13.56 17.02 52.93
CA ILE B 258 -14.52 16.64 51.91
C ILE B 258 -15.79 16.22 52.65
N ILE B 259 -16.93 16.82 52.29
CA ILE B 259 -18.20 16.47 52.91
C ILE B 259 -19.13 15.85 51.86
N LYS B 260 -19.47 14.59 52.10
CA LYS B 260 -20.25 13.78 51.17
C LYS B 260 -21.67 13.57 51.71
N GLU B 261 -22.64 14.24 51.08
CA GLU B 261 -24.05 14.07 51.39
C GLU B 261 -24.56 12.73 50.87
N ALA B 262 -25.52 12.15 51.59
CA ALA B 262 -26.36 11.07 51.09
C ALA B 262 -27.80 11.32 51.49
N ARG B 263 -28.64 11.69 50.50
CA ARG B 263 -30.07 11.83 50.74
C ARG B 263 -30.72 10.45 50.70
N PRO B 264 -31.47 10.05 51.76
CA PRO B 264 -31.99 8.69 51.88
C PRO B 264 -32.98 8.32 50.78
N SER B 265 -32.97 7.02 50.41
CA SER B 265 -33.88 6.39 49.47
C SER B 265 -33.71 6.94 48.05
N ALA B 266 -32.76 7.87 47.87
CA ALA B 266 -32.43 8.46 46.58
C ALA B 266 -31.17 7.83 45.99
N GLY B 267 -31.07 7.90 44.66
CA GLY B 267 -29.85 7.56 43.91
C GLY B 267 -29.54 6.07 43.95
N LEU B 268 -30.39 5.26 43.29
CA LEU B 268 -30.35 3.81 43.39
C LEU B 268 -29.26 3.22 42.48
N ASP B 269 -28.90 1.96 42.77
CA ASP B 269 -27.82 1.22 42.14
C ASP B 269 -28.41 0.09 41.31
N GLY B 270 -27.57 -0.53 40.46
CA GLY B 270 -27.87 -1.85 39.95
C GLY B 270 -28.31 -2.83 41.06
N ALA B 271 -27.71 -2.69 42.24
CA ALA B 271 -27.99 -3.56 43.38
C ALA B 271 -29.22 -3.05 44.13
N ALA B 272 -29.72 -1.89 43.70
CA ALA B 272 -30.87 -1.23 44.30
C ALA B 272 -30.51 -0.78 45.72
N GLN B 273 -29.31 -0.20 45.85
CA GLN B 273 -28.87 0.38 47.11
C GLN B 273 -28.84 1.89 46.93
N ASP B 274 -29.41 2.62 47.90
CA ASP B 274 -29.55 4.06 47.85
C ASP B 274 -28.23 4.73 48.24
N ALA B 275 -28.22 6.08 48.23
CA ALA B 275 -27.05 6.88 48.57
C ALA B 275 -26.54 6.60 49.98
N LEU B 276 -27.49 6.32 50.89
CA LEU B 276 -27.21 6.09 52.30
C LEU B 276 -26.46 4.77 52.47
N ALA B 277 -27.08 3.68 51.99
CA ALA B 277 -26.53 2.34 52.11
C ALA B 277 -25.08 2.30 51.63
N ARG B 278 -24.78 3.10 50.59
CA ARG B 278 -23.46 3.18 49.98
C ARG B 278 -22.52 3.93 50.93
N GLN B 279 -23.06 4.96 51.60
CA GLN B 279 -22.27 5.79 52.48
C GLN B 279 -21.82 5.00 53.73
N LYS B 280 -22.72 4.14 54.23
CA LYS B 280 -22.43 3.31 55.39
C LYS B 280 -21.36 2.28 55.05
N ILE B 281 -21.19 2.01 53.76
CA ILE B 281 -20.21 1.02 53.32
C ILE B 281 -18.85 1.72 53.18
N GLU B 282 -18.89 2.97 52.72
CA GLU B 282 -17.73 3.83 52.69
C GLU B 282 -17.20 4.03 54.12
N TYR B 283 -18.13 4.21 55.08
CA TYR B 283 -17.80 4.44 56.48
C TYR B 283 -17.06 3.23 57.06
N ASP B 284 -17.71 2.05 57.05
CA ASP B 284 -17.15 0.82 57.59
C ASP B 284 -15.72 0.60 57.10
N ALA B 285 -15.50 0.87 55.82
CA ALA B 285 -14.22 0.58 55.18
C ALA B 285 -13.15 1.58 55.61
N LEU B 286 -13.50 2.87 55.68
CA LEU B 286 -12.54 3.94 55.96
C LEU B 286 -11.98 3.80 57.38
N LYS B 287 -12.81 3.31 58.31
CA LYS B 287 -12.37 2.96 59.65
C LYS B 287 -11.47 1.74 59.59
N LYS B 288 -11.99 0.65 59.00
CA LYS B 288 -11.28 -0.61 58.98
C LYS B 288 -9.91 -0.47 58.34
N LEU B 289 -9.66 0.66 57.65
CA LEU B 289 -8.38 0.95 57.01
C LEU B 289 -7.83 2.30 57.45
N LYS B 290 -8.20 2.74 58.67
CA LYS B 290 -7.86 4.05 59.19
C LYS B 290 -6.35 4.18 59.36
N ASP B 291 -5.67 3.02 59.48
CA ASP B 291 -4.25 2.96 59.79
C ASP B 291 -3.42 2.70 58.54
N VAL B 292 -4.06 2.46 57.39
CA VAL B 292 -3.34 2.47 56.13
C VAL B 292 -3.25 3.92 55.65
N SER B 293 -2.01 4.40 55.44
CA SER B 293 -1.75 5.81 55.25
C SER B 293 -2.10 6.24 53.82
N GLY B 294 -2.15 5.24 52.90
CA GLY B 294 -2.52 5.48 51.52
C GLY B 294 -4.01 5.85 51.38
N VAL B 295 -4.86 5.15 52.14
CA VAL B 295 -6.30 5.37 52.16
C VAL B 295 -6.58 6.76 52.72
N VAL B 296 -7.61 7.41 52.17
CA VAL B 296 -8.07 8.69 52.67
C VAL B 296 -8.55 8.46 54.09
N ASN B 297 -8.43 9.48 54.95
CA ASN B 297 -8.78 9.34 56.35
C ASN B 297 -10.13 9.96 56.63
N LEU B 298 -10.94 9.19 57.37
CA LEU B 298 -12.23 9.61 57.89
C LEU B 298 -12.00 10.64 59.00
N ILE B 299 -12.78 11.73 58.98
CA ILE B 299 -12.80 12.69 60.08
C ILE B 299 -13.98 12.37 60.99
N GLU B 300 -15.20 12.53 60.48
CA GLU B 300 -16.40 12.20 61.25
C GLU B 300 -17.55 11.83 60.32
N TYR B 301 -18.64 11.33 60.92
CA TYR B 301 -19.84 10.91 60.22
C TYR B 301 -21.08 11.23 61.08
N PHE B 302 -21.94 12.13 60.58
CA PHE B 302 -23.05 12.61 61.38
C PHE B 302 -24.34 12.70 60.58
N GLN B 303 -25.37 13.31 61.19
CA GLN B 303 -26.70 13.48 60.64
C GLN B 303 -27.05 14.97 60.62
N GLU B 304 -27.88 15.39 59.65
CA GLU B 304 -28.43 16.74 59.64
C GLU B 304 -29.91 16.70 59.22
N TRP B 305 -30.43 17.82 58.68
CA TRP B 305 -31.85 18.00 58.45
C TRP B 305 -32.54 16.64 58.35
N GLU B 306 -32.27 15.93 57.24
CA GLU B 306 -32.80 14.59 56.98
C GLU B 306 -31.77 13.78 56.20
N HIS B 307 -30.63 14.43 55.88
CA HIS B 307 -29.53 13.87 55.12
C HIS B 307 -28.42 13.38 56.05
N TYR B 308 -27.44 12.67 55.50
CA TYR B 308 -26.33 12.11 56.24
C TYR B 308 -25.01 12.52 55.59
N PHE B 309 -24.00 12.82 56.41
CA PHE B 309 -22.80 13.49 55.93
C PHE B 309 -21.54 12.75 56.39
N LEU B 310 -20.67 12.43 55.41
CA LEU B 310 -19.40 11.80 55.70
C LEU B 310 -18.28 12.81 55.45
N VAL B 311 -17.55 13.17 56.51
CA VAL B 311 -16.44 14.10 56.42
C VAL B 311 -15.14 13.32 56.30
N GLU B 312 -14.31 13.69 55.31
CA GLU B 312 -13.07 13.00 55.00
C GLU B 312 -11.94 14.02 54.80
N GLU B 313 -10.72 13.53 55.00
CA GLU B 313 -9.47 14.19 54.60
C GLU B 313 -9.59 14.72 53.18
N PHE B 314 -9.34 16.03 52.99
CA PHE B 314 -9.18 16.57 51.65
C PHE B 314 -7.75 16.32 51.19
N ILE B 315 -7.62 15.49 50.14
CA ILE B 315 -6.32 15.21 49.51
C ILE B 315 -6.05 16.26 48.44
N GLU B 316 -4.79 16.69 48.38
CA GLU B 316 -4.36 17.76 47.50
C GLU B 316 -3.50 17.14 46.41
N GLY B 317 -4.06 17.07 45.19
CA GLY B 317 -3.42 16.37 44.07
C GLY B 317 -4.44 16.00 42.98
N ARG B 318 -4.05 15.08 42.10
CA ARG B 318 -4.85 14.77 40.92
C ARG B 318 -5.19 13.29 40.91
N ASP B 319 -6.32 12.95 40.27
CA ASP B 319 -6.59 11.56 39.96
C ASP B 319 -5.82 11.18 38.69
N LEU B 320 -5.69 9.87 38.47
CA LEU B 320 -4.81 9.37 37.42
C LEU B 320 -5.33 9.77 36.05
N ARG B 321 -6.66 9.89 35.90
CA ARG B 321 -7.29 10.45 34.72
C ARG B 321 -6.68 11.82 34.42
N GLN B 322 -6.71 12.72 35.43
CA GLN B 322 -6.21 14.09 35.31
C GLN B 322 -4.70 14.09 35.13
N TRP B 323 -4.03 13.20 35.87
CA TRP B 323 -2.59 13.12 35.79
C TRP B 323 -2.17 12.76 34.37
N ILE B 324 -2.81 11.72 33.82
CA ILE B 324 -2.56 11.25 32.46
C ILE B 324 -2.80 12.39 31.46
N ALA B 325 -3.95 13.07 31.59
CA ALA B 325 -4.32 14.14 30.68
C ALA B 325 -3.24 15.23 30.66
N GLN B 326 -2.68 15.55 31.83
CA GLN B 326 -1.80 16.70 31.99
C GLN B 326 -0.33 16.32 31.82
N GLU B 327 0.04 15.09 32.21
CA GLU B 327 1.45 14.74 32.34
C GLU B 327 1.92 13.77 31.25
N PHE B 328 0.98 13.14 30.55
CA PHE B 328 1.38 12.13 29.57
C PHE B 328 2.11 12.79 28.40
N PRO B 329 3.23 12.21 27.94
CA PRO B 329 3.95 12.78 26.79
C PRO B 329 3.30 12.36 25.48
N PHE B 330 2.26 13.11 25.08
CA PHE B 330 1.50 12.88 23.86
C PHE B 330 2.29 13.33 22.64
N PHE B 331 3.14 14.36 22.81
CA PHE B 331 3.87 14.90 21.67
C PHE B 331 5.23 14.21 21.52
N GLU B 332 5.51 13.72 20.31
CA GLU B 332 6.76 13.05 20.01
C GLU B 332 7.79 14.09 19.60
N ASP B 333 8.62 14.52 20.57
CA ASP B 333 9.82 15.30 20.35
C ASP B 333 11.03 14.36 20.33
N ASN B 334 12.08 14.76 19.61
CA ASN B 334 13.20 13.87 19.30
C ASN B 334 14.10 13.69 20.52
N ASN B 335 13.48 13.45 21.70
CA ASN B 335 14.20 13.30 22.94
C ASN B 335 13.38 12.55 24.00
N GLY B 336 12.87 11.38 23.61
CA GLY B 336 12.61 10.25 24.50
C GLY B 336 11.53 10.48 25.56
N MET B 337 11.30 9.44 26.37
CA MET B 337 10.20 9.38 27.32
C MET B 337 10.70 8.84 28.65
N SER B 338 11.94 9.19 29.01
CA SER B 338 12.60 8.65 30.20
C SER B 338 11.86 9.08 31.46
N ASN B 339 11.50 10.36 31.49
CA ASN B 339 10.92 10.97 32.69
C ASN B 339 9.63 10.26 33.06
N HIS B 340 8.81 9.92 32.07
CA HIS B 340 7.52 9.28 32.28
C HIS B 340 7.70 7.87 32.83
N ILE B 341 8.76 7.17 32.36
CA ILE B 341 9.07 5.82 32.80
C ILE B 341 9.34 5.84 34.30
N LYS B 342 10.04 6.88 34.76
CA LYS B 342 10.32 7.09 36.17
C LYS B 342 9.00 7.11 36.95
N ASP B 343 8.16 8.09 36.61
CA ASP B 343 6.97 8.40 37.39
C ASP B 343 6.02 7.22 37.41
N VAL B 344 5.87 6.53 36.27
CA VAL B 344 4.97 5.39 36.19
C VAL B 344 5.43 4.32 37.19
N LYS B 345 6.74 3.96 37.11
CA LYS B 345 7.36 2.96 37.96
C LYS B 345 7.10 3.30 39.44
N MET B 346 7.30 4.58 39.78
CA MET B 346 7.09 5.08 41.12
C MET B 346 5.64 4.86 41.56
N ILE B 347 4.69 5.39 40.77
CA ILE B 347 3.27 5.34 41.10
C ILE B 347 2.83 3.89 41.30
N LEU B 348 3.20 3.02 40.35
CA LEU B 348 2.65 1.68 40.30
C LEU B 348 3.12 0.84 41.49
N LEU B 349 4.40 0.96 41.83
CA LEU B 349 4.98 0.17 42.92
C LEU B 349 4.30 0.56 44.23
N GLN B 350 4.14 1.86 44.47
CA GLN B 350 3.40 2.35 45.63
C GLN B 350 2.04 1.67 45.72
N LEU B 351 1.34 1.69 44.58
CA LEU B 351 -0.02 1.22 44.47
C LEU B 351 -0.07 -0.27 44.76
N LEU B 352 0.97 -0.99 44.32
CA LEU B 352 1.10 -2.43 44.57
C LEU B 352 1.11 -2.72 46.07
N ASP B 353 1.83 -1.88 46.82
CA ASP B 353 1.94 -2.01 48.26
C ASP B 353 0.60 -1.71 48.90
N LEU B 354 0.02 -0.58 48.51
CA LEU B 354 -1.25 -0.08 49.03
C LEU B 354 -2.35 -1.14 48.91
N ILE B 355 -2.38 -1.87 47.79
CA ILE B 355 -3.42 -2.87 47.58
C ILE B 355 -3.21 -4.04 48.54
N ASP B 356 -1.94 -4.42 48.74
CA ASP B 356 -1.54 -5.46 49.69
C ASP B 356 -2.00 -5.10 51.10
N SER B 357 -1.72 -3.87 51.54
CA SER B 357 -2.18 -3.34 52.82
C SER B 357 -3.68 -3.54 52.98
N MET B 358 -4.45 -3.05 52.00
CA MET B 358 -5.90 -3.07 52.05
C MET B 358 -6.39 -4.50 52.23
N HIS B 359 -5.78 -5.44 51.48
CA HIS B 359 -6.18 -6.84 51.46
C HIS B 359 -5.79 -7.54 52.76
N ASN B 360 -4.84 -6.95 53.50
CA ASN B 360 -4.47 -7.48 54.81
C ASN B 360 -5.59 -7.18 55.81
N GLN B 361 -6.30 -6.05 55.64
CA GLN B 361 -7.36 -5.65 56.54
C GLN B 361 -8.70 -6.26 56.12
N GLY B 362 -8.68 -7.07 55.05
CA GLY B 362 -9.84 -7.81 54.59
C GLY B 362 -10.77 -7.01 53.68
N VAL B 363 -10.36 -5.80 53.28
CA VAL B 363 -11.20 -4.92 52.46
C VAL B 363 -10.65 -4.82 51.05
N ALA B 364 -11.54 -5.01 50.06
CA ALA B 364 -11.26 -4.69 48.68
C ALA B 364 -11.96 -3.37 48.30
N MET B 365 -11.18 -2.40 47.81
CA MET B 365 -11.79 -1.24 47.18
C MET B 365 -12.29 -1.69 45.80
N GLY B 366 -13.61 -1.79 45.65
CA GLY B 366 -14.20 -2.58 44.59
C GLY B 366 -14.38 -1.88 43.24
N ASP B 367 -13.56 -0.85 42.98
CA ASP B 367 -13.60 -0.12 41.72
C ASP B 367 -12.20 0.42 41.40
N LEU B 368 -11.25 -0.49 41.16
CA LEU B 368 -9.88 -0.03 41.03
C LEU B 368 -9.60 0.42 39.60
N GLN B 369 -9.50 1.74 39.42
CA GLN B 369 -9.43 2.35 38.10
C GLN B 369 -9.07 3.83 38.23
N PRO B 370 -8.60 4.48 37.14
CA PRO B 370 -7.93 5.79 37.24
C PRO B 370 -8.61 6.89 38.03
N ALA B 371 -9.95 6.81 38.17
CA ALA B 371 -10.71 7.87 38.82
C ALA B 371 -10.46 7.87 40.32
N ASN B 372 -10.21 6.68 40.88
CA ASN B 372 -10.20 6.46 42.32
C ASN B 372 -8.78 6.51 42.89
N ILE B 373 -7.77 6.56 42.01
CA ILE B 373 -6.38 6.65 42.44
C ILE B 373 -5.94 8.10 42.32
N MET B 374 -5.58 8.72 43.44
CA MET B 374 -5.05 10.07 43.44
C MET B 374 -3.53 10.05 43.58
N VAL B 375 -2.93 11.22 43.30
CA VAL B 375 -1.49 11.38 43.28
C VAL B 375 -1.19 12.86 43.53
N THR B 376 -0.36 13.08 44.55
CA THR B 376 0.02 14.42 45.02
C THR B 376 1.17 14.97 44.18
N GLU B 377 1.63 16.18 44.51
CA GLU B 377 2.62 16.91 43.74
C GLU B 377 3.94 16.13 43.70
N ASP B 378 4.23 15.38 44.77
CA ASP B 378 5.43 14.56 44.78
C ASP B 378 5.08 13.12 44.37
N LEU B 379 3.87 12.94 43.84
CA LEU B 379 3.37 11.67 43.31
C LEU B 379 3.19 10.62 44.41
N THR B 380 2.49 11.00 45.48
CA THR B 380 2.09 10.04 46.51
C THR B 380 0.71 9.50 46.18
N VAL B 381 0.61 8.16 46.16
CA VAL B 381 -0.58 7.43 45.74
C VAL B 381 -1.60 7.38 46.88
N ARG B 382 -2.84 7.82 46.61
CA ARG B 382 -3.97 7.71 47.53
C ARG B 382 -5.18 7.08 46.82
N ILE B 383 -6.12 6.47 47.58
CA ILE B 383 -7.40 5.98 47.08
C ILE B 383 -8.52 6.68 47.85
N ILE B 384 -9.61 7.06 47.15
CA ILE B 384 -10.56 7.99 47.75
C ILE B 384 -11.98 7.44 47.93
N ASP B 385 -12.57 6.79 46.91
CA ASP B 385 -14.00 6.49 46.99
C ASP B 385 -14.25 5.01 47.25
N PHE B 386 -14.76 4.69 48.45
CA PHE B 386 -14.85 3.30 48.88
C PHE B 386 -16.30 2.84 48.94
N GLU B 387 -17.18 3.56 48.23
CA GLU B 387 -18.61 3.30 48.20
C GLU B 387 -18.88 1.88 47.72
N THR B 388 -17.87 1.28 47.08
CA THR B 388 -17.99 0.00 46.41
C THR B 388 -17.12 -1.05 47.10
N ALA B 389 -16.54 -0.66 48.25
CA ALA B 389 -15.70 -1.54 49.06
C ALA B 389 -16.47 -2.82 49.43
N MET B 390 -15.75 -3.94 49.47
CA MET B 390 -16.34 -5.22 49.79
C MET B 390 -15.29 -6.09 50.49
N PRO B 391 -15.69 -7.04 51.37
CA PRO B 391 -14.73 -7.97 51.96
C PRO B 391 -14.06 -8.81 50.89
N VAL B 392 -12.73 -8.80 50.85
CA VAL B 392 -11.96 -9.71 50.02
C VAL B 392 -12.41 -11.14 50.32
N ASN B 393 -12.50 -11.95 49.26
CA ASN B 393 -12.93 -13.34 49.36
C ASN B 393 -14.43 -13.46 49.09
N SER B 394 -15.12 -12.32 49.04
CA SER B 394 -16.54 -12.22 48.75
C SER B 394 -16.77 -12.32 47.24
N ASP B 395 -17.75 -13.13 46.86
CA ASP B 395 -18.06 -13.35 45.46
C ASP B 395 -19.38 -12.67 45.10
N ASP B 396 -19.75 -11.62 45.86
CA ASP B 396 -20.99 -10.88 45.64
C ASP B 396 -20.88 -10.08 44.36
N ARG B 397 -21.89 -10.21 43.49
CA ARG B 397 -21.96 -9.46 42.25
C ARG B 397 -21.97 -7.97 42.62
N PRO B 398 -20.99 -7.17 42.15
CA PRO B 398 -20.85 -5.78 42.60
C PRO B 398 -21.92 -4.90 41.96
N ALA B 399 -22.15 -3.73 42.57
CA ALA B 399 -23.22 -2.86 42.15
C ALA B 399 -22.88 -2.18 40.83
N MET B 400 -21.57 -1.93 40.63
CA MET B 400 -21.07 -1.18 39.47
C MET B 400 -19.73 -1.75 39.03
N LEU B 401 -19.45 -1.63 37.73
CA LEU B 401 -18.23 -2.09 37.09
C LEU B 401 -17.77 -1.02 36.12
N THR B 402 -16.47 -0.70 36.13
CA THR B 402 -15.89 0.24 35.18
C THR B 402 -15.40 -0.53 33.96
N THR B 403 -16.17 -0.46 32.87
CA THR B 403 -15.76 -1.09 31.62
C THR B 403 -14.31 -0.68 31.40
N GLY B 404 -13.46 -1.62 31.02
CA GLY B 404 -12.10 -1.19 30.75
C GLY B 404 -11.12 -1.59 31.84
N PHE B 405 -11.61 -1.75 33.07
CA PHE B 405 -10.80 -2.18 34.20
C PHE B 405 -11.49 -3.34 34.90
N VAL B 406 -12.26 -4.12 34.14
CA VAL B 406 -12.97 -5.24 34.72
C VAL B 406 -12.91 -6.41 33.75
N SER B 407 -13.20 -7.60 34.29
CA SER B 407 -13.49 -8.76 33.46
C SER B 407 -14.53 -9.63 34.18
N HIS B 408 -15.41 -10.26 33.40
CA HIS B 408 -16.46 -11.10 33.95
C HIS B 408 -15.87 -12.45 34.33
N GLU B 409 -14.59 -12.62 34.02
CA GLU B 409 -13.82 -13.81 34.37
C GLU B 409 -13.52 -13.78 35.86
N MET B 410 -13.34 -12.58 36.42
CA MET B 410 -13.10 -12.36 37.84
C MET B 410 -14.41 -12.48 38.61
N LYS B 411 -14.44 -13.38 39.61
CA LYS B 411 -15.67 -13.70 40.30
C LYS B 411 -15.58 -13.32 41.77
N VAL B 412 -14.41 -12.84 42.21
CA VAL B 412 -14.20 -12.58 43.63
C VAL B 412 -13.59 -11.20 43.84
N SER B 413 -14.08 -10.53 44.89
CA SER B 413 -13.87 -9.12 45.18
C SER B 413 -12.39 -8.73 45.12
N GLY B 414 -11.54 -9.49 45.81
CA GLY B 414 -10.12 -9.20 45.86
C GLY B 414 -9.48 -9.28 44.47
N ALA B 415 -9.90 -10.29 43.69
CA ALA B 415 -9.37 -10.54 42.35
C ALA B 415 -9.82 -9.46 41.38
N ARG B 416 -10.96 -8.84 41.66
CA ARG B 416 -11.46 -7.71 40.88
C ARG B 416 -10.53 -6.51 41.07
N ASP B 417 -10.03 -6.34 42.30
CA ASP B 417 -9.08 -5.26 42.56
C ASP B 417 -7.82 -5.48 41.73
N TRP B 418 -7.33 -6.72 41.68
CA TRP B 418 -6.04 -7.02 41.07
C TRP B 418 -6.14 -6.85 39.55
N PHE B 419 -7.22 -7.38 38.97
CA PHE B 419 -7.47 -7.21 37.55
C PHE B 419 -7.49 -5.71 37.20
N GLY B 420 -8.18 -4.92 38.02
CA GLY B 420 -8.17 -3.48 37.90
C GLY B 420 -6.73 -2.98 37.74
N PHE B 421 -5.92 -3.31 38.74
CA PHE B 421 -4.54 -2.90 38.82
C PHE B 421 -3.77 -3.41 37.61
N LYS B 422 -3.99 -4.68 37.24
CA LYS B 422 -3.27 -5.29 36.13
C LYS B 422 -3.47 -4.46 34.87
N ARG B 423 -4.70 -3.98 34.66
CA ARG B 423 -5.02 -3.24 33.44
C ARG B 423 -4.50 -1.81 33.57
N LEU B 424 -4.60 -1.25 34.78
CA LEU B 424 -4.12 0.08 35.10
C LEU B 424 -2.62 0.18 34.87
N VAL B 425 -1.92 -0.96 35.04
CA VAL B 425 -0.49 -1.00 34.86
C VAL B 425 -0.15 -0.60 33.41
N ARG B 426 -0.79 -1.28 32.46
CA ARG B 426 -0.52 -1.02 31.05
C ARG B 426 -1.09 0.32 30.62
N TYR B 427 -2.12 0.78 31.35
CA TYR B 427 -2.87 1.97 30.99
C TYR B 427 -1.99 3.22 31.16
N LEU B 428 -1.18 3.27 32.24
CA LEU B 428 -0.37 4.45 32.47
C LEU B 428 0.73 4.53 31.42
N ALA B 429 1.04 3.38 30.79
CA ALA B 429 2.05 3.34 29.76
C ALA B 429 1.44 3.75 28.41
N LEU B 430 0.26 3.20 28.11
CA LEU B 430 -0.49 3.58 26.90
C LEU B 430 -1.94 3.81 27.30
N PRO B 431 -2.33 5.08 27.54
CA PRO B 431 -3.65 5.42 28.09
C PRO B 431 -4.74 5.33 27.03
N VAL B 432 -5.01 4.13 26.53
CA VAL B 432 -6.04 3.87 25.53
C VAL B 432 -6.96 2.81 26.13
N LEU B 433 -8.20 3.21 26.42
CA LEU B 433 -9.21 2.34 27.00
C LEU B 433 -9.43 1.13 26.11
N THR B 434 -10.02 0.11 26.71
CA THR B 434 -10.35 -1.12 26.01
C THR B 434 -11.40 -1.84 26.86
N SER B 435 -12.24 -2.69 26.27
CA SER B 435 -13.09 -3.52 27.07
C SER B 435 -12.57 -4.95 27.02
N GLU B 436 -13.06 -5.83 27.89
CA GLU B 436 -12.67 -7.24 27.86
C GLU B 436 -13.01 -7.85 26.49
N ASP B 437 -14.05 -7.33 25.84
CA ASP B 437 -14.56 -7.91 24.61
C ASP B 437 -13.58 -7.70 23.45
N LEU B 438 -12.65 -6.71 23.56
CA LEU B 438 -11.68 -6.47 22.50
C LEU B 438 -10.24 -6.59 23.02
N GLU B 439 -10.10 -6.77 24.34
CA GLU B 439 -8.80 -6.83 24.99
C GLU B 439 -8.02 -8.04 24.48
N GLY B 440 -8.75 -9.09 24.08
CA GLY B 440 -8.12 -10.27 23.50
C GLY B 440 -7.33 -9.94 22.25
N TYR B 441 -7.75 -8.90 21.52
CA TYR B 441 -7.05 -8.45 20.33
C TYR B 441 -6.03 -7.36 20.68
N LEU B 442 -6.47 -6.36 21.43
CA LEU B 442 -5.74 -5.09 21.47
C LEU B 442 -4.56 -5.14 22.44
N GLN B 443 -4.49 -6.18 23.29
CA GLN B 443 -3.32 -6.36 24.15
C GLN B 443 -2.06 -6.50 23.28
N TYR B 444 -2.18 -7.22 22.15
CA TYR B 444 -1.11 -7.32 21.18
C TYR B 444 -0.65 -5.90 20.80
N ASN B 445 -1.58 -5.11 20.23
CA ASN B 445 -1.30 -3.79 19.69
C ASN B 445 -0.65 -2.91 20.75
N HIS B 446 -1.21 -2.95 21.96
CA HIS B 446 -0.76 -2.12 23.06
C HIS B 446 0.64 -2.51 23.51
N LEU B 447 0.85 -3.79 23.83
CA LEU B 447 2.15 -4.24 24.34
C LEU B 447 3.23 -3.96 23.29
N ASN B 448 2.93 -4.27 22.03
CA ASN B 448 3.88 -4.02 20.96
C ASN B 448 4.22 -2.53 20.88
N TRP B 449 3.23 -1.69 21.14
CA TRP B 449 3.45 -0.25 21.10
C TRP B 449 4.43 0.15 22.20
N ILE B 450 4.17 -0.34 23.42
CA ILE B 450 4.99 -0.03 24.59
C ILE B 450 6.44 -0.48 24.34
N LYS B 451 6.58 -1.69 23.79
CA LYS B 451 7.87 -2.30 23.55
C LYS B 451 8.68 -1.45 22.58
N GLU B 452 8.04 -0.93 21.52
CA GLU B 452 8.72 -0.26 20.43
C GLU B 452 9.05 1.20 20.77
N ASN B 453 8.41 1.74 21.80
CA ASN B 453 8.41 3.17 22.04
C ASN B 453 9.12 3.48 23.34
N TYR B 454 9.04 2.54 24.29
CA TYR B 454 9.70 2.65 25.59
C TYR B 454 10.98 1.81 25.67
N GLY B 455 11.14 0.85 24.76
CA GLY B 455 12.26 -0.05 24.85
C GLY B 455 11.93 -1.25 25.72
N TYR B 456 12.74 -2.30 25.55
CA TYR B 456 12.49 -3.61 26.13
C TYR B 456 12.46 -3.54 27.65
N GLU B 457 13.25 -2.64 28.25
CA GLU B 457 13.38 -2.61 29.70
C GLU B 457 12.02 -2.25 30.34
N PHE B 458 11.39 -1.19 29.82
CA PHE B 458 10.12 -0.78 30.38
C PHE B 458 9.02 -1.77 30.00
N TYR B 459 9.09 -2.30 28.77
CA TYR B 459 8.16 -3.34 28.41
C TYR B 459 8.21 -4.49 29.42
N SER B 460 9.44 -4.90 29.79
CA SER B 460 9.71 -6.01 30.70
C SER B 460 9.22 -5.69 32.12
N PHE B 461 9.41 -4.44 32.54
CA PHE B 461 8.85 -4.00 33.82
C PHE B 461 7.36 -4.30 33.87
N ILE B 462 6.65 -3.80 32.83
CA ILE B 462 5.19 -3.84 32.73
C ILE B 462 4.73 -5.29 32.79
N VAL B 463 5.32 -6.13 31.93
CA VAL B 463 4.90 -7.51 31.77
C VAL B 463 5.14 -8.29 33.08
N ASP B 464 6.15 -7.88 33.84
CA ASP B 464 6.51 -8.54 35.07
C ASP B 464 5.48 -8.18 36.13
N LEU B 465 5.28 -6.87 36.31
CA LEU B 465 4.33 -6.35 37.29
C LEU B 465 2.94 -6.94 37.02
N GLN B 466 2.69 -7.24 35.74
CA GLN B 466 1.40 -7.77 35.35
C GLN B 466 1.25 -9.22 35.83
N GLU B 467 2.30 -10.03 35.66
CA GLU B 467 2.28 -11.42 36.10
C GLU B 467 2.24 -11.50 37.63
N LYS B 468 2.78 -10.45 38.28
CA LYS B 468 2.71 -10.31 39.72
C LYS B 468 1.26 -10.11 40.14
N CYS B 469 0.47 -9.46 39.29
CA CYS B 469 -0.96 -9.32 39.50
C CYS B 469 -1.65 -10.65 39.20
N ASP B 470 -1.20 -11.33 38.13
CA ASP B 470 -1.78 -12.62 37.79
C ASP B 470 -1.73 -13.57 39.00
N LYS B 471 -0.63 -13.53 39.76
CA LYS B 471 -0.48 -14.42 40.90
C LYS B 471 -1.46 -14.05 42.01
N ARG B 472 -1.60 -12.75 42.26
CA ARG B 472 -2.41 -12.29 43.38
C ARG B 472 -3.89 -12.66 43.16
N ILE B 473 -4.29 -12.82 41.90
CA ILE B 473 -5.63 -13.24 41.55
C ILE B 473 -5.79 -14.73 41.85
N LYS B 474 -4.76 -15.50 41.46
CA LYS B 474 -4.74 -16.95 41.60
C LYS B 474 -4.93 -17.33 43.07
N ASP B 475 -4.71 -16.36 43.96
CA ASP B 475 -4.91 -16.53 45.40
C ASP B 475 -6.39 -16.70 45.71
N TYR B 476 -7.26 -16.02 44.97
CA TYR B 476 -8.67 -15.90 45.35
C TYR B 476 -9.52 -16.85 44.53
N GLN B 477 -9.01 -17.26 43.35
CA GLN B 477 -9.82 -18.07 42.45
C GLN B 477 -8.91 -18.74 41.41
N THR B 478 -9.45 -19.76 40.75
CA THR B 478 -8.81 -20.40 39.61
C THR B 478 -8.70 -19.37 38.48
N PHE B 479 -7.45 -19.04 38.11
CA PHE B 479 -7.19 -18.08 37.04
C PHE B 479 -6.04 -18.58 36.16
N ILE B 480 -6.38 -18.95 34.93
CA ILE B 480 -5.41 -19.43 33.96
C ILE B 480 -5.23 -18.36 32.88
N PRO B 481 -4.32 -17.36 33.07
CA PRO B 481 -4.09 -16.32 32.06
C PRO B 481 -3.53 -16.88 30.76
N LYS B 482 -3.92 -16.26 29.64
CA LYS B 482 -3.64 -16.80 28.31
C LYS B 482 -2.22 -16.43 27.90
N GLU B 483 -1.56 -17.34 27.17
CA GLU B 483 -0.17 -17.18 26.78
C GLU B 483 -0.11 -16.50 25.41
N ILE B 484 0.50 -15.31 25.39
CA ILE B 484 0.47 -14.40 24.26
C ILE B 484 1.88 -14.30 23.67
N ASN B 485 1.97 -14.37 22.34
CA ASN B 485 3.22 -14.15 21.63
C ASN B 485 3.13 -12.90 20.73
N LEU B 486 3.90 -11.86 21.07
CA LEU B 486 3.84 -10.56 20.41
C LEU B 486 4.22 -10.61 18.93
N ASN B 487 4.93 -11.63 18.47
CA ASN B 487 5.32 -11.66 17.06
C ASN B 487 4.15 -12.08 16.17
N ASP B 488 3.03 -12.41 16.82
CA ASP B 488 1.82 -12.84 16.11
C ASP B 488 1.08 -11.63 15.56
N GLN B 489 1.42 -10.43 16.06
CA GLN B 489 0.82 -9.20 15.58
C GLN B 489 1.92 -8.28 15.05
N THR B 490 1.74 -7.82 13.81
CA THR B 490 2.66 -6.89 13.19
C THR B 490 1.87 -5.69 12.66
N SER B 491 2.52 -4.52 12.68
CA SER B 491 1.97 -3.28 12.15
C SER B 491 1.93 -3.31 10.63
N ASP B 492 0.92 -2.67 10.03
CA ASP B 492 0.86 -2.57 8.59
C ASP B 492 1.04 -1.11 8.18
N PHE B 493 1.88 -0.88 7.14
CA PHE B 493 2.20 0.45 6.65
C PHE B 493 1.84 0.58 5.18
N ASN B 494 1.13 -0.43 4.66
CA ASN B 494 0.72 -0.39 3.27
C ASN B 494 -0.76 0.00 3.21
N LEU B 495 -1.04 1.21 2.67
CA LEU B 495 -2.36 1.84 2.74
C LEU B 495 -3.37 0.97 2.00
N THR B 496 -2.99 0.56 0.79
CA THR B 496 -3.77 -0.35 -0.05
C THR B 496 -4.08 -1.64 0.67
N SER B 497 -3.11 -2.19 1.41
CA SER B 497 -3.31 -3.42 2.14
C SER B 497 -4.30 -3.20 3.27
N ILE B 498 -4.18 -2.07 3.98
CA ILE B 498 -5.08 -1.79 5.09
C ILE B 498 -6.51 -1.63 4.57
N ILE B 499 -6.66 -0.91 3.45
CA ILE B 499 -7.96 -0.67 2.86
C ILE B 499 -8.60 -2.00 2.47
N ASN B 500 -7.87 -2.83 1.72
CA ASN B 500 -8.36 -4.13 1.23
C ASN B 500 -8.78 -5.02 2.40
N LYS B 501 -8.02 -4.99 3.48
CA LYS B 501 -8.29 -5.90 4.58
C LYS B 501 -9.46 -5.41 5.45
N LEU B 502 -9.64 -4.08 5.52
CA LEU B 502 -10.76 -3.55 6.27
C LEU B 502 -12.04 -3.80 5.47
N ILE B 503 -11.97 -3.65 4.14
CA ILE B 503 -13.08 -4.00 3.26
C ILE B 503 -13.51 -5.45 3.51
N ILE B 504 -12.54 -6.38 3.58
CA ILE B 504 -12.86 -7.79 3.70
C ILE B 504 -13.51 -8.00 5.06
N GLY B 505 -13.09 -7.18 6.04
CA GLY B 505 -13.70 -7.21 7.36
C GLY B 505 -15.17 -6.81 7.32
N VAL B 506 -15.46 -5.72 6.59
CA VAL B 506 -16.82 -5.21 6.45
C VAL B 506 -17.71 -6.30 5.85
N GLU B 507 -17.25 -6.91 4.73
CA GLU B 507 -17.96 -7.97 4.04
C GLU B 507 -18.20 -9.16 4.98
N SER B 508 -17.26 -9.38 5.91
CA SER B 508 -17.34 -10.53 6.79
C SER B 508 -18.26 -10.24 7.96
N SER B 509 -18.72 -8.97 8.06
CA SER B 509 -19.45 -8.57 9.26
C SER B 509 -20.77 -7.90 8.88
N LEU B 510 -21.21 -8.09 7.63
CA LEU B 510 -22.53 -7.61 7.23
C LEU B 510 -23.57 -8.24 8.15
N THR B 511 -24.42 -7.40 8.77
CA THR B 511 -25.61 -7.87 9.45
C THR B 511 -26.57 -8.37 8.37
N ASN B 512 -27.48 -9.27 8.73
CA ASN B 512 -28.51 -9.56 7.75
C ASN B 512 -29.82 -8.91 8.18
N ASP B 513 -29.71 -7.67 8.68
CA ASP B 513 -30.86 -6.85 9.06
C ASP B 513 -30.79 -5.51 8.32
N GLU B 514 -31.54 -4.52 8.84
CA GLU B 514 -31.86 -3.30 8.10
C GLU B 514 -30.74 -2.26 8.20
N ARG B 515 -29.85 -2.42 9.19
CA ARG B 515 -28.73 -1.53 9.44
C ARG B 515 -27.61 -1.73 8.43
N PHE B 516 -27.53 -2.94 7.85
CA PHE B 516 -26.51 -3.37 6.91
C PHE B 516 -25.20 -3.70 7.63
N ILE B 517 -24.79 -2.83 8.58
CA ILE B 517 -23.55 -3.04 9.31
C ILE B 517 -23.80 -2.69 10.76
N ASN B 518 -22.90 -3.16 11.64
CA ASN B 518 -22.86 -2.73 13.03
C ASN B 518 -22.10 -1.42 13.11
N GLY B 519 -22.53 -0.55 14.02
CA GLY B 519 -21.91 0.76 14.11
C GLY B 519 -21.95 1.30 15.53
N ASP B 520 -21.93 2.62 15.62
CA ASP B 520 -21.97 3.29 16.91
C ASP B 520 -23.36 3.10 17.53
N ILE B 521 -23.44 3.33 18.85
CA ILE B 521 -24.71 3.34 19.56
C ILE B 521 -25.72 4.30 18.94
N ARG B 522 -25.26 5.34 18.25
CA ARG B 522 -26.14 6.32 17.63
C ARG B 522 -27.04 5.71 16.56
N GLN B 523 -26.76 4.47 16.12
CA GLN B 523 -27.64 3.78 15.19
C GLN B 523 -28.99 3.57 15.86
N PHE B 524 -28.98 3.47 17.20
CA PHE B 524 -30.19 3.20 17.96
C PHE B 524 -30.67 4.47 18.64
N GLU B 525 -29.75 5.38 18.98
CA GLU B 525 -30.06 6.57 19.77
C GLU B 525 -30.57 7.72 18.90
N MET B 526 -30.27 7.73 17.59
CA MET B 526 -30.55 8.95 16.84
C MET B 526 -31.44 8.61 15.64
N ASN B 527 -32.20 9.62 15.19
CA ASN B 527 -33.14 9.42 14.10
C ASN B 527 -32.37 9.17 12.82
N GLY B 528 -32.75 8.11 12.09
CA GLY B 528 -32.11 7.81 10.80
C GLY B 528 -30.78 7.09 10.96
N GLY B 529 -30.41 6.79 12.22
CA GLY B 529 -29.11 6.24 12.55
C GLY B 529 -28.83 4.86 11.95
N LYS B 530 -29.88 4.18 11.48
CA LYS B 530 -29.68 2.84 10.93
C LYS B 530 -29.42 2.92 9.43
N PHE B 531 -29.77 4.05 8.84
CA PHE B 531 -29.76 4.14 7.39
C PHE B 531 -28.78 5.20 6.88
N ASN B 532 -28.44 6.20 7.72
CA ASN B 532 -27.78 7.40 7.21
C ASN B 532 -26.28 7.15 6.97
N PHE B 533 -25.60 8.16 6.43
CA PHE B 533 -24.20 8.04 6.09
C PHE B 533 -23.33 7.97 7.33
N LEU B 534 -23.73 8.66 8.41
CA LEU B 534 -22.86 8.78 9.58
C LEU B 534 -22.71 7.43 10.30
N THR B 535 -23.83 6.79 10.65
CA THR B 535 -23.71 5.58 11.46
C THR B 535 -24.44 4.42 10.79
N GLY B 536 -25.19 4.68 9.72
CA GLY B 536 -26.07 3.64 9.19
C GLY B 536 -25.50 2.91 7.98
N GLY B 537 -26.37 2.21 7.27
CA GLY B 537 -25.94 1.29 6.24
C GLY B 537 -25.34 2.00 5.02
N SER B 538 -25.84 3.19 4.72
CA SER B 538 -25.36 3.91 3.54
C SER B 538 -23.86 4.18 3.62
N GLY B 539 -23.34 4.40 4.84
CA GLY B 539 -21.93 4.73 5.00
C GLY B 539 -21.09 3.58 4.47
N ALA B 540 -21.41 2.38 4.94
CA ALA B 540 -20.76 1.15 4.53
C ALA B 540 -21.00 0.86 3.05
N ALA B 541 -22.23 1.06 2.59
CA ALA B 541 -22.57 0.69 1.22
C ALA B 541 -21.84 1.61 0.27
N PHE B 542 -21.77 2.91 0.60
CA PHE B 542 -21.01 3.89 -0.14
C PHE B 542 -19.53 3.47 -0.24
N THR B 543 -18.93 3.14 0.92
CA THR B 543 -17.52 2.76 0.98
C THR B 543 -17.27 1.51 0.13
N LEU B 544 -18.10 0.47 0.30
CA LEU B 544 -17.97 -0.76 -0.46
C LEU B 544 -18.06 -0.49 -1.96
N THR B 545 -18.91 0.47 -2.33
CA THR B 545 -19.12 0.84 -3.73
C THR B 545 -17.86 1.46 -4.31
N LYS B 546 -17.19 2.33 -3.52
CA LYS B 546 -15.97 2.96 -3.97
C LYS B 546 -14.89 1.91 -4.25
N ASN B 547 -14.99 0.74 -3.61
CA ASN B 547 -13.94 -0.27 -3.65
C ASN B 547 -14.39 -1.46 -4.50
N LYS B 548 -15.41 -1.25 -5.35
CA LYS B 548 -16.00 -2.29 -6.20
C LYS B 548 -16.33 -3.57 -5.44
N SER B 549 -16.74 -3.50 -4.18
CA SER B 549 -16.94 -4.71 -3.40
C SER B 549 -18.41 -4.93 -3.07
N SER B 550 -18.78 -6.21 -2.90
CA SER B 550 -20.06 -6.62 -2.34
C SER B 550 -21.24 -6.01 -3.08
N ILE B 551 -21.15 -5.90 -4.42
CA ILE B 551 -22.18 -5.24 -5.19
C ILE B 551 -23.55 -5.89 -4.92
N ALA B 552 -23.61 -7.23 -4.81
CA ALA B 552 -24.90 -7.90 -4.72
C ALA B 552 -25.53 -7.58 -3.37
N GLU B 553 -24.71 -7.67 -2.31
CA GLU B 553 -25.19 -7.39 -0.97
C GLU B 553 -25.73 -5.96 -0.88
N VAL B 554 -25.07 -5.03 -1.57
CA VAL B 554 -25.43 -3.62 -1.52
C VAL B 554 -26.75 -3.43 -2.26
N ASP B 555 -26.82 -3.94 -3.49
CA ASP B 555 -28.04 -3.87 -4.29
C ASP B 555 -29.24 -4.46 -3.52
N LYS B 556 -29.05 -5.63 -2.92
CA LYS B 556 -30.11 -6.22 -2.13
C LYS B 556 -30.56 -5.23 -1.05
N TRP B 557 -29.60 -4.72 -0.24
CA TRP B 557 -29.97 -3.86 0.88
C TRP B 557 -30.62 -2.59 0.38
N ILE B 558 -30.16 -2.03 -0.76
CA ILE B 558 -30.78 -0.82 -1.26
C ILE B 558 -32.22 -1.10 -1.69
N GLN B 559 -32.48 -2.28 -2.27
CA GLN B 559 -33.81 -2.63 -2.79
C GLN B 559 -34.76 -2.99 -1.65
N SER B 560 -34.34 -3.94 -0.81
CA SER B 560 -35.20 -4.50 0.23
C SER B 560 -35.38 -3.53 1.41
N VAL B 561 -34.36 -2.71 1.67
CA VAL B 561 -34.38 -1.74 2.75
C VAL B 561 -33.96 -0.42 2.11
N LEU B 562 -34.20 0.68 2.77
CA LEU B 562 -33.62 1.95 2.31
C LEU B 562 -34.57 2.65 1.35
N LEU B 563 -34.73 2.10 0.15
CA LEU B 563 -35.72 2.72 -0.73
C LEU B 563 -37.08 2.82 -0.04
N ASP B 564 -37.45 1.77 0.70
CA ASP B 564 -38.66 1.76 1.52
C ASP B 564 -38.55 2.64 2.77
N ASN B 565 -37.34 2.88 3.26
CA ASN B 565 -37.19 3.72 4.45
C ASN B 565 -36.97 5.19 4.03
N LEU B 566 -36.55 5.42 2.77
CA LEU B 566 -36.06 6.73 2.38
C LEU B 566 -37.14 7.79 2.60
N PRO B 567 -38.39 7.56 2.11
CA PRO B 567 -39.45 8.55 2.25
C PRO B 567 -39.81 8.89 3.70
N LEU B 568 -39.37 8.06 4.65
CA LEU B 568 -39.72 8.27 6.04
C LEU B 568 -38.55 8.88 6.83
N ILE B 569 -37.41 9.15 6.18
CA ILE B 569 -36.33 9.81 6.89
C ILE B 569 -36.72 11.27 7.09
N GLU B 570 -36.71 11.70 8.35
CA GLU B 570 -37.29 12.95 8.80
C GLU B 570 -36.41 14.14 8.36
N GLU B 571 -35.09 13.99 8.42
CA GLU B 571 -34.21 15.12 8.18
C GLU B 571 -33.42 14.91 6.90
N ASP B 572 -32.90 16.02 6.37
CA ASP B 572 -32.28 16.07 5.06
C ASP B 572 -30.76 16.17 5.19
N GLY B 573 -30.24 16.24 6.42
CA GLY B 573 -28.83 16.43 6.72
C GLY B 573 -27.91 15.49 5.95
N LEU B 574 -26.72 16.01 5.60
CA LEU B 574 -25.74 15.27 4.81
C LEU B 574 -25.30 14.00 5.53
N PHE B 575 -24.98 14.08 6.83
CA PHE B 575 -24.52 12.92 7.58
C PHE B 575 -25.67 12.22 8.31
N THR B 576 -26.66 13.00 8.75
CA THR B 576 -27.67 12.45 9.63
C THR B 576 -28.96 12.08 8.88
N GLY B 577 -29.10 12.49 7.59
CA GLY B 577 -30.41 12.51 6.96
C GLY B 577 -30.35 12.17 5.46
N LYS B 578 -31.26 12.73 4.65
CA LYS B 578 -31.46 12.22 3.30
C LYS B 578 -30.26 12.43 2.36
N THR B 579 -29.53 13.55 2.48
CA THR B 579 -28.75 13.97 1.32
C THR B 579 -27.55 13.08 1.09
N GLY B 580 -26.90 12.68 2.19
CA GLY B 580 -25.85 11.67 2.14
C GLY B 580 -26.30 10.38 1.44
N ILE B 581 -27.50 9.93 1.81
CA ILE B 581 -28.10 8.74 1.22
C ILE B 581 -28.31 8.95 -0.27
N LEU B 582 -28.73 10.17 -0.66
CA LEU B 582 -29.03 10.44 -2.06
C LEU B 582 -27.76 10.36 -2.89
N ALA B 583 -26.63 10.75 -2.29
CA ALA B 583 -25.35 10.64 -2.97
C ALA B 583 -25.07 9.19 -3.34
N LEU B 584 -25.26 8.27 -2.38
CA LEU B 584 -25.10 6.84 -2.62
C LEU B 584 -26.01 6.40 -3.76
N LEU B 585 -27.29 6.81 -3.72
CA LEU B 585 -28.28 6.31 -4.67
C LEU B 585 -27.96 6.80 -6.07
N TYR B 586 -27.47 8.04 -6.17
CA TYR B 586 -27.14 8.60 -7.48
C TYR B 586 -25.96 7.86 -8.07
N ASP B 587 -24.93 7.63 -7.26
CA ASP B 587 -23.76 6.88 -7.69
C ASP B 587 -24.20 5.49 -8.16
N LYS B 588 -25.24 4.92 -7.55
CA LYS B 588 -25.68 3.56 -7.85
C LYS B 588 -26.68 3.54 -9.02
N GLY B 589 -27.06 4.72 -9.53
CA GLY B 589 -27.84 4.79 -10.76
C GLY B 589 -29.34 4.99 -10.56
N TYR B 590 -29.77 5.38 -9.35
CA TYR B 590 -31.16 5.68 -9.09
C TYR B 590 -31.45 7.15 -9.35
N LYS B 591 -31.37 7.57 -10.61
CA LYS B 591 -31.55 8.97 -10.97
C LYS B 591 -32.95 9.43 -10.60
N GLU B 592 -33.95 8.62 -11.00
CA GLU B 592 -35.35 9.00 -10.85
C GLU B 592 -35.65 9.30 -9.39
N VAL B 593 -35.29 8.37 -8.49
CA VAL B 593 -35.47 8.57 -7.07
C VAL B 593 -34.83 9.87 -6.61
N VAL B 594 -33.58 10.13 -7.01
CA VAL B 594 -32.83 11.25 -6.48
C VAL B 594 -33.49 12.54 -6.94
N LEU B 595 -33.86 12.56 -8.24
CA LEU B 595 -34.40 13.77 -8.83
C LEU B 595 -35.75 14.12 -8.21
N ASN B 596 -36.52 13.10 -7.82
CA ASN B 596 -37.81 13.36 -7.18
C ASN B 596 -37.57 13.92 -5.78
N GLU B 597 -36.59 13.35 -5.08
CA GLU B 597 -36.29 13.82 -3.73
C GLU B 597 -35.81 15.27 -3.78
N LEU B 598 -35.13 15.66 -4.87
CA LEU B 598 -34.59 16.99 -4.96
C LEU B 598 -35.72 18.02 -5.07
N LYS B 599 -36.84 17.60 -5.65
CA LYS B 599 -37.98 18.49 -5.84
C LYS B 599 -38.60 18.82 -4.49
N ILE B 600 -38.64 17.83 -3.59
CA ILE B 600 -39.24 17.91 -2.26
C ILE B 600 -38.28 18.62 -1.31
N LEU B 601 -37.01 18.77 -1.69
CA LEU B 601 -35.97 19.29 -0.82
C LEU B 601 -36.07 20.81 -0.76
N LYS B 602 -36.34 21.44 -1.90
CA LYS B 602 -36.48 22.87 -2.01
C LYS B 602 -37.49 23.38 -0.99
N ASP B 603 -38.42 22.51 -0.57
CA ASP B 603 -39.57 22.85 0.27
C ASP B 603 -39.13 23.00 1.71
N ASN B 604 -40.07 22.67 2.62
CA ASN B 604 -39.79 22.76 4.03
C ASN B 604 -38.42 22.12 4.29
N ILE B 605 -37.47 23.00 4.55
CA ILE B 605 -36.12 22.63 4.87
C ILE B 605 -35.73 23.28 6.20
N ASN B 606 -35.51 22.42 7.22
CA ASN B 606 -35.20 22.77 8.60
C ASN B 606 -34.00 23.71 8.58
N GLN B 607 -34.19 24.95 9.07
CA GLN B 607 -33.33 25.99 8.53
C GLN B 607 -32.82 26.95 9.58
N THR B 608 -32.70 26.53 10.84
CA THR B 608 -31.83 27.30 11.73
C THR B 608 -30.45 26.67 11.71
N ASP B 609 -30.39 25.37 11.45
CA ASP B 609 -29.16 24.58 11.48
C ASP B 609 -28.38 24.78 10.18
N ILE B 610 -27.12 25.18 10.32
CA ILE B 610 -26.31 25.50 9.14
C ILE B 610 -25.12 24.55 8.99
N SER B 611 -25.01 23.55 9.85
CA SER B 611 -23.81 22.75 9.99
C SER B 611 -23.62 21.83 8.77
N ILE B 612 -22.44 21.20 8.69
CA ILE B 612 -22.15 20.19 7.70
C ILE B 612 -22.83 18.88 8.13
N ARG B 613 -22.73 18.59 9.43
CA ARG B 613 -23.33 17.37 9.96
C ARG B 613 -24.77 17.20 9.48
N SER B 614 -25.60 18.24 9.65
CA SER B 614 -27.05 18.05 9.57
C SER B 614 -27.82 19.28 9.11
N GLY B 615 -27.12 20.35 8.72
CA GLY B 615 -27.79 21.60 8.40
C GLY B 615 -27.55 22.04 6.95
N LEU B 616 -27.72 23.35 6.70
CA LEU B 616 -27.83 23.85 5.34
C LEU B 616 -26.52 23.70 4.54
N SER B 617 -25.36 23.87 5.20
CA SER B 617 -24.05 23.74 4.55
C SER B 617 -23.89 22.37 3.90
N GLY B 618 -24.18 21.32 4.69
CA GLY B 618 -24.02 19.95 4.25
C GLY B 618 -24.90 19.66 3.04
N ILE B 619 -26.17 20.10 3.14
CA ILE B 619 -27.16 19.90 2.10
C ILE B 619 -26.72 20.68 0.85
N GLY B 620 -26.31 21.95 1.04
CA GLY B 620 -25.84 22.78 -0.05
C GLY B 620 -24.60 22.21 -0.77
N LEU B 621 -23.68 21.65 0.03
CA LEU B 621 -22.51 20.99 -0.52
C LEU B 621 -22.96 19.82 -1.39
N PHE B 622 -23.90 19.02 -0.87
CA PHE B 622 -24.38 17.90 -1.64
C PHE B 622 -25.01 18.40 -2.93
N VAL B 623 -25.85 19.44 -2.80
CA VAL B 623 -26.56 20.01 -3.94
C VAL B 623 -25.57 20.50 -4.98
N ILE B 624 -24.50 21.19 -4.57
CA ILE B 624 -23.50 21.64 -5.55
C ILE B 624 -22.85 20.45 -6.26
N SER B 625 -22.53 19.39 -5.52
CA SER B 625 -21.92 18.20 -6.12
C SER B 625 -22.83 17.63 -7.19
N LEU B 626 -24.14 17.60 -6.91
CA LEU B 626 -25.10 17.07 -7.87
C LEU B 626 -25.22 18.00 -9.07
N TYR B 627 -25.11 19.30 -8.82
CA TYR B 627 -25.06 20.27 -9.90
C TYR B 627 -23.89 19.97 -10.81
N LEU B 628 -22.70 19.78 -10.23
CA LEU B 628 -21.51 19.54 -11.02
C LEU B 628 -21.71 18.30 -11.90
N GLU B 629 -22.43 17.31 -11.41
CA GLU B 629 -22.54 16.03 -12.09
C GLU B 629 -23.54 16.15 -13.23
N THR B 630 -24.68 16.77 -12.92
CA THR B 630 -25.75 17.03 -13.85
C THR B 630 -25.82 18.56 -13.94
N GLU B 631 -25.39 19.16 -15.05
CA GLU B 631 -25.29 20.61 -15.06
C GLU B 631 -26.70 21.22 -15.07
N ASN B 632 -27.60 20.65 -14.25
CA ASN B 632 -28.97 21.11 -14.11
C ASN B 632 -29.04 22.39 -13.27
N LYS B 633 -29.36 23.51 -13.96
CA LYS B 633 -29.28 24.84 -13.41
C LYS B 633 -30.22 25.02 -12.23
N GLU B 634 -31.25 24.16 -12.14
CA GLU B 634 -32.19 24.22 -11.03
C GLU B 634 -31.50 23.92 -9.71
N TYR B 635 -30.42 23.14 -9.75
CA TYR B 635 -29.69 22.79 -8.54
C TYR B 635 -28.81 23.94 -8.09
N LEU B 636 -28.25 24.69 -9.05
CA LEU B 636 -27.47 25.87 -8.71
C LEU B 636 -28.38 26.90 -8.07
N LYS B 637 -29.61 27.01 -8.56
CA LYS B 637 -30.58 27.93 -7.96
C LYS B 637 -30.84 27.49 -6.53
N LEU B 638 -31.00 26.18 -6.30
CA LEU B 638 -31.21 25.64 -4.97
C LEU B 638 -30.03 25.97 -4.05
N ALA B 639 -28.80 25.79 -4.57
CA ALA B 639 -27.59 26.09 -3.81
C ALA B 639 -27.57 27.54 -3.36
N LYS B 640 -28.02 28.45 -4.24
CA LYS B 640 -28.03 29.87 -3.92
C LYS B 640 -29.13 30.20 -2.92
N ASP B 641 -30.27 29.49 -3.01
CA ASP B 641 -31.34 29.65 -2.02
C ASP B 641 -30.84 29.28 -0.61
N LEU B 642 -30.14 28.15 -0.51
CA LEU B 642 -29.60 27.67 0.75
C LEU B 642 -28.58 28.68 1.31
N GLU B 643 -27.77 29.27 0.43
CA GLU B 643 -26.80 30.28 0.84
C GLU B 643 -27.50 31.48 1.48
N ARG B 644 -28.59 31.94 0.85
CA ARG B 644 -29.39 33.07 1.35
C ARG B 644 -29.93 32.77 2.75
N MET B 645 -30.41 31.54 2.94
CA MET B 645 -30.88 31.07 4.22
C MET B 645 -29.75 31.06 5.25
N ILE B 646 -28.53 30.72 4.81
CA ILE B 646 -27.40 30.72 5.73
C ILE B 646 -27.06 32.16 6.14
N LYS B 647 -27.02 33.08 5.15
CA LYS B 647 -26.79 34.49 5.42
C LYS B 647 -27.82 35.03 6.43
N LEU B 648 -29.09 34.69 6.21
CA LEU B 648 -30.17 35.13 7.07
C LEU B 648 -29.98 34.62 8.51
N ASN B 649 -29.70 33.31 8.66
CA ASN B 649 -29.51 32.74 9.99
C ASN B 649 -28.36 33.45 10.69
N ARG B 650 -27.29 33.71 9.95
CA ARG B 650 -26.12 34.36 10.53
C ARG B 650 -26.47 35.75 11.06
N ALA B 651 -27.31 36.48 10.31
CA ALA B 651 -27.69 37.84 10.68
C ALA B 651 -28.60 37.82 11.92
N LYS B 652 -29.46 36.80 12.03
CA LYS B 652 -30.41 36.63 13.12
C LYS B 652 -29.71 36.45 14.46
N ASP B 653 -28.83 35.44 14.58
CA ASP B 653 -27.91 35.31 15.71
C ASP B 653 -26.75 34.37 15.35
N LYS B 654 -25.56 34.67 15.90
CA LYS B 654 -24.32 34.07 15.45
C LYS B 654 -24.00 32.78 16.20
N GLN B 655 -24.75 32.51 17.29
CA GLN B 655 -24.53 31.41 18.20
C GLN B 655 -25.21 30.13 17.68
N LEU B 656 -24.41 29.09 17.42
CA LEU B 656 -24.90 27.83 16.89
C LEU B 656 -25.33 26.93 18.04
N LYS B 657 -26.38 26.14 17.81
CA LYS B 657 -26.96 25.22 18.77
C LYS B 657 -26.69 23.79 18.30
N VAL B 658 -26.37 22.91 19.25
CA VAL B 658 -25.76 21.62 18.97
C VAL B 658 -26.67 20.49 19.45
N LYS B 659 -26.95 19.54 18.56
CA LYS B 659 -27.91 18.48 18.87
C LYS B 659 -27.21 17.26 19.44
N ASP B 660 -26.13 16.80 18.79
CA ASP B 660 -25.37 15.63 19.23
C ASP B 660 -24.54 15.98 20.46
N TRP B 661 -24.50 15.07 21.44
CA TRP B 661 -23.79 15.30 22.69
C TRP B 661 -22.27 15.31 22.51
N MET B 662 -21.75 14.78 21.40
CA MET B 662 -20.32 14.87 21.18
C MET B 662 -19.99 16.01 20.21
N ALA B 663 -21.01 16.78 19.80
CA ALA B 663 -20.81 17.88 18.87
C ALA B 663 -20.31 19.09 19.65
N VAL B 664 -19.50 19.89 18.98
CA VAL B 664 -18.91 21.10 19.53
C VAL B 664 -19.04 22.16 18.43
N ASP B 665 -19.48 23.37 18.80
CA ASP B 665 -19.82 24.36 17.79
C ASP B 665 -18.57 25.07 17.26
N ILE B 666 -17.45 24.34 17.13
CA ILE B 666 -16.30 24.81 16.37
C ILE B 666 -15.97 23.79 15.30
N GLY B 667 -15.44 24.29 14.18
CA GLY B 667 -14.76 23.40 13.25
C GLY B 667 -15.64 22.92 12.11
N VAL B 668 -15.20 21.85 11.44
CA VAL B 668 -15.72 21.49 10.14
C VAL B 668 -17.05 20.75 10.25
N ILE B 669 -17.29 20.03 11.36
CA ILE B 669 -18.46 19.17 11.37
C ILE B 669 -19.70 19.95 11.80
N ASP B 670 -19.56 20.73 12.88
CA ASP B 670 -20.69 21.41 13.48
C ASP B 670 -20.46 22.91 13.60
N GLY B 671 -19.50 23.46 12.84
CA GLY B 671 -19.01 24.79 13.13
C GLY B 671 -18.87 25.60 11.85
N LEU B 672 -18.24 26.78 11.98
CA LEU B 672 -18.26 27.77 10.90
C LEU B 672 -17.29 27.36 9.81
N SER B 673 -16.21 26.66 10.18
CA SER B 673 -15.25 26.08 9.23
C SER B 673 -15.98 25.22 8.21
N GLY B 674 -16.92 24.40 8.72
CA GLY B 674 -17.81 23.59 7.89
C GLY B 674 -18.59 24.40 6.87
N VAL B 675 -19.24 25.47 7.35
CA VAL B 675 -20.03 26.36 6.50
C VAL B 675 -19.13 26.99 5.44
N SER B 676 -17.86 27.16 5.76
CA SER B 676 -16.92 27.71 4.80
C SER B 676 -16.63 26.73 3.66
N LEU B 677 -16.75 25.42 3.95
CA LEU B 677 -16.66 24.45 2.86
C LEU B 677 -17.68 24.79 1.78
N PHE B 678 -18.90 25.14 2.22
CA PHE B 678 -19.98 25.43 1.29
C PHE B 678 -19.67 26.67 0.47
N TYR B 679 -19.22 27.75 1.13
CA TYR B 679 -18.87 28.98 0.44
C TYR B 679 -17.80 28.74 -0.62
N SER B 680 -16.76 27.96 -0.25
CA SER B 680 -15.69 27.67 -1.17
C SER B 680 -16.22 26.94 -2.41
N ALA B 681 -17.08 25.94 -2.16
CA ALA B 681 -17.64 25.15 -3.25
C ALA B 681 -18.50 26.05 -4.13
N LEU B 682 -19.30 26.91 -3.47
CA LEU B 682 -20.19 27.80 -4.20
C LEU B 682 -19.36 28.75 -5.06
N TYR B 683 -18.24 29.23 -4.50
CA TYR B 683 -17.33 30.04 -5.28
C TYR B 683 -16.90 29.33 -6.56
N SER B 684 -16.54 28.04 -6.45
CA SER B 684 -16.01 27.31 -7.58
C SER B 684 -17.00 27.27 -8.74
N VAL B 685 -18.31 27.16 -8.44
CA VAL B 685 -19.30 27.00 -9.49
C VAL B 685 -19.85 28.35 -9.94
N THR B 686 -19.30 29.45 -9.40
CA THR B 686 -19.93 30.76 -9.51
C THR B 686 -18.91 31.82 -9.98
N GLN B 687 -17.65 31.66 -9.58
CA GLN B 687 -16.56 32.57 -9.88
C GLN B 687 -16.81 33.93 -9.24
N ASN B 688 -17.64 33.97 -8.18
CA ASN B 688 -18.08 35.18 -7.53
C ASN B 688 -17.33 35.36 -6.20
N GLN B 689 -16.46 36.35 -6.18
CA GLN B 689 -15.51 36.63 -5.12
C GLN B 689 -16.19 36.75 -3.75
N LYS B 690 -17.44 37.22 -3.73
CA LYS B 690 -18.16 37.41 -2.48
C LYS B 690 -18.11 36.11 -1.67
N TYR B 691 -18.41 34.98 -2.32
CA TYR B 691 -18.52 33.69 -1.63
C TYR B 691 -17.17 33.30 -1.06
N LEU B 692 -16.12 33.60 -1.83
CA LEU B 692 -14.77 33.36 -1.38
C LEU B 692 -14.45 34.20 -0.16
N GLU B 693 -14.91 35.46 -0.15
CA GLU B 693 -14.60 36.32 0.98
C GLU B 693 -15.31 35.80 2.22
N GLU B 694 -16.53 35.27 2.02
CA GLU B 694 -17.28 34.70 3.12
C GLU B 694 -16.56 33.46 3.66
N ALA B 695 -16.11 32.60 2.74
CA ALA B 695 -15.39 31.39 3.10
C ALA B 695 -14.27 31.77 4.06
N GLU B 696 -13.50 32.80 3.69
CA GLU B 696 -12.38 33.28 4.49
C GLU B 696 -12.79 33.79 5.86
N VAL B 697 -13.88 34.56 5.94
CA VAL B 697 -14.20 35.15 7.24
C VAL B 697 -14.68 34.08 8.22
N LEU B 698 -15.34 33.02 7.71
CA LEU B 698 -15.82 31.94 8.57
C LEU B 698 -14.66 31.14 9.16
N ILE B 699 -13.60 30.96 8.37
CA ILE B 699 -12.41 30.32 8.89
C ILE B 699 -11.76 31.21 9.96
N LYS B 700 -11.59 32.51 9.64
CA LYS B 700 -11.00 33.46 10.57
C LYS B 700 -11.72 33.40 11.92
N GLU B 701 -13.06 33.35 11.87
CA GLU B 701 -13.86 33.33 13.09
C GLU B 701 -13.56 32.10 13.94
N ASP B 702 -13.43 30.92 13.31
CA ASP B 702 -13.16 29.70 14.02
C ASP B 702 -11.73 29.71 14.57
N LEU B 703 -10.83 30.39 13.85
CA LEU B 703 -9.45 30.46 14.28
C LEU B 703 -9.30 31.24 15.59
N GLU B 704 -10.30 32.04 15.95
CA GLU B 704 -10.26 32.80 17.20
C GLU B 704 -10.36 31.88 18.41
N SER B 705 -10.98 30.71 18.20
CA SER B 705 -11.15 29.73 19.28
C SER B 705 -10.05 28.67 19.19
N THR B 706 -8.86 29.07 18.73
CA THR B 706 -7.70 28.18 18.72
C THR B 706 -6.63 28.64 19.71
N LYS B 707 -5.75 27.72 20.10
CA LYS B 707 -4.66 27.99 21.01
C LYS B 707 -3.41 27.25 20.54
N LYS B 708 -2.32 28.01 20.28
CA LYS B 708 -1.02 27.47 19.95
C LYS B 708 -0.26 27.15 21.25
N ASP B 709 0.21 25.91 21.37
CA ASP B 709 1.04 25.46 22.48
C ASP B 709 2.44 26.06 22.34
N ASP B 710 3.03 26.46 23.48
CA ASP B 710 4.26 27.24 23.48
C ASP B 710 5.48 26.36 23.23
N VAL B 711 5.55 25.23 23.95
CA VAL B 711 6.61 24.24 23.78
C VAL B 711 6.55 23.69 22.35
N THR B 712 5.69 22.68 22.18
CA THR B 712 5.33 22.09 20.89
C THR B 712 4.47 23.10 20.16
N GLY B 713 4.76 23.36 18.88
CA GLY B 713 4.05 24.46 18.25
C GLY B 713 2.69 24.07 17.66
N VAL B 714 1.88 23.29 18.39
CA VAL B 714 0.68 22.68 17.80
C VAL B 714 -0.54 23.55 18.08
N LEU B 715 -1.34 23.76 17.03
CA LEU B 715 -2.58 24.53 17.12
C LEU B 715 -3.76 23.58 17.35
N GLN B 716 -4.61 23.91 18.31
CA GLN B 716 -5.82 23.16 18.55
C GLN B 716 -6.97 24.13 18.80
N THR B 717 -8.21 23.61 18.83
CA THR B 717 -9.37 24.44 19.09
C THR B 717 -9.66 24.41 20.59
N VAL B 718 -10.39 25.42 21.08
CA VAL B 718 -10.72 25.51 22.49
C VAL B 718 -12.24 25.54 22.65
N ASP B 719 -12.74 24.54 23.38
CA ASP B 719 -14.13 24.40 23.81
C ASP B 719 -14.58 25.61 24.62
N ASN B 720 -15.89 25.68 24.88
CA ASN B 720 -16.44 26.54 25.92
C ASN B 720 -16.35 25.83 27.27
N LYS B 721 -15.78 24.62 27.27
CA LYS B 721 -15.43 23.87 28.47
C LYS B 721 -13.90 23.86 28.63
N ASN B 722 -13.24 24.62 27.76
CA ASN B 722 -11.79 24.85 27.80
C ASN B 722 -11.00 23.59 27.46
N ARG B 723 -11.66 22.60 26.82
CA ARG B 723 -10.94 21.45 26.28
C ARG B 723 -10.27 21.85 24.97
N LEU B 724 -9.06 21.33 24.76
CA LEU B 724 -8.31 21.48 23.51
C LEU B 724 -8.61 20.29 22.61
N LEU B 725 -8.90 20.53 21.33
CA LEU B 725 -9.37 19.47 20.44
C LEU B 725 -8.56 19.44 19.15
N PRO B 726 -7.98 18.26 18.81
CA PRO B 726 -7.33 18.05 17.51
C PRO B 726 -8.25 17.55 16.39
N TYR B 727 -9.34 16.86 16.79
CA TYR B 727 -10.05 15.90 15.91
C TYR B 727 -10.76 16.57 14.74
N LEU B 728 -11.20 15.75 13.77
CA LEU B 728 -11.99 16.22 12.64
C LEU B 728 -13.27 16.82 13.18
N SER B 729 -13.82 16.20 14.22
CA SER B 729 -15.04 16.71 14.79
C SER B 729 -14.70 17.63 15.97
N GLY B 730 -14.71 18.94 15.68
CA GLY B 730 -14.63 19.94 16.73
C GLY B 730 -13.21 20.48 16.91
N GLY B 731 -12.25 19.96 16.13
CA GLY B 731 -10.83 20.21 16.33
C GLY B 731 -10.16 20.94 15.18
N SER B 732 -8.84 21.08 15.28
CA SER B 732 -8.08 21.88 14.33
C SER B 732 -7.88 21.14 13.01
N ILE B 733 -7.90 19.79 13.05
CA ILE B 733 -7.72 19.07 11.80
C ILE B 733 -8.84 19.46 10.82
N GLY B 734 -10.04 19.61 11.37
CA GLY B 734 -11.19 20.06 10.59
C GLY B 734 -10.99 21.47 10.05
N VAL B 735 -10.43 22.36 10.88
CA VAL B 735 -10.20 23.72 10.44
C VAL B 735 -9.22 23.70 9.26
N ALA B 736 -8.15 22.92 9.38
CA ALA B 736 -7.18 22.76 8.31
C ALA B 736 -7.83 22.34 7.00
N ILE B 737 -8.71 21.35 7.07
CA ILE B 737 -9.42 20.88 5.89
C ILE B 737 -10.12 22.03 5.18
N SER B 738 -10.82 22.88 5.94
CA SER B 738 -11.49 24.02 5.34
C SER B 738 -10.51 25.02 4.70
N ILE B 739 -9.36 25.26 5.35
CA ILE B 739 -8.31 26.13 4.80
C ILE B 739 -7.81 25.53 3.49
N TRP B 740 -7.54 24.22 3.52
CA TRP B 740 -7.05 23.51 2.36
C TRP B 740 -8.03 23.68 1.20
N PHE B 741 -9.33 23.57 1.48
CA PHE B 741 -10.28 23.61 0.38
C PHE B 741 -10.42 25.05 -0.14
N LEU B 742 -10.43 26.03 0.77
CA LEU B 742 -10.34 27.43 0.41
C LEU B 742 -9.18 27.61 -0.58
N ASN B 743 -8.01 27.08 -0.24
CA ASN B 743 -6.86 27.25 -1.10
C ASN B 743 -7.02 26.50 -2.42
N HIS B 744 -7.62 25.31 -2.34
CA HIS B 744 -7.82 24.47 -3.51
C HIS B 744 -8.67 25.19 -4.54
N VAL B 745 -9.76 25.86 -4.12
CA VAL B 745 -10.70 26.39 -5.10
C VAL B 745 -10.20 27.73 -5.65
N SER B 746 -9.30 28.41 -4.91
CA SER B 746 -8.95 29.77 -5.27
C SER B 746 -7.51 29.87 -5.76
N GLY B 747 -6.72 28.81 -5.58
CA GLY B 747 -5.31 28.84 -5.96
C GLY B 747 -4.44 29.66 -5.01
N GLN B 748 -4.93 29.95 -3.80
CA GLN B 748 -4.17 30.74 -2.84
C GLN B 748 -3.35 29.82 -1.93
N ASP B 749 -2.76 30.40 -0.88
CA ASP B 749 -2.05 29.67 0.17
C ASP B 749 -2.22 30.40 1.50
N LEU B 750 -3.47 30.78 1.77
CA LEU B 750 -3.84 31.45 2.99
C LEU B 750 -3.59 30.53 4.19
N TYR B 751 -3.34 31.14 5.34
CA TYR B 751 -3.30 30.50 6.65
C TYR B 751 -2.20 29.44 6.78
N ARG B 752 -1.12 29.57 5.99
CA ARG B 752 0.00 28.64 6.02
C ARG B 752 0.59 28.49 7.42
N GLU B 753 0.76 29.61 8.14
CA GLU B 753 1.27 29.53 9.49
C GLU B 753 0.41 28.57 10.31
N GLU B 754 -0.91 28.80 10.31
CA GLU B 754 -1.87 28.02 11.07
C GLU B 754 -1.85 26.56 10.61
N MET B 755 -1.90 26.40 9.30
CA MET B 755 -1.83 25.10 8.66
C MET B 755 -0.63 24.32 9.21
N ASN B 756 0.57 24.90 9.14
CA ASN B 756 1.80 24.19 9.50
C ASN B 756 1.74 23.81 10.98
N SER B 757 1.04 24.60 11.78
CA SER B 757 0.99 24.35 13.21
C SER B 757 0.02 23.21 13.50
N ILE B 758 -0.86 22.95 12.51
CA ILE B 758 -1.90 21.94 12.69
C ILE B 758 -1.34 20.59 12.24
N LEU B 759 -0.58 20.61 11.13
CA LEU B 759 0.06 19.42 10.62
C LEU B 759 0.99 18.81 11.66
N LYS B 760 1.38 19.61 12.66
CA LYS B 760 2.32 19.15 13.66
C LYS B 760 1.66 18.12 14.59
N LEU B 761 0.34 17.96 14.46
CA LEU B 761 -0.40 17.04 15.33
C LEU B 761 -0.06 15.60 14.96
N SER B 762 0.53 15.44 13.76
CA SER B 762 1.00 14.16 13.26
C SER B 762 1.97 13.49 14.23
N LYS B 763 2.55 14.26 15.17
CA LYS B 763 3.46 13.73 16.17
C LYS B 763 2.69 13.33 17.43
N THR B 764 1.38 13.09 17.30
CA THR B 764 0.66 12.61 18.46
C THR B 764 0.97 11.13 18.67
N ARG B 765 1.28 10.75 19.91
CA ARG B 765 1.67 9.37 20.16
C ARG B 765 0.44 8.48 20.26
N CYS B 766 -0.64 8.98 20.87
CA CYS B 766 -1.85 8.18 21.04
C CYS B 766 -3.05 9.09 21.29
N THR B 767 -4.26 8.54 21.10
CA THR B 767 -5.53 9.20 21.36
C THR B 767 -6.40 8.21 22.14
N ILE B 768 -7.43 8.70 22.81
CA ILE B 768 -8.12 7.79 23.70
C ILE B 768 -9.00 6.82 22.90
N SER B 769 -9.47 7.26 21.72
CA SER B 769 -10.28 6.45 20.82
C SER B 769 -9.75 6.52 19.38
N GLY B 770 -10.23 5.62 18.51
CA GLY B 770 -9.62 5.41 17.20
C GLY B 770 -10.39 5.99 16.01
N GLY B 771 -11.57 6.61 16.22
CA GLY B 771 -12.51 6.83 15.13
C GLY B 771 -12.13 8.03 14.25
N LEU B 772 -12.73 8.08 13.05
CA LEU B 772 -12.42 9.14 12.09
C LEU B 772 -12.82 10.51 12.66
N PHE B 773 -13.98 10.57 13.34
CA PHE B 773 -14.51 11.84 13.78
C PHE B 773 -13.87 12.31 15.07
N ASP B 774 -13.62 11.38 16.01
CA ASP B 774 -13.34 11.68 17.42
C ASP B 774 -12.06 11.04 17.91
N GLY B 775 -11.22 10.52 17.01
CA GLY B 775 -10.14 9.63 17.42
C GLY B 775 -8.98 9.60 16.42
N ALA B 776 -8.22 8.51 16.45
CA ALA B 776 -7.00 8.37 15.67
C ALA B 776 -7.25 8.64 14.20
N GLY B 777 -8.40 8.14 13.71
CA GLY B 777 -8.71 8.23 12.30
C GLY B 777 -8.65 9.66 11.77
N SER B 778 -8.86 10.63 12.68
CA SER B 778 -8.79 12.05 12.35
C SER B 778 -7.45 12.38 11.74
N PHE B 779 -6.39 11.79 12.29
CA PHE B 779 -5.01 12.12 11.96
C PHE B 779 -4.61 11.60 10.58
N LEU B 780 -5.32 10.59 10.10
CA LEU B 780 -5.15 10.11 8.73
C LEU B 780 -5.44 11.24 7.75
N LEU B 781 -6.14 12.28 8.21
CA LEU B 781 -6.49 13.34 7.28
C LEU B 781 -5.32 14.31 7.08
N ILE B 782 -4.36 14.31 8.02
CA ILE B 782 -3.24 15.24 8.00
C ILE B 782 -2.38 15.04 6.76
N PRO B 783 -1.88 13.81 6.48
CA PRO B 783 -1.03 13.58 5.32
C PRO B 783 -1.71 13.90 4.00
N SER B 784 -3.03 13.84 3.98
CA SER B 784 -3.71 14.06 2.71
C SER B 784 -3.68 15.54 2.37
N MET B 785 -3.11 16.35 3.27
CA MET B 785 -3.08 17.78 3.07
C MET B 785 -1.68 18.27 2.68
N VAL B 786 -0.73 17.34 2.52
CA VAL B 786 0.69 17.68 2.42
C VAL B 786 1.17 17.46 0.99
N LYS B 787 1.84 18.49 0.44
CA LYS B 787 2.20 18.52 -0.96
C LYS B 787 3.59 17.94 -1.17
N ASN B 788 4.59 18.35 -0.35
CA ASN B 788 5.98 17.95 -0.52
C ASN B 788 6.24 16.55 0.08
N ASP B 789 6.97 15.73 -0.68
CA ASP B 789 6.82 14.29 -0.55
C ASP B 789 7.66 13.73 0.58
N LYS B 790 8.90 14.21 0.69
CA LYS B 790 9.78 13.71 1.73
C LYS B 790 9.12 13.98 3.07
N ASN B 791 8.45 15.14 3.18
CA ASN B 791 7.84 15.54 4.43
C ASN B 791 6.59 14.72 4.70
N ARG B 792 5.85 14.37 3.64
CA ARG B 792 4.66 13.51 3.78
C ARG B 792 5.02 12.18 4.45
N GLU B 793 6.09 11.53 3.98
CA GLU B 793 6.47 10.18 4.37
C GLU B 793 6.60 10.09 5.88
N VAL B 794 7.16 11.15 6.47
CA VAL B 794 7.39 11.16 7.91
C VAL B 794 6.04 11.23 8.63
N ILE B 795 5.16 12.11 8.12
CA ILE B 795 3.87 12.39 8.72
C ILE B 795 3.00 11.15 8.61
N LEU B 796 3.00 10.58 7.40
CA LEU B 796 2.22 9.38 7.09
C LEU B 796 2.62 8.24 8.02
N ASN B 797 3.93 8.05 8.20
CA ASN B 797 4.47 7.02 9.05
C ASN B 797 4.08 7.28 10.50
N GLU B 798 4.12 8.55 10.91
CA GLU B 798 3.73 8.85 12.27
C GLU B 798 2.26 8.47 12.48
N VAL B 799 1.39 8.82 11.51
CA VAL B 799 -0.02 8.63 11.73
C VAL B 799 -0.39 7.14 11.62
N LEU B 800 0.38 6.38 10.83
CA LEU B 800 0.12 4.95 10.70
C LEU B 800 0.55 4.21 11.97
N ASN B 801 1.49 4.80 12.71
CA ASN B 801 1.88 4.26 13.99
C ASN B 801 0.71 4.42 14.96
N LEU B 802 -0.06 5.48 14.75
CA LEU B 802 -1.17 5.79 15.63
C LEU B 802 -2.34 4.87 15.26
N LEU B 803 -2.54 4.66 13.96
CA LEU B 803 -3.65 3.85 13.49
C LEU B 803 -3.45 2.45 14.02
N ASN B 804 -2.19 1.99 13.99
CA ASN B 804 -1.83 0.62 14.32
C ASN B 804 -2.08 0.29 15.79
N ILE B 805 -2.34 1.30 16.62
CA ILE B 805 -2.79 1.02 17.98
C ILE B 805 -4.20 0.42 17.92
N PHE B 806 -4.93 0.71 16.84
CA PHE B 806 -6.36 0.43 16.78
C PHE B 806 -6.67 -0.70 15.79
N LEU B 807 -5.84 -0.81 14.74
CA LEU B 807 -6.16 -1.71 13.64
C LEU B 807 -6.00 -3.15 14.13
N ILE B 808 -7.12 -3.90 14.16
CA ILE B 808 -7.18 -5.25 14.71
C ILE B 808 -7.07 -6.30 13.61
N GLU B 809 -6.17 -7.27 13.83
CA GLU B 809 -6.03 -8.43 12.96
C GLU B 809 -6.97 -9.53 13.44
N LYS B 810 -7.86 -9.97 12.53
CA LYS B 810 -8.86 -10.96 12.84
C LYS B 810 -9.07 -11.84 11.61
N ASN B 811 -8.89 -13.15 11.78
CA ASN B 811 -8.71 -14.06 10.66
C ASN B 811 -7.67 -13.45 9.72
N SER B 812 -7.92 -13.40 8.42
CA SER B 812 -6.89 -12.82 7.58
C SER B 812 -7.15 -11.33 7.27
N TYR B 813 -8.19 -10.75 7.88
CA TYR B 813 -8.61 -9.40 7.52
C TYR B 813 -8.49 -8.47 8.72
N TYR B 814 -8.86 -7.20 8.51
CA TYR B 814 -8.83 -6.22 9.58
C TYR B 814 -10.24 -5.81 9.95
N VAL B 815 -10.45 -5.61 11.25
CA VAL B 815 -11.65 -4.98 11.77
C VAL B 815 -11.17 -3.78 12.61
N TYR B 816 -12.11 -2.99 13.12
CA TYR B 816 -11.75 -1.72 13.72
C TYR B 816 -12.62 -1.51 14.94
N PRO B 817 -12.04 -1.05 16.08
CA PRO B 817 -12.83 -0.80 17.28
C PRO B 817 -13.59 0.51 17.11
N GLY B 818 -14.84 0.53 17.59
CA GLY B 818 -15.62 1.75 17.68
C GLY B 818 -15.22 2.55 18.92
N GLN B 819 -16.11 3.45 19.37
CA GLN B 819 -15.84 4.40 20.44
C GLN B 819 -15.31 3.67 21.66
N PHE B 820 -14.17 4.13 22.18
CA PHE B 820 -13.57 3.69 23.44
C PHE B 820 -13.11 2.24 23.34
N SER B 821 -13.12 1.68 22.11
CA SER B 821 -12.64 0.34 21.84
C SER B 821 -13.36 -0.68 22.74
N TYR B 822 -14.63 -0.41 23.06
CA TYR B 822 -15.41 -1.33 23.87
C TYR B 822 -16.00 -2.41 22.96
N ARG B 823 -16.32 -2.05 21.71
CA ARG B 823 -16.88 -2.96 20.72
C ARG B 823 -16.43 -2.53 19.33
N LEU B 824 -16.58 -3.44 18.36
CA LEU B 824 -16.17 -3.18 16.99
C LEU B 824 -17.26 -2.37 16.30
N ALA B 825 -16.88 -1.63 15.25
CA ALA B 825 -17.84 -0.84 14.49
C ALA B 825 -17.42 -0.77 13.02
N ASP B 826 -18.41 -0.69 12.11
CA ASP B 826 -18.11 -0.65 10.69
C ASP B 826 -18.59 0.66 10.06
N ASP B 827 -19.11 1.58 10.89
CA ASP B 827 -19.72 2.79 10.34
C ASP B 827 -18.66 3.83 9.99
N VAL B 828 -19.12 4.96 9.43
CA VAL B 828 -18.26 6.05 8.98
C VAL B 828 -17.75 6.81 10.19
N TYR B 829 -18.65 7.04 11.16
CA TYR B 829 -18.41 7.90 12.30
C TYR B 829 -17.26 7.36 13.16
N THR B 830 -17.26 6.05 13.43
CA THR B 830 -16.30 5.48 14.37
C THR B 830 -15.58 4.26 13.82
N GLY B 831 -16.09 3.63 12.75
CA GLY B 831 -15.65 2.29 12.44
C GLY B 831 -14.82 2.21 11.16
N SER B 832 -14.71 1.00 10.62
CA SER B 832 -13.87 0.66 9.49
C SER B 832 -14.12 1.57 8.29
N SER B 833 -15.38 1.89 8.04
CA SER B 833 -15.78 2.63 6.85
C SER B 833 -15.14 4.02 6.85
N GLY B 834 -15.07 4.63 8.03
CA GLY B 834 -14.47 5.94 8.18
C GLY B 834 -12.98 5.88 7.86
N ILE B 835 -12.32 4.88 8.46
CA ILE B 835 -10.90 4.60 8.24
C ILE B 835 -10.66 4.38 6.75
N ILE B 836 -11.41 3.47 6.12
CA ILE B 836 -11.20 3.22 4.71
C ILE B 836 -11.24 4.53 3.93
N LEU B 837 -12.26 5.35 4.14
CA LEU B 837 -12.40 6.58 3.36
C LEU B 837 -11.21 7.51 3.62
N ALA B 838 -10.79 7.65 4.88
CA ALA B 838 -9.62 8.46 5.20
C ALA B 838 -8.40 7.95 4.42
N LEU B 839 -8.16 6.63 4.49
CA LEU B 839 -6.99 6.03 3.84
C LEU B 839 -7.03 6.22 2.33
N MET B 840 -8.22 6.12 1.72
CA MET B 840 -8.32 6.35 0.29
C MET B 840 -8.04 7.83 0.01
N GLY B 841 -8.38 8.68 0.99
CA GLY B 841 -8.11 10.10 0.90
C GLY B 841 -6.61 10.37 0.85
N VAL B 842 -5.85 9.66 1.68
CA VAL B 842 -4.41 9.83 1.69
C VAL B 842 -3.87 9.48 0.31
N ILE B 843 -4.28 8.32 -0.21
CA ILE B 843 -3.79 7.88 -1.51
C ILE B 843 -4.09 8.95 -2.56
N LYS B 844 -5.28 9.56 -2.51
CA LYS B 844 -5.77 10.44 -3.56
C LYS B 844 -5.36 11.90 -3.32
N GLY B 845 -4.70 12.18 -2.19
CA GLY B 845 -4.41 13.54 -1.78
C GLY B 845 -5.69 14.38 -1.68
N ASN B 846 -6.70 13.78 -1.06
CA ASN B 846 -8.05 14.33 -1.02
C ASN B 846 -8.55 14.31 0.43
N PRO B 847 -8.48 15.43 1.16
CA PRO B 847 -8.92 15.48 2.55
C PRO B 847 -10.44 15.63 2.69
N LEU B 848 -11.17 15.56 1.58
CA LEU B 848 -12.62 15.69 1.65
C LEU B 848 -13.34 14.36 1.36
N TYR B 849 -12.58 13.25 1.31
CA TYR B 849 -13.09 12.02 0.72
C TYR B 849 -14.10 11.29 1.63
N TRP B 850 -14.21 11.72 2.89
CA TRP B 850 -15.13 11.17 3.88
C TRP B 850 -16.52 11.79 3.74
N LEU B 851 -16.67 12.79 2.84
CA LEU B 851 -17.96 13.45 2.61
C LEU B 851 -18.74 12.67 1.57
N PRO B 852 -20.04 12.37 1.80
CA PRO B 852 -20.84 11.64 0.82
C PRO B 852 -21.37 12.58 -0.26
N LEU B 853 -20.50 12.93 -1.21
CA LEU B 853 -20.85 13.81 -2.31
C LEU B 853 -21.10 12.98 -3.56
N VAL B 854 -21.88 13.52 -4.50
CA VAL B 854 -22.12 12.85 -5.77
C VAL B 854 -20.82 12.84 -6.56
N ASN B 855 -20.46 11.65 -7.09
CA ASN B 855 -19.29 11.46 -7.94
C ASN B 855 -18.03 12.09 -7.35
N SER B 856 -17.79 11.84 -6.06
CA SER B 856 -16.76 12.55 -5.32
C SER B 856 -15.38 12.31 -5.92
N ASP B 857 -15.25 11.28 -6.77
CA ASP B 857 -13.97 10.96 -7.38
C ASP B 857 -13.54 12.07 -8.35
N GLU B 858 -14.50 12.86 -8.83
CA GLU B 858 -14.22 13.96 -9.75
C GLU B 858 -14.33 15.31 -9.04
N PHE B 859 -14.64 15.32 -7.74
CA PHE B 859 -15.09 16.55 -7.09
C PHE B 859 -13.95 17.57 -6.99
N LEU B 860 -12.77 17.09 -6.58
CA LEU B 860 -11.61 17.94 -6.47
C LEU B 860 -11.27 18.53 -7.84
N ALA B 861 -11.21 17.67 -8.86
CA ALA B 861 -10.86 18.11 -10.20
C ALA B 861 -11.86 19.19 -10.64
N ARG B 862 -13.14 18.97 -10.32
CA ARG B 862 -14.21 19.84 -10.80
C ARG B 862 -14.28 21.18 -10.04
N THR B 863 -13.63 21.29 -8.87
CA THR B 863 -13.78 22.47 -8.04
C THR B 863 -12.45 23.24 -7.97
N LYS B 864 -11.39 22.70 -8.60
CA LYS B 864 -10.06 23.31 -8.61
C LYS B 864 -10.10 24.68 -9.30
N VAL B 865 -9.13 25.53 -8.94
CA VAL B 865 -9.06 26.92 -9.34
C VAL B 865 -9.28 27.16 -10.84
N LYS B 866 -8.73 26.30 -11.70
CA LYS B 866 -9.00 26.37 -13.13
C LYS B 866 -8.79 27.79 -13.65
#